data_2WII
#
_entry.id   2WII
#
_cell.length_a   223.489
_cell.length_b   84.946
_cell.length_c   128.770
_cell.angle_alpha   90.00
_cell.angle_beta   90.00
_cell.angle_gamma   90.00
#
_symmetry.space_group_name_H-M   'P 21 21 2'
#
loop_
_entity.id
_entity.type
_entity.pdbx_description
1 polymer 'COMPLEMENT C3 BETA CHAIN'
2 polymer "COMPLEMENT C3B ALPHA' CHAIN"
3 polymer 'COMPLEMENT FACTOR H'
4 branched beta-D-mannopyranose-(1-6)-beta-D-mannopyranose-(1-6)-[beta-D-mannopyranose-(1-3)]beta-D-mannopyranose-(1-4)-2-acetamido-2-deoxy-beta-D-glucopyranose-(1-4)-2-acetamido-2-deoxy-beta-D-glucopyranose
5 non-polymer 'CALCIUM ION'
6 non-polymer GLYCEROL
7 non-polymer 2-acetamido-2-deoxy-beta-D-glucopyranose
8 water water
#
loop_
_entity_poly.entity_id
_entity_poly.type
_entity_poly.pdbx_seq_one_letter_code
_entity_poly.pdbx_strand_id
1 'polypeptide(L)'
;SPMYSIITPNILRLESEETMVLEAHDAQGDVPVTVTVHDFPGKKLVLSSEKTVLTPATNHMGNVTFTIPANREFKSEKGR
NKFVTVQATFGTQVVEKVVLVSLQSGYLFIQTDKTIYTPGSTVLYRIFTVNHKLLPVGRTVMVNIENPEGIPVKQDSLSS
QNQLGVLPLSWDIPELVNMGQWKIRAYYENSPQQVFSTEFEVKEYVLPSFEVIVEPTEKFYYIYNEKGLEVTITARFLYG
KKVEGTAFVIFGIQDGEQRISLPESLKRIPIEDGSGEVVLSRKVLLDGVQNPRAEDLVGKSLYVSATVILHSGSDMVQAE
RSGIPIVTSPYQIHFTKTPKYFKPGMPFDLMVFVTNPDGSPAYRVPVAVQGEDTVQSLTQGDGVAKLSINTHPSQKPLSI
TVRTKKQELSEAEQATRTMQALPYSTVGNSNNYLHLSVLRTELRPGETLNVNFLLRMDRAHEAKIRYYTYLIMNKGRLLK
AGRQVREPGQDLVVLPLSITTDFIPSFRLVAYYTLIGASGQREVVADSVWVDVKDSCVGSLVVKSGQSEDRQPVPGQQMT
LKIEGDHGARVVLVAVDKGVFVLNKKNKLTQSKIWDVVEKADIGCTPGSGKDYAGVFSDAGLTFTSSSGQQTAQRAELQC
PQPAA
;
A
2 'polypeptide(L)'
;SNLDEDIIAEENIVSRSEFPESWLWNVEDLKEPPKNGISTKLMNIFLKDSITTWEILAVSMSDKKGICVADPFEVTVMQD
FFIDLRLPYSVVRNEQVEIRAVLYNYRQNQELKVRVELLHNPAFCSLATTKRRHQQTVTIPPKSSLSVPYVIVPLKTGLQ
EVEVKAAVYHHFISDGVRKSLKVVPEGIRMNKTVAVRTLDPERLGREGVQKEDIPPADLSDQVPDTESETRILLQGTPVA
QMTEDAVDAERLKHLIVTPSGCGEQNMIGMTPTVIAVHYLDETEQWEKFGLEKRQGALELIKKGYTQQLAFRQPSSAFAA
FVKRAPSTWLTAYVVKVFSLAVNLIAIDSQVLCGAVKWLILEKQKPDGVFQEDAPVIHQEMIGGLRNNNEKDMALTAFVL
ISLQEAKDICEEQVNSLPGSITKAGDFLEANYMNLQRSYTVAIAGYALAQMGRLKGPLLNKFLTTAKDKNRWEDPGKQLY
NVEATSYALLALLQLKDFDFVPPVVRWLNEQRYYGGGYGSTQATFMVFQALAQYQKDAPDHQELNLDVSLQLPSRSSKIT
HRIHWESASLLRSEETKENEGFTVTAEGKGQGTLSVVTMYHAKAKDQLTCNKFDLKVTIKPAPETEKRPQDAKNTMILEI
CTRYRGDQDATMSILDISMMTGFAPDTDDLKQLANGVDRYISKYELDKAFSDRNTLIIYLDKVSHSEDDCLAFKVHQYFN
VELIQPGAVKVYAYYNLEESCTRFYHPEKEDGKLNKLCRDELCRCAEENCFIQKSDDKVTLEERLDKACEPGVDYVYKTR
LVKVQLSNDFDEYIMAIEQTIKSGSDEVQVGQQRTFISPIKCREALKLEEKKHYLMWGLSSDFWGEKPNLSYIIGKDTWV
EHWPEEDECQDEENQKQCQDLGAFTESMVVFGCPN
;
B
3 'polypeptide(L)'
;AAQPAEDCNELPPRRNTEILTGSWSDQTYPEGTQAIYKCRPGYRSLGNIIMVCRKGEWVALNPLRKCQKRPCGHPGDTPF
GTFTLTGGNVFEYGVKAVYTCNEGYQLLGEINYRECDTDGWTNDIPICEVVKCLPVTAPENGKIVSSAMEPDREYHFGQA
VRFVCNSGYKIEGDEEMHCSDDGFWSKEKPKCVEISCKSPDVINGSPISQKIIYKENERFQYKCNMGYEYSERGDAVCTE
SGWRPLPSCEEARGGPEQKLISEEDLNSAVDHHHHHH
;
C
#
loop_
_chem_comp.id
_chem_comp.type
_chem_comp.name
_chem_comp.formula
BMA D-saccharide, beta linking beta-D-mannopyranose 'C6 H12 O6'
CA non-polymer 'CALCIUM ION' 'Ca 2'
GOL non-polymer GLYCEROL 'C3 H8 O3'
NAG D-saccharide, beta linking 2-acetamido-2-deoxy-beta-D-glucopyranose 'C8 H15 N O6'
#
# COMPACT_ATOMS: atom_id res chain seq x y z
N SER A 1 -32.55 12.90 -46.28
CA SER A 1 -31.26 12.58 -46.87
C SER A 1 -30.11 12.77 -45.87
N PRO A 2 -30.05 13.93 -45.20
CA PRO A 2 -28.97 14.19 -44.24
C PRO A 2 -29.08 13.30 -43.00
N MET A 3 -27.96 12.72 -42.59
CA MET A 3 -27.93 11.94 -41.36
C MET A 3 -26.88 12.52 -40.41
N TYR A 4 -27.33 12.90 -39.22
CA TYR A 4 -26.45 13.48 -38.22
C TYR A 4 -26.05 12.43 -37.19
N SER A 5 -24.75 12.20 -37.05
CA SER A 5 -24.26 11.17 -36.14
C SER A 5 -23.30 11.75 -35.10
N ILE A 6 -23.15 11.02 -33.99
CA ILE A 6 -22.26 11.43 -32.91
C ILE A 6 -21.45 10.24 -32.41
N ILE A 7 -20.23 10.52 -31.95
CA ILE A 7 -19.34 9.47 -31.47
C ILE A 7 -18.59 9.88 -30.20
N THR A 8 -18.73 9.07 -29.16
CA THR A 8 -18.02 9.30 -27.90
C THR A 8 -17.52 7.98 -27.34
N PRO A 9 -16.50 8.03 -26.46
CA PRO A 9 -16.00 6.81 -25.82
C PRO A 9 -17.09 6.13 -24.99
N ASN A 10 -17.06 4.79 -24.93
CA ASN A 10 -18.04 4.04 -24.15
C ASN A 10 -18.12 4.48 -22.71
N ILE A 11 -17.00 4.99 -22.19
CA ILE A 11 -16.93 5.46 -20.81
C ILE A 11 -16.30 6.84 -20.74
N LEU A 12 -17.00 7.79 -20.12
CA LEU A 12 -16.49 9.13 -19.92
C LEU A 12 -15.87 9.27 -18.54
N ARG A 13 -14.61 9.70 -18.50
CA ARG A 13 -13.88 9.82 -17.24
C ARG A 13 -13.90 11.27 -16.73
N LEU A 14 -13.94 11.42 -15.42
CA LEU A 14 -14.00 12.75 -14.80
C LEU A 14 -12.63 13.41 -14.75
N GLU A 15 -12.63 14.73 -14.63
CA GLU A 15 -11.40 15.52 -14.56
C GLU A 15 -10.40 15.13 -15.64
N SER A 16 -10.91 14.86 -16.84
CA SER A 16 -10.07 14.54 -17.98
C SER A 16 -10.73 15.02 -19.27
N GLU A 17 -9.92 15.47 -20.22
CA GLU A 17 -10.44 15.99 -21.48
C GLU A 17 -11.01 14.88 -22.35
N GLU A 18 -12.30 14.99 -22.64
CA GLU A 18 -12.98 14.03 -23.51
C GLU A 18 -13.36 14.68 -24.83
N THR A 19 -13.25 13.91 -25.91
CA THR A 19 -13.56 14.42 -27.25
C THR A 19 -14.83 13.79 -27.80
N MET A 20 -15.55 14.56 -28.62
CA MET A 20 -16.78 14.07 -29.24
C MET A 20 -16.78 14.39 -30.74
N VAL A 21 -16.90 13.35 -31.56
CA VAL A 21 -16.89 13.52 -33.01
C VAL A 21 -18.31 13.76 -33.55
N LEU A 22 -18.45 14.82 -34.34
CA LEU A 22 -19.75 15.19 -34.89
C LEU A 22 -19.71 15.16 -36.42
N GLU A 23 -20.76 14.62 -37.03
CA GLU A 23 -20.81 14.52 -38.49
C GLU A 23 -22.22 14.76 -39.04
N ALA A 24 -22.28 15.25 -40.27
CA ALA A 24 -23.55 15.47 -40.95
C ALA A 24 -23.49 14.92 -42.36
N HIS A 25 -23.73 13.62 -42.50
CA HIS A 25 -23.64 12.94 -43.79
C HIS A 25 -24.73 13.40 -44.74
N ASP A 26 -24.38 13.55 -46.01
CA ASP A 26 -25.32 13.95 -47.05
C ASP A 26 -26.04 15.26 -46.68
N ALA A 27 -25.32 16.16 -46.03
CA ALA A 27 -25.87 17.45 -45.64
C ALA A 27 -25.37 18.57 -46.54
N GLN A 28 -26.08 19.69 -46.56
CA GLN A 28 -25.72 20.81 -47.41
C GLN A 28 -25.65 22.11 -46.61
N GLY A 29 -24.74 23.00 -47.02
CA GLY A 29 -24.59 24.29 -46.36
C GLY A 29 -24.03 24.18 -44.96
N ASP A 30 -24.16 25.26 -44.19
CA ASP A 30 -23.65 25.29 -42.83
C ASP A 30 -24.65 24.67 -41.86
N VAL A 31 -24.16 23.77 -41.01
CA VAL A 31 -25.00 23.10 -40.02
C VAL A 31 -24.54 23.41 -38.61
N PRO A 32 -25.26 24.28 -37.91
CA PRO A 32 -24.92 24.66 -36.53
C PRO A 32 -25.04 23.47 -35.59
N VAL A 33 -24.11 23.33 -34.66
CA VAL A 33 -24.13 22.23 -33.71
C VAL A 33 -23.84 22.69 -32.28
N THR A 34 -24.71 22.29 -31.35
CA THR A 34 -24.52 22.61 -29.94
C THR A 34 -24.53 21.33 -29.10
N VAL A 35 -23.49 21.14 -28.30
CA VAL A 35 -23.37 19.95 -27.48
C VAL A 35 -23.43 20.27 -25.99
N THR A 36 -24.29 19.57 -25.27
CA THR A 36 -24.42 19.75 -23.82
C THR A 36 -24.42 18.41 -23.11
N VAL A 37 -23.89 18.39 -21.89
CA VAL A 37 -23.84 17.19 -21.09
C VAL A 37 -24.54 17.39 -19.75
N HIS A 38 -25.61 16.63 -19.53
CA HIS A 38 -26.36 16.72 -18.29
C HIS A 38 -26.23 15.42 -17.49
N ASP A 39 -26.41 15.51 -16.18
CA ASP A 39 -26.38 14.33 -15.34
C ASP A 39 -27.65 13.51 -15.57
N PHE A 40 -27.57 12.20 -15.32
CA PHE A 40 -28.69 11.31 -15.55
C PHE A 40 -29.25 10.79 -14.23
N PRO A 41 -30.59 10.76 -14.11
CA PRO A 41 -31.53 11.21 -15.15
C PRO A 41 -32.08 12.60 -14.84
N GLY A 42 -31.71 13.13 -13.69
CA GLY A 42 -32.29 14.37 -13.20
C GLY A 42 -32.06 15.60 -14.06
N LYS A 43 -30.92 15.64 -14.74
CA LYS A 43 -30.54 16.82 -15.51
C LYS A 43 -30.50 18.05 -14.62
N LYS A 44 -29.94 17.89 -13.42
CA LYS A 44 -29.84 18.98 -12.46
C LYS A 44 -28.85 20.04 -12.91
N LEU A 45 -27.68 19.60 -13.39
CA LEU A 45 -26.61 20.53 -13.75
C LEU A 45 -26.16 20.36 -15.19
N VAL A 46 -25.76 21.47 -15.81
CA VAL A 46 -25.16 21.43 -17.13
C VAL A 46 -23.64 21.30 -16.98
N LEU A 47 -23.14 20.07 -17.10
CA LEU A 47 -21.73 19.79 -16.89
C LEU A 47 -20.83 20.43 -17.94
N SER A 48 -21.32 20.47 -19.18
CA SER A 48 -20.55 21.05 -20.27
C SER A 48 -21.46 21.57 -21.38
N SER A 49 -20.98 22.58 -22.10
CA SER A 49 -21.71 23.15 -23.22
C SER A 49 -20.75 23.74 -24.24
N GLU A 50 -20.75 23.18 -25.44
CA GLU A 50 -19.85 23.63 -26.50
C GLU A 50 -20.60 23.87 -27.81
N LYS A 51 -20.05 24.74 -28.65
CA LYS A 51 -20.66 25.07 -29.92
C LYS A 51 -19.67 24.92 -31.07
N THR A 52 -20.16 24.48 -32.22
CA THR A 52 -19.31 24.34 -33.40
C THR A 52 -20.16 24.43 -34.67
N VAL A 53 -19.49 24.63 -35.81
CA VAL A 53 -20.17 24.75 -37.09
C VAL A 53 -19.61 23.75 -38.09
N LEU A 54 -20.49 22.97 -38.71
CA LEU A 54 -20.07 21.99 -39.70
C LEU A 54 -20.23 22.53 -41.11
N THR A 55 -19.14 23.09 -41.65
CA THR A 55 -19.15 23.66 -42.99
C THR A 55 -18.57 22.66 -43.99
N PRO A 56 -19.01 22.76 -45.26
CA PRO A 56 -18.51 21.90 -46.33
C PRO A 56 -16.98 21.89 -46.41
N ALA A 57 -16.35 22.96 -45.94
CA ALA A 57 -14.90 23.06 -45.96
C ALA A 57 -14.26 22.00 -45.06
N THR A 58 -14.98 21.62 -44.01
CA THR A 58 -14.50 20.61 -43.08
C THR A 58 -15.14 19.26 -43.37
N ASN A 59 -15.70 19.12 -44.57
CA ASN A 59 -16.36 17.89 -44.97
C ASN A 59 -17.56 17.57 -44.08
N HIS A 60 -18.16 18.61 -43.51
CA HIS A 60 -19.28 18.44 -42.60
C HIS A 60 -18.91 17.55 -41.42
N MET A 61 -17.66 17.66 -40.97
CA MET A 61 -17.18 16.92 -39.82
C MET A 61 -16.39 17.81 -38.88
N GLY A 62 -16.73 17.76 -37.59
CA GLY A 62 -16.04 18.52 -36.57
C GLY A 62 -16.13 17.82 -35.24
N ASN A 63 -15.36 18.29 -34.26
CA ASN A 63 -15.37 17.68 -32.94
C ASN A 63 -15.57 18.68 -31.81
N VAL A 64 -15.99 18.18 -30.66
CA VAL A 64 -16.18 19.00 -29.47
C VAL A 64 -15.45 18.40 -28.29
N THR A 65 -14.57 19.17 -27.68
CA THR A 65 -13.84 18.72 -26.49
C THR A 65 -14.41 19.35 -25.23
N PHE A 66 -14.76 18.51 -24.27
CA PHE A 66 -15.35 18.99 -23.01
C PHE A 66 -14.75 18.26 -21.81
N THR A 67 -14.58 19.00 -20.72
CA THR A 67 -14.05 18.42 -19.49
C THR A 67 -15.11 18.45 -18.39
N ILE A 68 -15.67 17.29 -18.09
CA ILE A 68 -16.69 17.19 -17.05
C ILE A 68 -16.10 17.54 -15.69
N PRO A 69 -16.71 18.51 -14.98
CA PRO A 69 -16.22 18.93 -13.67
C PRO A 69 -16.45 17.87 -12.61
N ALA A 70 -15.58 17.83 -11.60
CA ALA A 70 -15.70 16.85 -10.53
C ALA A 70 -16.73 17.28 -9.49
N ASN A 71 -17.97 17.47 -9.94
CA ASN A 71 -19.05 17.87 -9.06
C ASN A 71 -19.32 16.85 -7.96
N ARG A 72 -19.75 17.33 -6.80
CA ARG A 72 -20.04 16.46 -5.66
C ARG A 72 -21.37 15.74 -5.86
N GLU A 73 -21.98 15.97 -7.02
CA GLU A 73 -23.25 15.33 -7.35
C GLU A 73 -23.06 13.87 -7.72
N PHE A 74 -21.91 13.54 -8.29
CA PHE A 74 -21.60 12.16 -8.65
C PHE A 74 -21.18 11.33 -7.44
N LYS A 75 -22.06 11.24 -6.45
CA LYS A 75 -21.80 10.44 -5.27
C LYS A 75 -23.01 9.59 -4.89
N LYS A 78 -24.57 4.66 -2.94
CA LYS A 78 -23.23 4.14 -3.11
C LYS A 78 -23.23 2.76 -3.76
N GLY A 79 -22.31 2.53 -4.69
CA GLY A 79 -22.22 1.25 -5.37
C GLY A 79 -22.90 1.26 -6.72
N ARG A 80 -23.75 2.26 -6.94
CA ARG A 80 -24.47 2.40 -8.19
C ARG A 80 -23.67 3.22 -9.21
N ASN A 81 -23.62 2.74 -10.44
CA ASN A 81 -22.92 3.45 -11.51
C ASN A 81 -23.63 4.73 -11.93
N LYS A 82 -22.86 5.76 -12.24
CA LYS A 82 -23.42 7.04 -12.67
C LYS A 82 -23.43 7.17 -14.19
N PHE A 83 -24.35 7.97 -14.70
CA PHE A 83 -24.47 8.16 -16.14
C PHE A 83 -24.68 9.63 -16.49
N VAL A 84 -24.36 9.99 -17.72
CA VAL A 84 -24.60 11.33 -18.23
C VAL A 84 -25.29 11.27 -19.58
N THR A 85 -26.02 12.33 -19.92
CA THR A 85 -26.72 12.40 -21.19
C THR A 85 -26.03 13.37 -22.14
N VAL A 86 -25.39 12.83 -23.18
CA VAL A 86 -24.76 13.66 -24.19
C VAL A 86 -25.78 14.05 -25.24
N GLN A 87 -26.03 15.35 -25.36
CA GLN A 87 -27.04 15.85 -26.28
C GLN A 87 -26.43 16.79 -27.33
N ALA A 88 -26.52 16.39 -28.59
CA ALA A 88 -26.01 17.20 -29.69
C ALA A 88 -27.16 17.67 -30.57
N THR A 89 -27.22 18.98 -30.81
CA THR A 89 -28.30 19.56 -31.60
C THR A 89 -27.79 20.11 -32.93
N PHE A 90 -28.05 19.36 -34.00
CA PHE A 90 -27.66 19.79 -35.34
C PHE A 90 -28.76 20.66 -35.94
N GLY A 91 -28.75 21.94 -35.60
CA GLY A 91 -29.78 22.86 -36.03
C GLY A 91 -31.08 22.55 -35.33
N THR A 92 -32.00 21.90 -36.03
CA THR A 92 -33.27 21.49 -35.45
C THR A 92 -33.18 20.08 -34.87
N GLN A 93 -32.57 19.17 -35.64
CA GLN A 93 -32.41 17.79 -35.22
C GLN A 93 -31.66 17.67 -33.90
N VAL A 94 -32.14 16.80 -33.03
CA VAL A 94 -31.50 16.57 -31.73
C VAL A 94 -31.14 15.10 -31.54
N VAL A 95 -29.85 14.85 -31.32
CA VAL A 95 -29.36 13.50 -31.12
C VAL A 95 -28.74 13.34 -29.73
N GLU A 96 -29.39 12.54 -28.89
CA GLU A 96 -28.91 12.35 -27.51
C GLU A 96 -28.51 10.90 -27.24
N LYS A 97 -27.67 10.72 -26.23
CA LYS A 97 -27.17 9.40 -25.87
C LYS A 97 -26.74 9.35 -24.41
N VAL A 98 -27.11 8.28 -23.71
CA VAL A 98 -26.71 8.09 -22.33
C VAL A 98 -25.42 7.28 -22.25
N VAL A 99 -24.39 7.87 -21.63
CA VAL A 99 -23.08 7.24 -21.55
C VAL A 99 -22.66 6.95 -20.12
N LEU A 100 -21.94 5.85 -19.93
CA LEU A 100 -21.44 5.46 -18.62
C LEU A 100 -20.34 6.41 -18.15
N VAL A 101 -20.22 6.57 -16.84
CA VAL A 101 -19.24 7.50 -16.26
C VAL A 101 -18.28 6.82 -15.29
N SER A 102 -17.00 7.10 -15.43
CA SER A 102 -15.98 6.56 -14.54
C SER A 102 -15.41 7.63 -13.62
N LEU A 103 -15.26 7.30 -12.35
CA LEU A 103 -14.74 8.25 -11.36
C LEU A 103 -13.22 8.41 -11.50
N GLN A 104 -12.57 7.39 -12.05
CA GLN A 104 -11.12 7.39 -12.21
C GLN A 104 -10.59 8.73 -12.73
N SER A 105 -9.80 9.40 -11.89
CA SER A 105 -9.25 10.71 -12.23
C SER A 105 -7.97 10.57 -13.04
N GLY A 106 -7.13 9.62 -12.65
CA GLY A 106 -5.86 9.40 -13.31
C GLY A 106 -5.16 8.17 -12.79
N TYR A 107 -3.84 8.23 -12.70
CA TYR A 107 -3.06 7.09 -12.21
C TYR A 107 -2.20 7.47 -11.01
N LEU A 108 -1.93 6.50 -10.16
CA LEU A 108 -1.03 6.68 -9.04
C LEU A 108 0.01 5.56 -9.01
N PHE A 109 1.28 5.93 -9.12
CA PHE A 109 2.37 4.96 -9.07
C PHE A 109 3.19 5.14 -7.81
N ILE A 110 3.31 4.07 -7.03
CA ILE A 110 4.02 4.12 -5.76
C ILE A 110 5.40 3.48 -5.87
N GLN A 111 6.42 4.20 -5.43
CA GLN A 111 7.79 3.69 -5.45
C GLN A 111 8.39 3.70 -4.05
N THR A 112 8.82 2.53 -3.58
CA THR A 112 9.52 2.41 -2.31
C THR A 112 11.02 2.25 -2.58
N ASP A 113 11.84 2.80 -1.69
CA ASP A 113 13.29 2.76 -1.87
C ASP A 113 13.82 1.33 -1.90
N LYS A 114 13.22 0.45 -1.11
CA LYS A 114 13.64 -0.95 -1.06
C LYS A 114 12.45 -1.90 -1.17
N THR A 115 12.74 -3.17 -1.41
CA THR A 115 11.70 -4.18 -1.57
C THR A 115 11.39 -4.86 -0.24
N ILE A 116 12.38 -4.90 0.65
CA ILE A 116 12.22 -5.54 1.95
C ILE A 116 12.88 -4.70 3.03
N TYR A 117 12.27 -4.66 4.21
CA TYR A 117 12.76 -3.84 5.32
C TYR A 117 12.86 -4.64 6.61
N THR A 118 13.66 -4.13 7.54
CA THR A 118 13.78 -4.72 8.88
C THR A 118 13.04 -3.88 9.90
N PRO A 119 12.45 -4.52 10.91
CA PRO A 119 11.74 -3.80 11.97
C PRO A 119 12.62 -2.70 12.57
N GLY A 120 12.10 -1.47 12.62
CA GLY A 120 12.83 -0.35 13.19
C GLY A 120 13.42 0.57 12.15
N SER A 121 13.23 0.24 10.87
CA SER A 121 13.75 1.05 9.79
C SER A 121 12.66 1.91 9.17
N THR A 122 13.06 2.90 8.37
CA THR A 122 12.12 3.83 7.76
C THR A 122 11.87 3.51 6.30
N VAL A 123 10.59 3.40 5.93
CA VAL A 123 10.22 3.15 4.54
C VAL A 123 10.00 4.46 3.80
N LEU A 124 10.94 4.79 2.90
CA LEU A 124 10.82 5.98 2.07
C LEU A 124 10.12 5.63 0.76
N TYR A 125 9.02 6.30 0.48
CA TYR A 125 8.27 6.04 -0.75
C TYR A 125 7.75 7.31 -1.41
N ARG A 126 7.72 7.30 -2.73
CA ARG A 126 7.20 8.43 -3.50
C ARG A 126 5.91 8.03 -4.21
N ILE A 127 4.97 8.96 -4.29
CA ILE A 127 3.72 8.74 -5.02
C ILE A 127 3.61 9.70 -6.20
N PHE A 128 3.64 9.15 -7.41
CA PHE A 128 3.54 9.96 -8.61
C PHE A 128 2.08 10.18 -9.01
N THR A 129 1.68 11.43 -9.09
CA THR A 129 0.30 11.78 -9.44
C THR A 129 0.23 12.31 -10.87
N VAL A 130 -0.49 11.58 -11.71
CA VAL A 130 -0.63 11.97 -13.12
C VAL A 130 -2.06 11.73 -13.62
N ASN A 131 -2.40 12.38 -14.72
CA ASN A 131 -3.72 12.20 -15.34
C ASN A 131 -3.72 11.03 -16.31
N HIS A 132 -4.81 10.89 -17.06
CA HIS A 132 -4.97 9.76 -17.99
C HIS A 132 -3.93 9.82 -19.12
N LYS A 133 -3.34 10.99 -19.31
CA LYS A 133 -2.32 11.19 -20.33
C LYS A 133 -0.93 11.04 -19.72
N LEU A 134 -0.88 10.49 -18.51
CA LEU A 134 0.37 10.30 -17.78
C LEU A 134 1.12 11.61 -17.57
N LEU A 135 0.38 12.71 -17.42
CA LEU A 135 0.98 14.01 -17.18
C LEU A 135 0.76 14.45 -15.74
N PRO A 136 1.82 15.03 -15.13
CA PRO A 136 1.81 15.46 -13.72
C PRO A 136 0.65 16.40 -13.39
N VAL A 137 -0.05 16.11 -12.30
CA VAL A 137 -1.15 16.96 -11.85
C VAL A 137 -1.07 17.16 -10.34
N GLY A 138 -1.78 18.17 -9.84
CA GLY A 138 -1.82 18.45 -8.42
C GLY A 138 -3.20 18.17 -7.84
N ARG A 139 -3.31 17.06 -7.11
CA ARG A 139 -4.58 16.65 -6.54
C ARG A 139 -4.41 16.08 -5.14
N THR A 140 -5.53 15.88 -4.44
CA THR A 140 -5.50 15.33 -3.10
C THR A 140 -5.48 13.81 -3.15
N VAL A 141 -4.53 13.22 -2.42
CA VAL A 141 -4.37 11.77 -2.40
C VAL A 141 -4.58 11.20 -1.00
N MET A 142 -5.21 10.04 -0.93
CA MET A 142 -5.41 9.35 0.34
C MET A 142 -4.48 8.15 0.43
N VAL A 143 -3.66 8.11 1.47
CA VAL A 143 -2.67 7.06 1.63
C VAL A 143 -2.93 6.21 2.87
N ASN A 144 -2.93 4.89 2.69
CA ASN A 144 -3.14 3.96 3.79
C ASN A 144 -2.02 2.93 3.89
N ILE A 145 -1.46 2.77 5.09
CA ILE A 145 -0.49 1.71 5.34
C ILE A 145 -1.20 0.48 5.87
N GLU A 146 -1.18 -0.60 5.10
CA GLU A 146 -1.92 -1.81 5.44
C GLU A 146 -0.99 -2.96 5.84
N ASN A 147 -1.28 -3.59 6.97
CA ASN A 147 -0.48 -4.69 7.47
C ASN A 147 -0.80 -6.01 6.75
N PRO A 148 0.02 -7.05 6.98
CA PRO A 148 -0.23 -8.36 6.36
C PRO A 148 -1.66 -8.84 6.50
N GLU A 149 -2.27 -8.60 7.66
CA GLU A 149 -3.64 -9.04 7.91
C GLU A 149 -4.61 -8.40 6.92
N GLY A 150 -4.24 -7.22 6.43
CA GLY A 150 -5.11 -6.47 5.54
C GLY A 150 -5.75 -5.30 6.27
N ILE A 151 -5.31 -5.07 7.50
CA ILE A 151 -5.84 -4.00 8.32
C ILE A 151 -4.97 -2.75 8.23
N PRO A 152 -5.59 -1.60 7.89
CA PRO A 152 -4.86 -0.33 7.80
C PRO A 152 -4.42 0.15 9.19
N VAL A 153 -3.13 0.44 9.33
CA VAL A 153 -2.58 0.87 10.61
C VAL A 153 -2.25 2.35 10.61
N LYS A 154 -2.52 3.02 9.50
CA LYS A 154 -2.21 4.44 9.37
C LYS A 154 -2.90 5.06 8.15
N GLN A 155 -3.53 6.21 8.37
CA GLN A 155 -4.19 6.94 7.29
C GLN A 155 -3.67 8.37 7.20
N ASP A 156 -3.69 8.93 6.00
CA ASP A 156 -3.23 10.29 5.80
C ASP A 156 -3.76 10.87 4.49
N SER A 157 -3.96 12.19 4.48
CA SER A 157 -4.43 12.87 3.29
C SER A 157 -3.49 14.01 2.92
N LEU A 158 -2.95 13.96 1.71
CA LEU A 158 -1.99 14.96 1.27
C LEU A 158 -2.30 15.50 -0.12
N SER A 159 -1.71 16.64 -0.45
CA SER A 159 -1.88 17.26 -1.76
C SER A 159 -0.55 17.26 -2.52
N SER A 160 -0.63 16.99 -3.83
CA SER A 160 0.57 16.94 -4.66
C SER A 160 0.80 18.26 -5.40
N GLN A 161 0.02 19.27 -5.04
CA GLN A 161 0.14 20.59 -5.67
C GLN A 161 1.52 21.20 -5.43
N ASN A 162 2.12 21.75 -6.48
CA ASN A 162 3.43 22.36 -6.38
C ASN A 162 4.54 21.34 -6.12
N GLN A 163 4.23 20.07 -6.34
CA GLN A 163 5.20 19.00 -6.14
C GLN A 163 5.66 18.41 -7.47
N LEU A 164 5.23 19.04 -8.56
CA LEU A 164 5.56 18.58 -9.90
C LEU A 164 5.19 17.11 -10.13
N GLY A 165 4.09 16.68 -9.51
CA GLY A 165 3.60 15.34 -9.70
C GLY A 165 4.32 14.28 -8.89
N VAL A 166 5.25 14.71 -8.04
CA VAL A 166 6.01 13.79 -7.19
C VAL A 166 5.73 14.07 -5.72
N LEU A 167 5.15 13.09 -5.04
CA LEU A 167 4.79 13.25 -3.63
C LEU A 167 5.62 12.37 -2.71
N PRO A 168 6.67 12.94 -2.12
CA PRO A 168 7.59 12.25 -1.21
C PRO A 168 6.97 11.98 0.15
N LEU A 169 6.90 10.70 0.54
CA LEU A 169 6.35 10.33 1.83
C LEU A 169 7.28 9.37 2.57
N SER A 170 6.92 9.03 3.81
CA SER A 170 7.73 8.13 4.62
C SER A 170 6.92 7.50 5.75
N TRP A 171 7.29 6.28 6.12
CA TRP A 171 6.63 5.59 7.24
C TRP A 171 7.66 4.85 8.09
N ASP A 172 7.57 5.06 9.40
CA ASP A 172 8.50 4.41 10.33
C ASP A 172 7.94 3.09 10.83
N ILE A 173 8.67 2.01 10.59
CA ILE A 173 8.29 0.69 11.06
C ILE A 173 8.71 0.49 12.51
N PRO A 174 7.74 0.21 13.39
CA PRO A 174 8.02 0.00 14.82
C PRO A 174 8.89 -1.23 15.04
N GLU A 175 9.70 -1.20 16.10
CA GLU A 175 10.56 -2.35 16.43
C GLU A 175 9.71 -3.61 16.59
N LEU A 176 8.55 -3.45 17.22
CA LEU A 176 7.58 -4.53 17.33
C LEU A 176 6.58 -4.45 16.19
N VAL A 177 6.64 -5.41 15.27
CA VAL A 177 5.80 -5.37 14.08
C VAL A 177 5.61 -6.76 13.49
N ASN A 178 4.42 -6.99 12.92
CA ASN A 178 4.11 -8.26 12.28
C ASN A 178 4.95 -8.45 11.01
N MET A 179 5.54 -9.63 10.87
CA MET A 179 6.35 -9.95 9.70
C MET A 179 5.44 -10.37 8.54
N GLY A 180 5.88 -10.09 7.32
CA GLY A 180 5.15 -10.48 6.14
C GLY A 180 5.07 -9.38 5.09
N GLN A 181 4.14 -9.53 4.16
CA GLN A 181 3.96 -8.56 3.09
C GLN A 181 3.08 -7.39 3.53
N TRP A 182 3.66 -6.20 3.58
CA TRP A 182 2.91 -5.00 3.92
C TRP A 182 2.48 -4.28 2.64
N LYS A 183 1.34 -3.60 2.71
CA LYS A 183 0.78 -2.96 1.52
C LYS A 183 0.73 -1.45 1.68
N ILE A 184 0.84 -0.73 0.56
CA ILE A 184 0.64 0.71 0.54
C ILE A 184 -0.47 1.04 -0.43
N ARG A 185 -1.66 1.33 0.10
CA ARG A 185 -2.81 1.64 -0.73
C ARG A 185 -2.93 3.15 -0.92
N ALA A 186 -3.22 3.57 -2.14
CA ALA A 186 -3.38 4.98 -2.46
C ALA A 186 -4.48 5.20 -3.49
N TYR A 187 -5.12 6.36 -3.42
CA TYR A 187 -6.17 6.70 -4.37
C TYR A 187 -6.49 8.20 -4.32
N TYR A 188 -6.96 8.74 -5.44
CA TYR A 188 -7.39 10.12 -5.49
C TYR A 188 -8.65 10.30 -4.64
N GLU A 189 -8.77 11.46 -4.00
CA GLU A 189 -9.91 11.74 -3.13
C GLU A 189 -11.22 11.63 -3.90
N ASN A 190 -11.22 12.11 -5.14
CA ASN A 190 -12.42 12.11 -5.97
C ASN A 190 -12.88 10.70 -6.36
N SER A 191 -11.94 9.79 -6.52
CA SER A 191 -12.26 8.44 -6.94
C SER A 191 -11.68 7.38 -5.98
N PRO A 192 -12.43 7.09 -4.90
CA PRO A 192 -12.03 6.10 -3.90
C PRO A 192 -12.02 4.68 -4.45
N GLN A 193 -12.92 4.38 -5.37
CA GLN A 193 -13.01 3.04 -5.96
C GLN A 193 -11.67 2.57 -6.54
N GLN A 194 -10.98 3.47 -7.21
CA GLN A 194 -9.73 3.11 -7.89
C GLN A 194 -8.54 3.22 -6.95
N VAL A 195 -8.11 2.08 -6.41
CA VAL A 195 -7.00 2.05 -5.45
C VAL A 195 -5.74 1.46 -6.07
N PHE A 196 -4.65 2.22 -6.00
CA PHE A 196 -3.35 1.77 -6.49
C PHE A 196 -2.49 1.29 -5.32
N SER A 197 -1.84 0.15 -5.50
CA SER A 197 -1.12 -0.48 -4.39
C SER A 197 0.32 -0.85 -4.72
N THR A 198 1.11 -1.03 -3.66
CA THR A 198 2.49 -1.48 -3.78
C THR A 198 2.88 -2.23 -2.51
N GLU A 199 3.53 -3.37 -2.67
CA GLU A 199 3.89 -4.21 -1.52
C GLU A 199 5.36 -4.11 -1.14
N PHE A 200 5.63 -4.19 0.14
CA PHE A 200 6.99 -4.27 0.66
C PHE A 200 7.04 -5.23 1.83
N GLU A 201 8.05 -6.11 1.84
CA GLU A 201 8.15 -7.14 2.87
C GLU A 201 8.87 -6.64 4.11
N VAL A 202 8.35 -7.01 5.28
CA VAL A 202 9.01 -6.72 6.54
C VAL A 202 9.55 -8.00 7.15
N LYS A 203 10.86 -8.08 7.30
CA LYS A 203 11.51 -9.29 7.78
C LYS A 203 12.82 -8.97 8.49
N GLU A 204 13.20 -9.83 9.43
CA GLU A 204 14.48 -9.70 10.12
C GLU A 204 15.55 -10.42 9.31
N TYR A 205 16.51 -9.65 8.80
CA TYR A 205 17.53 -10.20 7.91
C TYR A 205 18.84 -9.43 7.96
N VAL A 206 19.86 -10.00 7.33
CA VAL A 206 21.13 -9.31 7.12
C VAL A 206 21.58 -9.56 5.69
N LEU A 207 22.24 -8.57 5.09
CA LEU A 207 22.67 -8.69 3.70
C LEU A 207 23.60 -9.88 3.49
N PRO A 208 23.35 -10.65 2.41
CA PRO A 208 24.00 -11.93 2.09
C PRO A 208 25.53 -11.93 2.14
N SER A 209 26.14 -11.00 1.41
CA SER A 209 27.59 -10.92 1.18
C SER A 209 27.95 -11.30 -0.25
N PHE A 210 27.28 -12.32 -0.77
CA PHE A 210 27.45 -12.72 -2.17
C PHE A 210 26.14 -13.28 -2.71
N GLU A 211 25.97 -13.22 -4.02
CA GLU A 211 24.73 -13.71 -4.65
C GLU A 211 24.93 -15.05 -5.35
N VAL A 212 23.85 -15.82 -5.44
CA VAL A 212 23.88 -17.11 -6.12
C VAL A 212 22.81 -17.18 -7.20
N ILE A 213 23.22 -17.46 -8.42
CA ILE A 213 22.29 -17.56 -9.54
C ILE A 213 22.11 -19.00 -9.99
N VAL A 214 20.87 -19.46 -9.96
CA VAL A 214 20.54 -20.81 -10.42
C VAL A 214 19.95 -20.72 -11.83
N GLU A 215 20.73 -21.13 -12.81
CA GLU A 215 20.33 -20.99 -14.21
C GLU A 215 20.30 -22.32 -14.95
N PRO A 216 19.09 -22.80 -15.27
CA PRO A 216 18.91 -24.01 -16.09
C PRO A 216 19.30 -23.74 -17.54
N THR A 217 19.86 -24.73 -18.22
CA THR A 217 20.22 -24.59 -19.63
C THR A 217 19.02 -24.13 -20.44
N GLU A 218 17.86 -24.72 -20.18
CA GLU A 218 16.61 -24.32 -20.80
C GLU A 218 15.65 -23.82 -19.73
N LYS A 219 14.94 -22.73 -20.02
CA LYS A 219 13.99 -22.17 -19.06
C LYS A 219 12.91 -23.19 -18.73
N PHE A 220 12.77 -24.19 -19.59
CA PHE A 220 11.77 -25.22 -19.44
C PHE A 220 12.43 -26.59 -19.41
N TYR A 221 11.64 -27.62 -19.13
CA TYR A 221 12.13 -28.99 -19.22
C TYR A 221 11.22 -29.84 -20.10
N TYR A 222 11.76 -30.28 -21.24
CA TYR A 222 11.02 -31.17 -22.12
C TYR A 222 10.90 -32.54 -21.47
N ILE A 223 9.67 -32.99 -21.29
CA ILE A 223 9.39 -34.23 -20.56
C ILE A 223 10.13 -35.44 -21.13
N TYR A 224 10.42 -35.42 -22.43
CA TYR A 224 11.07 -36.56 -23.08
C TYR A 224 12.57 -36.35 -23.28
N ASN A 225 13.14 -35.40 -22.53
CA ASN A 225 14.58 -35.15 -22.61
C ASN A 225 15.37 -36.10 -21.73
N GLU A 226 16.12 -36.99 -22.36
CA GLU A 226 16.90 -37.99 -21.65
C GLU A 226 17.96 -37.35 -20.76
N LYS A 227 18.51 -36.22 -21.23
CA LYS A 227 19.55 -35.52 -20.48
C LYS A 227 19.07 -35.13 -19.08
N GLY A 228 17.79 -34.81 -18.97
CA GLY A 228 17.23 -34.33 -17.72
C GLY A 228 17.42 -32.83 -17.60
N LEU A 229 17.16 -32.31 -16.40
CA LEU A 229 17.31 -30.88 -16.16
C LEU A 229 18.74 -30.54 -15.77
N GLU A 230 19.40 -29.75 -16.62
CA GLU A 230 20.78 -29.35 -16.39
C GLU A 230 20.83 -27.93 -15.83
N VAL A 231 21.53 -27.75 -14.72
CA VAL A 231 21.56 -26.46 -14.04
C VAL A 231 22.99 -25.99 -13.73
N THR A 232 23.23 -24.71 -13.97
CA THR A 232 24.52 -24.10 -13.65
C THR A 232 24.41 -23.19 -12.44
N ILE A 233 25.24 -23.46 -11.43
CA ILE A 233 25.23 -22.66 -10.21
C ILE A 233 26.33 -21.60 -10.24
N THR A 234 25.93 -20.33 -10.29
CA THR A 234 26.88 -19.23 -10.32
C THR A 234 26.94 -18.53 -8.97
N ALA A 235 28.15 -18.41 -8.42
CA ALA A 235 28.34 -17.74 -7.14
C ALA A 235 29.44 -16.68 -7.25
N ARG A 236 29.09 -15.44 -6.93
CA ARG A 236 30.04 -14.33 -6.99
C ARG A 236 29.73 -13.28 -5.93
N PHE A 237 30.79 -12.68 -5.39
CA PHE A 237 30.63 -11.60 -4.42
C PHE A 237 29.90 -10.43 -5.06
N LEU A 238 29.22 -9.63 -4.23
CA LEU A 238 28.41 -8.53 -4.73
C LEU A 238 29.23 -7.51 -5.52
N TYR A 239 30.50 -7.36 -5.16
CA TYR A 239 31.36 -6.40 -5.84
C TYR A 239 31.89 -6.91 -7.18
N GLY A 240 31.79 -8.21 -7.41
CA GLY A 240 32.19 -8.79 -8.68
C GLY A 240 33.01 -10.05 -8.59
N LYS A 241 34.03 -10.03 -7.73
CA LYS A 241 34.95 -11.17 -7.60
C LYS A 241 34.20 -12.49 -7.47
N LYS A 242 34.74 -13.53 -8.09
CA LYS A 242 34.09 -14.84 -8.10
C LYS A 242 34.29 -15.59 -6.79
N VAL A 243 33.37 -16.51 -6.50
CA VAL A 243 33.32 -17.18 -5.20
C VAL A 243 33.85 -18.62 -5.23
N GLU A 244 34.58 -18.98 -4.18
CA GLU A 244 35.07 -20.35 -4.01
C GLU A 244 34.41 -20.99 -2.80
N GLY A 245 33.71 -22.11 -3.01
CA GLY A 245 33.03 -22.78 -1.92
C GLY A 245 32.38 -24.09 -2.31
N THR A 246 31.40 -24.51 -1.52
CA THR A 246 30.68 -25.76 -1.76
C THR A 246 29.19 -25.50 -1.90
N ALA A 247 28.54 -26.21 -2.81
CA ALA A 247 27.12 -25.99 -3.08
C ALA A 247 26.26 -27.20 -2.73
N PHE A 248 25.08 -26.94 -2.18
CA PHE A 248 24.11 -27.98 -1.88
C PHE A 248 22.86 -27.76 -2.72
N VAL A 249 22.69 -28.59 -3.74
CA VAL A 249 21.57 -28.42 -4.67
C VAL A 249 20.57 -29.57 -4.59
N ILE A 250 19.29 -29.22 -4.46
CA ILE A 250 18.22 -30.21 -4.45
C ILE A 250 17.08 -29.78 -5.36
N PHE A 251 16.40 -30.75 -5.96
CA PHE A 251 15.30 -30.47 -6.89
C PHE A 251 13.96 -30.88 -6.31
N GLY A 252 12.88 -30.34 -6.86
CA GLY A 252 11.54 -30.65 -6.41
C GLY A 252 10.49 -30.33 -7.45
N ILE A 253 9.31 -30.91 -7.29
CA ILE A 253 8.20 -30.69 -8.21
C ILE A 253 7.11 -29.87 -7.54
N GLN A 254 6.46 -28.99 -8.30
CA GLN A 254 5.38 -28.17 -7.77
C GLN A 254 4.10 -28.29 -8.57
N ASP A 255 3.02 -28.66 -7.90
CA ASP A 255 1.71 -28.72 -8.51
C ASP A 255 0.78 -27.73 -7.79
N GLY A 256 0.55 -26.58 -8.42
CA GLY A 256 -0.24 -25.52 -7.80
C GLY A 256 0.56 -24.89 -6.67
N GLU A 257 0.10 -25.08 -5.44
CA GLU A 257 0.82 -24.60 -4.26
C GLU A 257 1.37 -25.78 -3.47
N GLN A 258 1.15 -26.98 -3.97
CA GLN A 258 1.65 -28.20 -3.32
C GLN A 258 3.03 -28.55 -3.86
N ARG A 259 4.02 -28.54 -2.99
CA ARG A 259 5.39 -28.86 -3.38
C ARG A 259 5.82 -30.25 -2.93
N ILE A 260 6.46 -30.97 -3.84
CA ILE A 260 6.99 -32.31 -3.54
C ILE A 260 8.50 -32.30 -3.70
N SER A 261 9.21 -32.56 -2.60
CA SER A 261 10.66 -32.56 -2.62
C SER A 261 11.22 -33.87 -3.20
N LEU A 262 12.40 -33.77 -3.81
CA LEU A 262 13.08 -34.94 -4.36
C LEU A 262 14.41 -35.16 -3.65
N PRO A 263 14.36 -35.77 -2.45
CA PRO A 263 15.54 -35.99 -1.61
C PRO A 263 16.63 -36.78 -2.35
N GLU A 264 16.20 -37.65 -3.25
CA GLU A 264 17.14 -38.51 -3.98
C GLU A 264 18.05 -37.70 -4.90
N SER A 265 17.61 -36.50 -5.26
CA SER A 265 18.36 -35.68 -6.20
C SER A 265 19.40 -34.79 -5.52
N LEU A 266 19.38 -34.77 -4.20
CA LEU A 266 20.33 -33.96 -3.44
C LEU A 266 21.76 -34.24 -3.82
N LYS A 267 22.47 -33.21 -4.28
CA LYS A 267 23.85 -33.35 -4.72
C LYS A 267 24.75 -32.29 -4.09
N ARG A 268 25.93 -32.71 -3.65
CA ARG A 268 26.93 -31.78 -3.15
C ARG A 268 28.05 -31.63 -4.17
N ILE A 269 28.13 -30.45 -4.79
CA ILE A 269 29.12 -30.20 -5.82
C ILE A 269 30.06 -29.07 -5.44
N PRO A 270 31.34 -29.19 -5.82
CA PRO A 270 32.35 -28.16 -5.57
C PRO A 270 32.13 -26.94 -6.45
N ILE A 271 32.61 -25.78 -6.00
CA ILE A 271 32.52 -24.56 -6.78
C ILE A 271 33.91 -24.13 -7.23
N GLU A 272 34.17 -24.24 -8.54
CA GLU A 272 35.46 -23.88 -9.10
C GLU A 272 35.38 -22.55 -9.84
N ASP A 273 36.10 -21.55 -9.33
CA ASP A 273 36.14 -20.23 -9.94
C ASP A 273 34.75 -19.62 -10.07
N GLY A 274 33.96 -19.72 -9.00
CA GLY A 274 32.63 -19.13 -8.97
C GLY A 274 31.64 -19.80 -9.89
N SER A 275 31.79 -21.11 -10.09
CA SER A 275 30.90 -21.85 -10.97
C SER A 275 30.78 -23.31 -10.55
N GLY A 276 29.69 -23.95 -10.96
CA GLY A 276 29.46 -25.35 -10.68
C GLY A 276 28.26 -25.85 -11.46
N GLU A 277 28.20 -27.15 -11.70
CA GLU A 277 27.09 -27.73 -12.47
C GLU A 277 26.47 -28.94 -11.80
N VAL A 278 25.15 -29.06 -11.91
CA VAL A 278 24.40 -30.17 -11.34
C VAL A 278 23.29 -30.59 -12.30
N VAL A 279 22.96 -31.87 -12.30
CA VAL A 279 21.94 -32.38 -13.21
C VAL A 279 20.88 -33.22 -12.50
N LEU A 280 19.62 -32.98 -12.83
CA LEU A 280 18.53 -33.80 -12.34
C LEU A 280 18.14 -34.82 -13.41
N SER A 281 18.63 -36.05 -13.25
CA SER A 281 18.38 -37.10 -14.23
C SER A 281 16.89 -37.39 -14.34
N ARG A 282 16.44 -37.68 -15.56
CA ARG A 282 15.04 -38.01 -15.81
C ARG A 282 14.65 -39.23 -15.00
N LYS A 283 15.62 -40.12 -14.78
CA LYS A 283 15.40 -41.34 -14.01
C LYS A 283 15.01 -41.02 -12.57
N VAL A 284 15.74 -40.11 -11.94
CA VAL A 284 15.46 -39.70 -10.57
C VAL A 284 14.13 -38.95 -10.50
N LEU A 285 13.87 -38.11 -11.50
CA LEU A 285 12.63 -37.35 -11.56
C LEU A 285 11.42 -38.27 -11.58
N LEU A 286 11.45 -39.28 -12.45
CA LEU A 286 10.35 -40.21 -12.60
C LEU A 286 10.21 -41.13 -11.37
N ASP A 287 11.34 -41.43 -10.74
CA ASP A 287 11.34 -42.26 -9.54
C ASP A 287 10.79 -41.52 -8.34
N GLY A 288 11.10 -40.22 -8.24
CA GLY A 288 10.62 -39.39 -7.16
C GLY A 288 9.12 -39.42 -7.03
N VAL A 289 8.43 -39.28 -8.17
CA VAL A 289 6.99 -39.35 -8.21
C VAL A 289 6.54 -40.81 -8.33
N GLN A 290 5.33 -41.10 -7.88
CA GLN A 290 4.81 -42.46 -7.87
C GLN A 290 4.04 -42.80 -9.13
N ASN A 291 4.14 -41.95 -10.13
CA ASN A 291 3.40 -42.13 -11.38
C ASN A 291 4.30 -42.51 -12.54
N PRO A 292 4.07 -43.68 -13.14
CA PRO A 292 4.85 -44.13 -14.30
C PRO A 292 4.64 -43.23 -15.50
N ARG A 293 3.40 -42.78 -15.71
CA ARG A 293 3.10 -41.89 -16.82
C ARG A 293 3.84 -40.57 -16.68
N ALA A 294 4.71 -40.29 -17.65
CA ALA A 294 5.49 -39.06 -17.64
C ALA A 294 4.66 -37.89 -18.17
N GLU A 295 3.62 -38.20 -18.94
CA GLU A 295 2.78 -37.17 -19.54
C GLU A 295 2.06 -36.36 -18.47
N ASP A 296 1.74 -37.01 -17.35
CA ASP A 296 1.01 -36.36 -16.26
C ASP A 296 1.79 -35.19 -15.67
N LEU A 297 3.12 -35.28 -15.71
CA LEU A 297 3.97 -34.22 -15.18
C LEU A 297 3.77 -32.92 -15.95
N VAL A 298 3.32 -33.04 -17.20
CA VAL A 298 3.06 -31.87 -18.03
C VAL A 298 1.99 -30.99 -17.41
N GLY A 299 2.30 -29.70 -17.26
CA GLY A 299 1.41 -28.76 -16.62
C GLY A 299 1.93 -28.32 -15.27
N LYS A 300 2.86 -29.11 -14.73
CA LYS A 300 3.49 -28.80 -13.46
C LYS A 300 4.84 -28.10 -13.71
N SER A 301 5.55 -27.80 -12.63
CA SER A 301 6.83 -27.11 -12.75
C SER A 301 7.88 -27.69 -11.81
N LEU A 302 9.14 -27.34 -12.06
CA LEU A 302 10.25 -27.81 -11.23
C LEU A 302 10.94 -26.64 -10.56
N TYR A 303 11.44 -26.84 -9.34
CA TYR A 303 12.19 -25.81 -8.65
C TYR A 303 13.56 -26.33 -8.21
N VAL A 304 14.55 -25.45 -8.23
CA VAL A 304 15.92 -25.82 -7.88
C VAL A 304 16.41 -25.02 -6.69
N SER A 305 16.70 -25.71 -5.59
CA SER A 305 17.19 -25.07 -4.38
C SER A 305 18.70 -25.27 -4.25
N ALA A 306 19.44 -24.17 -4.21
CA ALA A 306 20.90 -24.22 -4.11
C ALA A 306 21.40 -23.48 -2.88
N THR A 307 22.34 -24.10 -2.16
CA THR A 307 22.93 -23.49 -0.98
C THR A 307 24.44 -23.45 -1.10
N VAL A 308 24.98 -22.24 -1.26
CA VAL A 308 26.43 -22.08 -1.41
C VAL A 308 27.08 -21.61 -0.12
N ILE A 309 28.11 -22.32 0.31
CA ILE A 309 28.85 -21.96 1.52
C ILE A 309 30.31 -21.73 1.20
N LEU A 310 30.82 -20.56 1.60
CA LEU A 310 32.23 -20.23 1.39
C LEU A 310 33.13 -21.17 2.20
N HIS A 311 34.39 -21.28 1.78
CA HIS A 311 35.34 -22.13 2.49
C HIS A 311 35.66 -21.55 3.87
N SER A 312 35.47 -20.25 4.04
CA SER A 312 35.69 -19.60 5.32
C SER A 312 34.66 -20.09 6.34
N GLY A 313 33.48 -20.44 5.85
CA GLY A 313 32.41 -20.92 6.70
C GLY A 313 31.68 -19.78 7.39
N SER A 314 32.06 -18.55 7.05
CA SER A 314 31.45 -17.36 7.65
C SER A 314 30.28 -16.85 6.83
N ASP A 315 30.15 -17.32 5.60
CA ASP A 315 29.09 -16.87 4.71
C ASP A 315 28.28 -18.03 4.14
N MET A 316 26.97 -17.85 4.08
CA MET A 316 26.07 -18.84 3.52
C MET A 316 24.91 -18.15 2.82
N VAL A 317 24.57 -18.60 1.62
CA VAL A 317 23.50 -17.99 0.84
C VAL A 317 22.54 -19.02 0.26
N GLN A 318 21.24 -18.73 0.36
CA GLN A 318 20.21 -19.60 -0.17
C GLN A 318 19.57 -18.98 -1.41
N ALA A 319 19.59 -19.71 -2.51
CA ALA A 319 18.98 -19.24 -3.75
C ALA A 319 18.05 -20.31 -4.33
N GLU A 320 17.16 -19.91 -5.23
CA GLU A 320 16.20 -20.83 -5.81
C GLU A 320 15.57 -20.31 -7.10
N ARG A 321 15.37 -21.22 -8.05
CA ARG A 321 14.58 -20.93 -9.24
C ARG A 321 13.36 -21.83 -9.31
N SER A 322 12.18 -21.23 -9.22
CA SER A 322 10.93 -21.98 -9.27
C SER A 322 10.10 -21.58 -10.47
N GLY A 323 9.19 -22.46 -10.89
CA GLY A 323 8.29 -22.18 -11.99
C GLY A 323 8.81 -22.67 -13.33
N ILE A 324 9.75 -23.62 -13.30
CA ILE A 324 10.28 -24.20 -14.52
C ILE A 324 9.27 -25.19 -15.10
N PRO A 325 8.54 -24.77 -16.15
CA PRO A 325 7.43 -25.54 -16.70
C PRO A 325 7.85 -26.85 -17.35
N ILE A 326 7.19 -27.94 -16.96
CA ILE A 326 7.38 -29.23 -17.62
C ILE A 326 6.46 -29.27 -18.84
N VAL A 327 7.04 -29.09 -20.02
CA VAL A 327 6.24 -28.94 -21.24
C VAL A 327 6.54 -30.01 -22.28
N THR A 328 5.65 -30.10 -23.27
CA THR A 328 5.86 -30.98 -24.42
C THR A 328 6.31 -30.16 -25.60
N SER A 329 6.23 -28.83 -25.46
CA SER A 329 6.59 -27.92 -26.52
C SER A 329 7.26 -26.67 -25.95
N PRO A 330 8.35 -26.23 -26.60
CA PRO A 330 9.12 -25.05 -26.17
C PRO A 330 8.35 -23.76 -26.43
N TYR A 331 7.26 -23.85 -27.19
CA TYR A 331 6.48 -22.67 -27.55
C TYR A 331 5.01 -22.78 -27.16
N GLN A 332 4.29 -21.67 -27.30
CA GLN A 332 2.88 -21.58 -26.94
C GLN A 332 2.18 -20.54 -27.80
N ILE A 333 1.04 -20.90 -28.38
CA ILE A 333 0.33 -20.03 -29.30
C ILE A 333 -0.89 -19.38 -28.65
N HIS A 334 -1.05 -18.07 -28.86
CA HIS A 334 -2.18 -17.33 -28.32
C HIS A 334 -2.89 -16.55 -29.41
N PHE A 335 -4.21 -16.45 -29.30
CA PHE A 335 -5.00 -15.68 -30.25
C PHE A 335 -5.61 -14.44 -29.58
N THR A 336 -4.99 -14.01 -28.48
CA THR A 336 -5.51 -12.87 -27.72
C THR A 336 -5.51 -11.59 -28.53
N LYS A 337 -4.61 -11.50 -29.50
CA LYS A 337 -4.48 -10.29 -30.31
C LYS A 337 -5.18 -10.45 -31.66
N THR A 338 -5.94 -11.53 -31.80
CA THR A 338 -6.63 -11.80 -33.06
C THR A 338 -8.13 -11.58 -32.93
N PRO A 339 -8.72 -10.79 -33.84
CA PRO A 339 -10.17 -10.56 -33.87
C PRO A 339 -10.93 -11.87 -33.97
N LYS A 340 -12.09 -11.94 -33.30
CA LYS A 340 -12.89 -13.17 -33.29
C LYS A 340 -14.03 -13.09 -34.30
N TYR A 341 -13.98 -12.09 -35.18
CA TYR A 341 -15.00 -11.93 -36.21
C TYR A 341 -14.37 -11.70 -37.57
N PHE A 342 -14.96 -12.29 -38.60
CA PHE A 342 -14.43 -12.18 -39.95
C PHE A 342 -15.48 -11.67 -40.93
N LYS A 343 -15.01 -11.10 -42.04
CA LYS A 343 -15.91 -10.64 -43.09
C LYS A 343 -15.91 -11.63 -44.26
N PRO A 344 -16.99 -12.41 -44.39
CA PRO A 344 -17.11 -13.42 -45.45
C PRO A 344 -16.83 -12.84 -46.83
N GLY A 345 -15.94 -13.49 -47.57
CA GLY A 345 -15.56 -13.04 -48.90
C GLY A 345 -14.39 -12.08 -48.86
N MET A 346 -13.85 -11.86 -47.66
CA MET A 346 -12.72 -10.96 -47.48
C MET A 346 -11.61 -11.64 -46.68
N PRO A 347 -10.37 -11.16 -46.86
CA PRO A 347 -9.21 -11.70 -46.15
C PRO A 347 -9.36 -11.60 -44.63
N PHE A 348 -9.08 -12.69 -43.93
CA PHE A 348 -9.11 -12.70 -42.47
C PHE A 348 -7.69 -12.72 -41.92
N ASP A 349 -7.32 -11.69 -41.18
CA ASP A 349 -5.96 -11.54 -40.67
C ASP A 349 -5.84 -12.07 -39.25
N LEU A 350 -4.93 -13.02 -39.05
CA LEU A 350 -4.68 -13.56 -37.72
C LEU A 350 -3.39 -13.00 -37.13
N MET A 351 -3.47 -12.59 -35.87
CA MET A 351 -2.29 -12.12 -35.16
C MET A 351 -1.82 -13.16 -34.16
N VAL A 352 -1.08 -14.15 -34.65
CA VAL A 352 -0.56 -15.22 -33.81
C VAL A 352 0.45 -14.69 -32.80
N PHE A 353 0.29 -15.08 -31.55
CA PHE A 353 1.21 -14.66 -30.49
C PHE A 353 1.92 -15.87 -29.90
N VAL A 354 3.20 -16.01 -30.24
CA VAL A 354 3.99 -17.13 -29.75
C VAL A 354 4.85 -16.70 -28.57
N THR A 355 4.80 -17.47 -27.49
CA THR A 355 5.57 -17.15 -26.29
C THR A 355 6.32 -18.36 -25.77
N ASN A 356 7.37 -18.11 -24.99
CA ASN A 356 8.09 -19.16 -24.29
C ASN A 356 7.30 -19.60 -23.06
N PRO A 357 7.65 -20.76 -22.50
CA PRO A 357 6.93 -21.28 -21.33
C PRO A 357 6.85 -20.26 -20.19
N ASP A 358 7.85 -19.39 -20.08
CA ASP A 358 7.89 -18.40 -19.01
C ASP A 358 6.88 -17.28 -19.24
N GLY A 359 6.51 -17.05 -20.49
CA GLY A 359 5.57 -16.00 -20.84
C GLY A 359 6.19 -14.92 -21.73
N SER A 360 7.50 -15.01 -21.91
CA SER A 360 8.22 -14.04 -22.73
C SER A 360 8.02 -14.32 -24.22
N PRO A 361 8.06 -13.26 -25.05
CA PRO A 361 7.87 -13.39 -26.49
C PRO A 361 8.90 -14.30 -27.14
N ALA A 362 8.52 -14.96 -28.24
CA ALA A 362 9.43 -15.82 -28.97
C ALA A 362 9.82 -15.19 -30.31
N TYR A 363 11.13 -15.11 -30.55
CA TYR A 363 11.64 -14.42 -31.73
C TYR A 363 11.91 -15.35 -32.91
N ARG A 364 11.44 -14.93 -34.09
CA ARG A 364 11.65 -15.69 -35.33
C ARG A 364 11.16 -17.13 -35.25
N VAL A 365 9.91 -17.32 -34.83
CA VAL A 365 9.31 -18.64 -34.80
C VAL A 365 8.31 -18.81 -35.94
N PRO A 366 8.58 -19.77 -36.83
CA PRO A 366 7.71 -20.05 -37.98
C PRO A 366 6.33 -20.53 -37.55
N VAL A 367 5.29 -19.98 -38.15
CA VAL A 367 3.92 -20.38 -37.86
C VAL A 367 3.11 -20.47 -39.15
N ALA A 368 2.13 -21.38 -39.17
CA ALA A 368 1.31 -21.56 -40.36
C ALA A 368 -0.05 -22.17 -40.02
N VAL A 369 -1.00 -22.01 -40.94
CA VAL A 369 -2.34 -22.56 -40.75
C VAL A 369 -2.47 -23.92 -41.41
N GLN A 370 -2.96 -24.91 -40.67
CA GLN A 370 -3.16 -26.24 -41.21
C GLN A 370 -4.04 -26.19 -42.46
N GLY A 371 -3.61 -26.87 -43.52
CA GLY A 371 -4.35 -26.90 -44.76
C GLY A 371 -3.86 -25.87 -45.75
N GLU A 372 -3.08 -24.92 -45.27
CA GLU A 372 -2.54 -23.86 -46.13
C GLU A 372 -1.07 -23.61 -45.85
N ASP A 373 -0.21 -24.42 -46.47
CA ASP A 373 1.23 -24.26 -46.31
C ASP A 373 1.69 -22.89 -46.79
N THR A 374 1.05 -22.40 -47.85
CA THR A 374 1.38 -21.09 -48.40
C THR A 374 1.25 -20.00 -47.34
N VAL A 375 0.33 -20.19 -46.40
CA VAL A 375 0.13 -19.23 -45.33
C VAL A 375 1.10 -19.48 -44.18
N GLN A 376 2.37 -19.18 -44.43
CA GLN A 376 3.40 -19.29 -43.40
C GLN A 376 3.97 -17.91 -43.11
N SER A 377 4.31 -17.65 -41.85
CA SER A 377 4.87 -16.37 -41.45
C SER A 377 5.87 -16.54 -40.32
N LEU A 378 6.65 -15.48 -40.08
CA LEU A 378 7.68 -15.51 -39.04
C LEU A 378 7.36 -14.46 -37.97
N THR A 379 7.46 -14.84 -36.72
CA THR A 379 7.16 -13.92 -35.62
C THR A 379 8.21 -12.82 -35.50
N GLN A 380 7.75 -11.61 -35.16
CA GLN A 380 8.64 -10.48 -34.98
C GLN A 380 9.33 -10.53 -33.62
N GLY A 381 9.99 -9.43 -33.25
CA GLY A 381 10.67 -9.36 -31.97
C GLY A 381 9.72 -9.46 -30.80
N ASP A 382 8.48 -9.05 -31.02
CA ASP A 382 7.46 -9.09 -29.97
C ASP A 382 6.80 -10.46 -29.89
N GLY A 383 7.18 -11.36 -30.79
CA GLY A 383 6.62 -12.70 -30.82
C GLY A 383 5.26 -12.76 -31.51
N VAL A 384 5.03 -11.83 -32.42
CA VAL A 384 3.75 -11.78 -33.14
C VAL A 384 3.96 -11.94 -34.64
N ALA A 385 3.14 -12.80 -35.25
CA ALA A 385 3.19 -13.00 -36.69
C ALA A 385 1.81 -12.85 -37.31
N LYS A 386 1.76 -12.46 -38.58
CA LYS A 386 0.47 -12.25 -39.25
C LYS A 386 0.20 -13.29 -40.31
N LEU A 387 -0.95 -13.95 -40.20
CA LEU A 387 -1.38 -14.94 -41.18
C LEU A 387 -2.69 -14.52 -41.82
N SER A 388 -2.66 -14.28 -43.13
CA SER A 388 -3.85 -13.86 -43.84
C SER A 388 -4.42 -15.00 -44.69
N ILE A 389 -5.66 -15.37 -44.41
CA ILE A 389 -6.34 -16.41 -45.17
C ILE A 389 -7.49 -15.81 -45.97
N ASN A 390 -7.82 -16.45 -47.09
CA ASN A 390 -8.92 -16.00 -47.93
C ASN A 390 -10.23 -16.67 -47.57
N THR A 391 -11.19 -15.88 -47.10
CA THR A 391 -12.48 -16.40 -46.69
C THR A 391 -13.46 -16.46 -47.86
N HIS A 392 -14.27 -17.52 -47.91
CA HIS A 392 -15.29 -17.65 -48.92
C HIS A 392 -16.64 -17.23 -48.37
N PRO A 393 -17.47 -16.58 -49.20
CA PRO A 393 -18.80 -16.10 -48.80
C PRO A 393 -19.63 -17.21 -48.17
N SER A 394 -19.84 -17.13 -46.86
CA SER A 394 -20.62 -18.13 -46.14
C SER A 394 -20.91 -17.68 -44.72
N GLN A 395 -21.97 -18.22 -44.13
CA GLN A 395 -22.32 -17.91 -42.75
C GLN A 395 -21.81 -18.98 -41.79
N LYS A 396 -21.01 -19.90 -42.32
CA LYS A 396 -20.44 -20.98 -41.52
C LYS A 396 -19.29 -20.47 -40.67
N PRO A 397 -19.31 -20.81 -39.37
CA PRO A 397 -18.25 -20.42 -38.43
C PRO A 397 -16.87 -20.81 -38.94
N LEU A 398 -15.95 -19.86 -38.96
CA LEU A 398 -14.59 -20.10 -39.42
C LEU A 398 -13.76 -20.75 -38.31
N SER A 399 -13.05 -21.83 -38.67
CA SER A 399 -12.20 -22.53 -37.71
C SER A 399 -10.75 -22.52 -38.17
N ILE A 400 -9.87 -22.01 -37.31
CA ILE A 400 -8.46 -21.90 -37.65
C ILE A 400 -7.58 -22.67 -36.67
N THR A 401 -6.64 -23.44 -37.21
CA THR A 401 -5.66 -24.14 -36.39
C THR A 401 -4.26 -23.72 -36.80
N VAL A 402 -3.52 -23.11 -35.87
CA VAL A 402 -2.18 -22.64 -36.15
C VAL A 402 -1.12 -23.52 -35.49
N ARG A 403 -0.11 -23.90 -36.27
CA ARG A 403 0.98 -24.72 -35.76
C ARG A 403 2.32 -24.05 -36.04
N THR A 404 3.28 -24.24 -35.14
CA THR A 404 4.62 -23.74 -35.35
C THR A 404 5.40 -24.71 -36.24
N LYS A 405 6.15 -24.16 -37.19
CA LYS A 405 6.95 -24.98 -38.07
C LYS A 405 8.44 -24.77 -37.83
N LYS A 406 8.81 -24.61 -36.57
CA LYS A 406 10.21 -24.42 -36.20
C LYS A 406 11.05 -25.62 -36.61
N GLN A 407 11.87 -25.44 -37.63
CA GLN A 407 12.82 -26.47 -38.03
C GLN A 407 13.72 -26.81 -36.85
N GLU A 408 14.19 -28.07 -36.84
CA GLU A 408 15.03 -28.61 -35.77
C GLU A 408 14.19 -29.28 -34.68
N LEU A 409 12.89 -29.05 -34.72
CA LEU A 409 11.96 -29.69 -33.79
C LEU A 409 11.06 -30.69 -34.48
N SER A 410 10.62 -31.70 -33.73
CA SER A 410 9.70 -32.71 -34.26
C SER A 410 8.27 -32.21 -34.17
N GLU A 411 7.39 -32.82 -34.97
CA GLU A 411 5.99 -32.40 -35.00
C GLU A 411 5.32 -32.54 -33.62
N ALA A 412 5.84 -33.45 -32.80
CA ALA A 412 5.30 -33.66 -31.47
C ALA A 412 5.64 -32.51 -30.52
N GLU A 413 6.69 -31.77 -30.87
CA GLU A 413 7.15 -30.66 -30.03
C GLU A 413 6.66 -29.31 -30.56
N GLN A 414 6.00 -29.32 -31.71
CA GLN A 414 5.47 -28.09 -32.29
C GLN A 414 4.22 -27.63 -31.55
N ALA A 415 4.15 -26.34 -31.27
CA ALA A 415 3.00 -25.76 -30.56
C ALA A 415 1.80 -25.65 -31.49
N THR A 416 0.61 -25.87 -30.94
CA THR A 416 -0.62 -25.82 -31.72
C THR A 416 -1.75 -25.16 -30.95
N ARG A 417 -2.67 -24.53 -31.67
CA ARG A 417 -3.84 -23.91 -31.06
C ARG A 417 -4.95 -23.73 -32.09
N THR A 418 -6.20 -23.75 -31.62
CA THR A 418 -7.36 -23.63 -32.50
C THR A 418 -8.33 -22.57 -32.00
N MET A 419 -8.77 -21.70 -32.91
CA MET A 419 -9.74 -20.66 -32.57
C MET A 419 -10.93 -20.70 -33.53
N GLN A 420 -11.99 -19.98 -33.18
CA GLN A 420 -13.17 -19.90 -34.03
C GLN A 420 -13.58 -18.44 -34.25
N ALA A 421 -13.93 -18.12 -35.48
CA ALA A 421 -14.37 -16.77 -35.82
C ALA A 421 -15.80 -16.78 -36.37
N LEU A 422 -16.60 -15.82 -35.95
CA LEU A 422 -17.99 -15.72 -36.39
C LEU A 422 -18.16 -14.65 -37.45
N PRO A 423 -19.12 -14.84 -38.36
CA PRO A 423 -19.38 -13.92 -39.48
C PRO A 423 -19.90 -12.56 -39.01
N TYR A 424 -19.39 -11.49 -39.62
CA TYR A 424 -19.86 -10.15 -39.34
C TYR A 424 -21.26 -9.96 -39.93
N SER A 425 -22.25 -9.83 -39.06
CA SER A 425 -23.63 -9.67 -39.50
C SER A 425 -23.82 -8.34 -40.23
N THR A 426 -24.41 -8.40 -41.42
CA THR A 426 -24.62 -7.21 -42.23
C THR A 426 -26.07 -6.73 -42.15
N VAL A 427 -26.27 -5.44 -42.37
CA VAL A 427 -27.60 -4.84 -42.27
C VAL A 427 -28.53 -5.35 -43.36
N GLY A 428 -29.57 -6.08 -42.95
CA GLY A 428 -30.55 -6.62 -43.88
C GLY A 428 -29.95 -7.60 -44.87
N ASN A 429 -28.88 -8.27 -44.47
CA ASN A 429 -28.21 -9.24 -45.32
C ASN A 429 -27.84 -8.66 -46.69
N SER A 430 -27.19 -7.49 -46.67
CA SER A 430 -26.84 -6.79 -47.89
C SER A 430 -25.49 -7.27 -48.44
N ASN A 431 -24.74 -7.98 -47.61
CA ASN A 431 -23.42 -8.48 -48.00
C ASN A 431 -22.40 -7.36 -48.17
N ASN A 432 -22.58 -6.27 -47.42
CA ASN A 432 -21.64 -5.16 -47.44
C ASN A 432 -20.70 -5.21 -46.24
N TYR A 433 -19.40 -5.26 -46.51
CA TYR A 433 -18.41 -5.36 -45.45
C TYR A 433 -17.30 -4.33 -45.60
N LEU A 434 -16.57 -4.11 -44.52
CA LEU A 434 -15.40 -3.24 -44.53
C LEU A 434 -14.25 -3.93 -43.79
N HIS A 435 -13.06 -3.90 -44.38
CA HIS A 435 -11.91 -4.56 -43.78
C HIS A 435 -10.70 -3.63 -43.65
N LEU A 436 -10.16 -3.56 -42.44
CA LEU A 436 -8.96 -2.77 -42.17
C LEU A 436 -7.76 -3.70 -41.98
N SER A 437 -6.67 -3.42 -42.69
CA SER A 437 -5.46 -4.23 -42.56
C SER A 437 -4.22 -3.35 -42.34
N VAL A 438 -3.38 -3.77 -41.39
CA VAL A 438 -2.16 -3.03 -41.07
C VAL A 438 -0.95 -3.95 -41.13
N LEU A 439 0.17 -3.42 -41.61
CA LEU A 439 1.39 -4.20 -41.74
C LEU A 439 1.91 -4.62 -40.37
N ARG A 440 2.18 -5.92 -40.22
CA ARG A 440 2.60 -6.47 -38.94
C ARG A 440 4.11 -6.35 -38.71
N THR A 441 4.51 -5.22 -38.13
CA THR A 441 5.92 -4.98 -37.81
C THR A 441 6.01 -4.05 -36.62
N GLU A 442 7.03 -4.24 -35.78
CA GLU A 442 7.21 -3.41 -34.59
C GLU A 442 7.17 -1.93 -34.94
N LEU A 443 6.11 -1.25 -34.52
CA LEU A 443 5.88 0.14 -34.86
C LEU A 443 6.44 1.09 -33.81
N ARG A 444 7.23 2.07 -34.26
CA ARG A 444 7.83 3.05 -33.35
C ARG A 444 7.42 4.46 -33.72
N PRO A 445 7.31 5.34 -32.70
CA PRO A 445 7.00 6.76 -32.91
C PRO A 445 7.99 7.41 -33.86
N GLY A 446 7.50 7.95 -34.96
CA GLY A 446 8.36 8.56 -35.97
C GLY A 446 8.20 7.84 -37.30
N GLU A 447 7.59 6.66 -37.26
CA GLU A 447 7.35 5.87 -38.47
C GLU A 447 5.96 6.19 -39.04
N THR A 448 5.79 5.91 -40.32
CA THR A 448 4.50 6.11 -40.96
C THR A 448 3.82 4.76 -41.23
N LEU A 449 2.60 4.62 -40.72
CA LEU A 449 1.87 3.37 -40.86
C LEU A 449 0.79 3.47 -41.94
N ASN A 450 0.89 2.62 -42.95
CA ASN A 450 -0.11 2.58 -44.01
C ASN A 450 -1.32 1.75 -43.61
N VAL A 451 -2.49 2.41 -43.57
CA VAL A 451 -3.73 1.73 -43.23
C VAL A 451 -4.52 1.41 -44.50
N ASN A 452 -4.86 0.14 -44.67
CA ASN A 452 -5.57 -0.31 -45.86
C ASN A 452 -7.07 -0.43 -45.64
N PHE A 453 -7.85 0.24 -46.49
CA PHE A 453 -9.31 0.15 -46.44
C PHE A 453 -9.83 -0.71 -47.57
N LEU A 454 -10.28 -1.92 -47.23
CA LEU A 454 -10.81 -2.84 -48.23
C LEU A 454 -12.33 -2.86 -48.19
N LEU A 455 -12.95 -2.58 -49.34
CA LEU A 455 -14.40 -2.50 -49.43
C LEU A 455 -15.02 -3.68 -50.17
N ARG A 456 -16.14 -4.17 -49.66
CA ARG A 456 -16.91 -5.21 -50.34
C ARG A 456 -18.40 -4.89 -50.33
N MET A 457 -18.98 -4.79 -51.52
CA MET A 457 -20.40 -4.52 -51.67
C MET A 457 -20.83 -4.63 -53.12
N ASP A 458 -22.12 -4.79 -53.36
CA ASP A 458 -22.65 -4.93 -54.73
C ASP A 458 -22.30 -3.72 -55.59
N ARG A 459 -22.11 -3.95 -56.88
CA ARG A 459 -21.70 -2.90 -57.81
C ARG A 459 -22.71 -1.75 -57.85
N ALA A 460 -23.98 -2.06 -57.63
CA ALA A 460 -25.04 -1.08 -57.76
C ALA A 460 -24.88 0.12 -56.84
N HIS A 461 -24.31 -0.11 -55.66
CA HIS A 461 -24.21 0.94 -54.65
C HIS A 461 -22.77 1.33 -54.33
N GLU A 462 -21.81 0.64 -54.92
CA GLU A 462 -20.41 0.89 -54.64
C GLU A 462 -19.99 2.33 -54.94
N ALA A 463 -20.59 2.90 -55.98
CA ALA A 463 -20.24 4.25 -56.42
C ALA A 463 -20.59 5.32 -55.37
N LYS A 464 -21.59 5.02 -54.55
CA LYS A 464 -22.06 5.98 -53.56
C LYS A 464 -20.99 6.31 -52.50
N ILE A 465 -20.22 5.30 -52.11
CA ILE A 465 -19.17 5.49 -51.11
C ILE A 465 -18.05 6.39 -51.66
N ARG A 466 -17.86 7.54 -51.03
CA ARG A 466 -16.86 8.50 -51.47
C ARG A 466 -15.84 8.83 -50.39
N TYR A 467 -15.99 8.22 -49.22
CA TYR A 467 -15.06 8.45 -48.11
C TYR A 467 -15.28 7.47 -46.95
N TYR A 468 -14.24 7.28 -46.15
CA TYR A 468 -14.33 6.49 -44.94
C TYR A 468 -14.05 7.37 -43.73
N THR A 469 -14.84 7.20 -42.67
CA THR A 469 -14.60 7.91 -41.43
C THR A 469 -13.79 7.05 -40.48
N TYR A 470 -12.61 7.54 -40.09
CA TYR A 470 -11.76 6.79 -39.17
C TYR A 470 -11.54 7.56 -37.87
N LEU A 471 -11.44 6.82 -36.76
CA LEU A 471 -11.18 7.41 -35.45
C LEU A 471 -10.11 6.61 -34.74
N ILE A 472 -9.24 7.31 -34.01
CA ILE A 472 -8.13 6.66 -33.30
C ILE A 472 -8.36 6.68 -31.79
N MET A 473 -8.32 5.52 -31.17
CA MET A 473 -8.50 5.39 -29.73
C MET A 473 -7.18 5.08 -29.04
N ASN A 474 -6.78 5.96 -28.13
CA ASN A 474 -5.55 5.77 -27.39
C ASN A 474 -5.73 6.09 -25.91
N LYS A 475 -5.13 5.27 -25.06
CA LYS A 475 -5.19 5.46 -23.61
C LYS A 475 -6.62 5.67 -23.11
N GLY A 476 -7.59 5.14 -23.85
CA GLY A 476 -8.99 5.19 -23.44
C GLY A 476 -9.75 6.42 -23.91
N ARG A 477 -9.16 7.17 -24.83
CA ARG A 477 -9.80 8.37 -25.35
C ARG A 477 -9.52 8.59 -26.83
N LEU A 478 -10.40 9.34 -27.49
CA LEU A 478 -10.21 9.69 -28.90
C LEU A 478 -8.99 10.58 -29.07
N LEU A 479 -8.02 10.11 -29.84
CA LEU A 479 -6.79 10.85 -30.07
C LEU A 479 -6.87 11.65 -31.36
N LYS A 480 -7.48 11.06 -32.39
CA LYS A 480 -7.56 11.70 -33.70
C LYS A 480 -8.78 11.22 -34.47
N ALA A 481 -9.29 12.07 -35.35
CA ALA A 481 -10.41 11.72 -36.21
C ALA A 481 -10.28 12.43 -37.55
N GLY A 482 -10.50 11.70 -38.64
CA GLY A 482 -10.35 12.26 -39.96
C GLY A 482 -11.17 11.55 -41.03
N ARG A 483 -10.92 11.92 -42.28
CA ARG A 483 -11.64 11.34 -43.41
C ARG A 483 -10.67 10.76 -44.44
N GLN A 484 -11.01 9.59 -44.97
CA GLN A 484 -10.22 8.96 -46.02
C GLN A 484 -11.02 8.90 -47.31
N VAL A 485 -10.67 9.77 -48.25
CA VAL A 485 -11.37 9.87 -49.53
C VAL A 485 -11.27 8.56 -50.31
N ARG A 486 -12.31 8.26 -51.08
CA ARG A 486 -12.31 7.08 -51.96
C ARG A 486 -12.97 7.41 -53.28
N GLU A 487 -12.37 6.92 -54.37
CA GLU A 487 -12.93 7.11 -55.70
C GLU A 487 -13.68 5.85 -56.13
N PRO A 488 -14.79 6.03 -56.87
CA PRO A 488 -15.61 4.91 -57.33
C PRO A 488 -14.80 3.88 -58.11
N GLY A 489 -14.90 2.62 -57.69
CA GLY A 489 -14.19 1.54 -58.36
C GLY A 489 -12.95 1.07 -57.62
N GLN A 490 -12.51 1.87 -56.66
CA GLN A 490 -11.34 1.53 -55.86
C GLN A 490 -11.66 0.52 -54.78
N ASP A 491 -11.08 -0.67 -54.89
CA ASP A 491 -11.26 -1.71 -53.87
C ASP A 491 -10.46 -1.38 -52.62
N LEU A 492 -9.31 -0.73 -52.82
CA LEU A 492 -8.41 -0.42 -51.71
C LEU A 492 -7.95 1.03 -51.73
N VAL A 493 -7.87 1.64 -50.56
CA VAL A 493 -7.30 2.97 -50.40
C VAL A 493 -6.38 2.99 -49.18
N VAL A 494 -5.27 3.70 -49.29
CA VAL A 494 -4.27 3.70 -48.23
C VAL A 494 -4.22 5.02 -47.46
N LEU A 495 -4.14 4.91 -46.13
CA LEU A 495 -4.05 6.08 -45.27
C LEU A 495 -2.66 6.17 -44.62
N PRO A 496 -1.88 7.18 -45.02
CA PRO A 496 -0.57 7.44 -44.42
C PRO A 496 -0.73 8.02 -43.01
N LEU A 497 -0.73 7.15 -42.00
CA LEU A 497 -0.91 7.58 -40.63
C LEU A 497 0.41 7.79 -39.91
N SER A 498 0.64 9.00 -39.43
CA SER A 498 1.85 9.34 -38.70
C SER A 498 1.76 8.89 -37.24
N ILE A 499 2.75 8.13 -36.80
CA ILE A 499 2.76 7.63 -35.43
C ILE A 499 3.66 8.49 -34.55
N THR A 500 3.07 9.12 -33.54
CA THR A 500 3.82 9.95 -32.60
C THR A 500 3.82 9.31 -31.21
N THR A 501 4.50 9.96 -30.27
CA THR A 501 4.60 9.46 -28.91
C THR A 501 3.22 9.29 -28.27
N ASP A 502 2.23 9.99 -28.82
CA ASP A 502 0.87 9.92 -28.30
C ASP A 502 0.26 8.53 -28.48
N PHE A 503 0.79 7.77 -29.43
CA PHE A 503 0.24 6.46 -29.75
C PHE A 503 0.69 5.37 -28.77
N ILE A 504 1.75 5.66 -28.01
CA ILE A 504 2.24 4.73 -26.99
C ILE A 504 1.14 4.50 -25.95
N PRO A 505 0.96 3.25 -25.51
CA PRO A 505 1.70 2.05 -25.90
C PRO A 505 1.02 1.30 -27.03
N SER A 506 -0.23 1.69 -27.32
CA SER A 506 -1.02 1.03 -28.36
C SER A 506 -2.24 1.88 -28.69
N PHE A 507 -2.94 1.51 -29.75
CA PHE A 507 -4.13 2.26 -30.16
C PHE A 507 -5.04 1.43 -31.06
N ARG A 508 -6.31 1.81 -31.11
CA ARG A 508 -7.27 1.16 -32.00
C ARG A 508 -7.71 2.11 -33.10
N LEU A 509 -7.83 1.58 -34.31
CA LEU A 509 -8.30 2.37 -35.43
C LEU A 509 -9.63 1.82 -35.92
N VAL A 510 -10.70 2.59 -35.71
CA VAL A 510 -12.03 2.19 -36.14
C VAL A 510 -12.52 3.06 -37.29
N ALA A 511 -12.92 2.41 -38.38
CA ALA A 511 -13.40 3.12 -39.55
C ALA A 511 -14.79 2.62 -39.96
N TYR A 512 -15.55 3.47 -40.63
CA TYR A 512 -16.87 3.09 -41.11
C TYR A 512 -17.36 3.98 -42.24
N TYR A 513 -18.35 3.49 -42.98
CA TYR A 513 -18.99 4.26 -44.03
C TYR A 513 -20.50 4.05 -43.96
N THR A 514 -21.25 4.95 -44.58
CA THR A 514 -22.70 4.86 -44.56
C THR A 514 -23.30 5.17 -45.94
N LEU A 515 -24.48 4.62 -46.20
CA LEU A 515 -25.14 4.83 -47.48
C LEU A 515 -26.62 4.45 -47.40
N ILE A 516 -27.34 4.72 -48.48
CA ILE A 516 -28.74 4.35 -48.59
C ILE A 516 -28.94 3.37 -49.74
N GLY A 517 -28.95 2.08 -49.43
CA GLY A 517 -29.08 1.05 -50.44
C GLY A 517 -30.26 0.13 -50.23
N ALA A 518 -30.45 -0.79 -51.18
CA ALA A 518 -31.53 -1.76 -51.11
C ALA A 518 -32.89 -1.09 -50.98
N SER A 519 -33.64 -1.46 -49.95
CA SER A 519 -34.97 -0.91 -49.73
C SER A 519 -34.89 0.44 -49.04
N GLY A 520 -34.16 1.37 -49.64
CA GLY A 520 -34.02 2.71 -49.09
C GLY A 520 -33.62 2.71 -47.63
N GLN A 521 -32.87 1.69 -47.23
CA GLN A 521 -32.46 1.54 -45.84
C GLN A 521 -31.13 2.24 -45.58
N ARG A 522 -31.08 3.05 -44.53
CA ARG A 522 -29.84 3.67 -44.10
C ARG A 522 -28.94 2.60 -43.48
N GLU A 523 -27.74 2.44 -44.02
CA GLU A 523 -26.86 1.36 -43.61
C GLU A 523 -25.51 1.87 -43.10
N VAL A 524 -25.03 1.25 -42.02
CA VAL A 524 -23.73 1.60 -41.46
C VAL A 524 -22.82 0.38 -41.38
N VAL A 525 -21.69 0.45 -42.06
CA VAL A 525 -20.72 -0.65 -42.04
C VAL A 525 -19.43 -0.18 -41.38
N ALA A 526 -18.97 -0.93 -40.38
CA ALA A 526 -17.81 -0.53 -39.61
C ALA A 526 -16.82 -1.68 -39.37
N ASP A 527 -15.57 -1.32 -39.11
CA ASP A 527 -14.54 -2.29 -38.78
C ASP A 527 -13.49 -1.62 -37.90
N SER A 528 -12.72 -2.43 -37.17
CA SER A 528 -11.69 -1.88 -36.29
C SER A 528 -10.49 -2.82 -36.16
N VAL A 529 -9.33 -2.24 -35.92
CA VAL A 529 -8.10 -3.02 -35.75
C VAL A 529 -7.30 -2.48 -34.57
N TRP A 530 -6.66 -3.37 -33.84
CA TRP A 530 -5.80 -2.98 -32.72
C TRP A 530 -4.34 -3.01 -33.15
N VAL A 531 -3.66 -1.87 -33.01
CA VAL A 531 -2.26 -1.77 -33.39
C VAL A 531 -1.37 -1.55 -32.18
N ASP A 532 -0.32 -2.36 -32.07
CA ASP A 532 0.60 -2.27 -30.94
C ASP A 532 1.78 -1.36 -31.28
N VAL A 533 2.22 -0.59 -30.29
CA VAL A 533 3.35 0.30 -30.46
C VAL A 533 4.47 -0.02 -29.48
N LYS A 534 5.71 0.08 -29.96
CA LYS A 534 6.89 -0.18 -29.14
C LYS A 534 6.80 0.56 -27.82
N ASP A 535 6.90 -0.17 -26.71
CA ASP A 535 6.82 0.44 -25.38
C ASP A 535 8.09 1.18 -25.02
N SER A 536 7.94 2.39 -24.51
CA SER A 536 9.06 3.21 -24.08
C SER A 536 8.57 4.51 -23.47
N CYS A 537 9.48 5.28 -22.89
CA CYS A 537 9.13 6.58 -22.35
C CYS A 537 8.84 7.56 -23.48
N VAL A 538 7.87 8.44 -23.28
CA VAL A 538 7.56 9.46 -24.26
C VAL A 538 8.81 10.29 -24.53
N GLY A 539 9.54 10.59 -23.46
CA GLY A 539 10.82 11.25 -23.57
C GLY A 539 11.95 10.26 -23.44
N SER A 540 12.89 10.53 -22.54
CA SER A 540 14.00 9.63 -22.29
C SER A 540 14.74 9.98 -21.02
N LEU A 541 15.23 8.96 -20.31
CA LEU A 541 15.98 9.16 -19.08
C LEU A 541 17.10 8.13 -18.97
N VAL A 542 18.33 8.62 -18.77
CA VAL A 542 19.48 7.74 -18.70
C VAL A 542 20.42 8.13 -17.55
N VAL A 543 20.96 7.13 -16.87
CA VAL A 543 21.94 7.37 -15.80
C VAL A 543 23.24 6.65 -16.14
N LYS A 544 24.33 7.41 -16.24
CA LYS A 544 25.62 6.84 -16.59
C LYS A 544 26.74 7.52 -15.80
N SER A 545 27.96 7.02 -15.99
CA SER A 545 29.13 7.57 -15.31
C SER A 545 29.52 8.91 -15.92
N GLY A 546 30.00 9.81 -15.07
CA GLY A 546 30.45 11.12 -15.53
C GLY A 546 31.95 11.27 -15.43
N GLN A 547 32.62 10.17 -15.10
CA GLN A 547 34.07 10.16 -14.96
C GLN A 547 34.70 9.04 -15.77
N SER A 548 36.03 9.10 -15.94
CA SER A 548 36.75 8.10 -16.72
C SER A 548 36.42 6.69 -16.24
N GLU A 549 36.34 5.75 -17.19
CA GLU A 549 35.99 4.38 -16.87
C GLU A 549 37.12 3.66 -16.13
N ASP A 550 38.35 4.12 -16.34
CA ASP A 550 39.51 3.54 -15.68
C ASP A 550 39.38 3.65 -14.16
N ARG A 551 38.78 4.76 -13.72
CA ARG A 551 38.64 5.04 -12.30
C ARG A 551 37.61 4.13 -11.64
N GLN A 552 38.04 3.43 -10.59
CA GLN A 552 37.14 2.55 -9.84
C GLN A 552 36.74 3.17 -8.51
N PRO A 553 35.43 3.23 -8.25
CA PRO A 553 34.86 3.80 -7.02
C PRO A 553 35.47 3.21 -5.76
N VAL A 554 35.80 4.09 -4.81
CA VAL A 554 36.34 3.66 -3.52
C VAL A 554 35.41 4.15 -2.41
N PRO A 555 35.20 3.33 -1.38
CA PRO A 555 34.31 3.70 -0.28
C PRO A 555 34.64 5.10 0.27
N GLY A 556 33.65 5.98 0.30
CA GLY A 556 33.82 7.31 0.82
C GLY A 556 34.40 8.28 -0.19
N GLN A 557 34.61 7.81 -1.41
CA GLN A 557 35.19 8.63 -2.47
C GLN A 557 34.10 9.38 -3.23
N GLN A 558 34.48 10.51 -3.82
CA GLN A 558 33.55 11.30 -4.62
C GLN A 558 33.35 10.67 -5.99
N MET A 559 32.12 10.72 -6.50
CA MET A 559 31.81 10.19 -7.82
C MET A 559 30.91 11.15 -8.59
N THR A 560 31.06 11.15 -9.91
CA THR A 560 30.26 12.01 -10.76
C THR A 560 29.27 11.20 -11.60
N LEU A 561 27.99 11.52 -11.47
CA LEU A 561 26.95 10.86 -12.24
C LEU A 561 26.45 11.77 -13.35
N LYS A 562 26.26 11.20 -14.54
CA LYS A 562 25.75 11.96 -15.67
C LYS A 562 24.27 11.65 -15.89
N ILE A 563 23.41 12.63 -15.62
CA ILE A 563 21.98 12.46 -15.81
C ILE A 563 21.50 13.20 -17.05
N GLU A 564 21.12 12.45 -18.07
CA GLU A 564 20.61 13.02 -19.31
C GLU A 564 19.14 12.66 -19.52
N GLY A 565 18.29 13.67 -19.57
CA GLY A 565 16.86 13.46 -19.74
C GLY A 565 16.15 14.67 -20.33
N ASP A 566 14.83 14.69 -20.21
CA ASP A 566 14.03 15.78 -20.77
C ASP A 566 14.30 17.09 -20.07
N HIS A 567 14.24 18.19 -20.82
CA HIS A 567 14.52 19.50 -20.26
C HIS A 567 13.40 19.98 -19.36
N GLY A 568 13.76 20.47 -18.17
CA GLY A 568 12.79 20.96 -17.22
C GLY A 568 12.13 19.85 -16.41
N ALA A 569 12.57 18.61 -16.65
CA ALA A 569 12.01 17.46 -15.94
C ALA A 569 12.60 17.32 -14.55
N ARG A 570 11.78 16.89 -13.61
CA ARG A 570 12.25 16.63 -12.25
C ARG A 570 12.65 15.17 -12.11
N VAL A 571 13.92 14.95 -11.74
CA VAL A 571 14.45 13.60 -11.62
C VAL A 571 14.66 13.20 -10.16
N VAL A 572 13.97 12.14 -9.74
CA VAL A 572 14.15 11.60 -8.40
C VAL A 572 15.04 10.37 -8.44
N LEU A 573 15.98 10.29 -7.51
CA LEU A 573 17.00 9.24 -7.54
C LEU A 573 16.95 8.33 -6.31
N VAL A 574 17.61 7.18 -6.42
CA VAL A 574 17.74 6.25 -5.31
C VAL A 574 18.84 5.24 -5.60
N ALA A 575 19.58 4.86 -4.56
CA ALA A 575 20.64 3.87 -4.69
C ALA A 575 20.38 2.70 -3.75
N VAL A 576 20.37 1.49 -4.30
CA VAL A 576 20.07 0.29 -3.52
C VAL A 576 21.18 -0.74 -3.62
N ASP A 577 21.57 -1.31 -2.48
CA ASP A 577 22.58 -2.35 -2.45
C ASP A 577 22.05 -3.62 -3.11
N LYS A 578 22.78 -4.13 -4.09
CA LYS A 578 22.37 -5.34 -4.81
C LYS A 578 22.03 -6.48 -3.87
N GLY A 579 22.65 -6.48 -2.69
CA GLY A 579 22.38 -7.50 -1.68
C GLY A 579 20.92 -7.55 -1.31
N VAL A 580 20.27 -6.40 -1.33
CA VAL A 580 18.84 -6.31 -1.03
C VAL A 580 18.03 -7.11 -2.04
N PHE A 581 18.42 -7.02 -3.31
CA PHE A 581 17.72 -7.73 -4.37
C PHE A 581 17.92 -9.24 -4.27
N VAL A 582 19.01 -9.65 -3.63
CA VAL A 582 19.29 -11.07 -3.43
C VAL A 582 18.22 -11.68 -2.51
N LEU A 583 17.77 -10.89 -1.55
CA LEU A 583 16.74 -11.33 -0.61
C LEU A 583 15.35 -11.13 -1.20
N ASN A 584 15.18 -10.10 -2.02
CA ASN A 584 13.90 -9.79 -2.62
C ASN A 584 14.03 -8.84 -3.81
N LYS A 585 13.46 -9.24 -4.94
CA LYS A 585 13.50 -8.42 -6.15
C LYS A 585 12.10 -8.19 -6.71
N LYS A 586 11.10 -8.48 -5.90
CA LYS A 586 9.71 -8.31 -6.32
C LYS A 586 9.26 -6.86 -6.17
N ASN A 587 8.33 -6.45 -7.02
CA ASN A 587 7.73 -5.13 -6.93
C ASN A 587 8.69 -3.97 -7.22
N LYS A 588 9.52 -4.12 -8.23
CA LYS A 588 10.43 -3.05 -8.63
C LYS A 588 9.84 -2.23 -9.78
N LEU A 589 9.78 -0.91 -9.59
CA LEU A 589 9.17 -0.02 -10.55
C LEU A 589 9.92 0.00 -11.88
N THR A 590 9.21 -0.30 -12.96
CA THR A 590 9.78 -0.26 -14.31
C THR A 590 8.81 0.42 -15.26
N GLN A 591 9.35 1.01 -16.32
CA GLN A 591 8.52 1.69 -17.32
C GLN A 591 7.49 0.74 -17.90
N SER A 592 7.83 -0.54 -17.96
CA SER A 592 6.94 -1.55 -18.52
C SER A 592 5.72 -1.75 -17.63
N LYS A 593 5.92 -1.69 -16.32
CA LYS A 593 4.82 -1.88 -15.38
C LYS A 593 3.83 -0.71 -15.43
N ILE A 594 4.34 0.48 -15.73
CA ILE A 594 3.50 1.67 -15.87
C ILE A 594 2.56 1.52 -17.06
N TRP A 595 3.12 1.07 -18.19
CA TRP A 595 2.32 0.86 -19.40
C TRP A 595 1.33 -0.29 -19.20
N ASP A 596 1.73 -1.27 -18.40
CA ASP A 596 0.85 -2.40 -18.09
C ASP A 596 -0.44 -1.89 -17.45
N VAL A 597 -0.28 -1.06 -16.43
CA VAL A 597 -1.43 -0.46 -15.74
C VAL A 597 -2.32 0.31 -16.72
N VAL A 598 -1.69 1.10 -17.59
CA VAL A 598 -2.42 1.89 -18.57
C VAL A 598 -3.21 1.00 -19.52
N GLU A 599 -2.62 -0.12 -19.91
CA GLU A 599 -3.26 -1.04 -20.84
C GLU A 599 -4.45 -1.73 -20.18
N LYS A 600 -4.34 -2.01 -18.88
CA LYS A 600 -5.42 -2.63 -18.13
C LYS A 600 -6.65 -1.73 -18.13
N ALA A 601 -6.43 -0.43 -17.96
CA ALA A 601 -7.52 0.53 -17.83
C ALA A 601 -8.27 0.74 -19.16
N ASP A 602 -7.64 0.34 -20.26
CA ASP A 602 -8.23 0.51 -21.59
C ASP A 602 -9.70 0.09 -21.60
N ILE A 603 -10.53 0.92 -22.22
CA ILE A 603 -11.96 0.66 -22.29
C ILE A 603 -12.29 -0.35 -23.40
N GLY A 604 -11.42 -0.45 -24.39
CA GLY A 604 -11.58 -1.43 -25.45
C GLY A 604 -11.40 -2.83 -24.90
N CYS A 605 -12.13 -3.79 -25.46
CA CYS A 605 -12.12 -5.15 -24.93
C CYS A 605 -11.75 -6.21 -25.97
N THR A 606 -11.69 -5.82 -27.23
CA THR A 606 -11.38 -6.76 -28.31
C THR A 606 -10.28 -6.25 -29.22
N PRO A 607 -9.58 -7.17 -29.90
CA PRO A 607 -8.56 -6.82 -30.88
C PRO A 607 -9.13 -6.04 -32.06
N GLY A 608 -10.40 -6.26 -32.37
CA GLY A 608 -11.05 -5.54 -33.46
C GLY A 608 -12.28 -6.24 -34.00
N SER A 609 -12.93 -5.60 -34.97
CA SER A 609 -14.15 -6.13 -35.58
C SER A 609 -15.26 -6.31 -34.56
N GLY A 610 -16.29 -7.06 -34.95
CA GLY A 610 -17.43 -7.31 -34.07
C GLY A 610 -18.55 -8.03 -34.79
N LYS A 611 -19.55 -8.46 -34.02
CA LYS A 611 -20.69 -9.18 -34.58
C LYS A 611 -21.46 -8.32 -35.58
N ASP A 612 -21.45 -7.01 -35.35
CA ASP A 612 -22.10 -6.07 -36.26
C ASP A 612 -21.50 -4.67 -36.08
N TYR A 613 -21.92 -3.73 -36.91
CA TYR A 613 -21.36 -2.38 -36.88
C TYR A 613 -21.44 -1.80 -35.46
N ALA A 614 -22.56 -2.04 -34.79
CA ALA A 614 -22.75 -1.59 -33.43
C ALA A 614 -21.72 -2.22 -32.49
N GLY A 615 -21.48 -3.51 -32.67
CA GLY A 615 -20.51 -4.23 -31.88
C GLY A 615 -19.09 -3.77 -32.15
N VAL A 616 -18.84 -3.32 -33.38
CA VAL A 616 -17.52 -2.84 -33.76
C VAL A 616 -17.14 -1.61 -32.94
N PHE A 617 -18.08 -0.68 -32.80
CA PHE A 617 -17.86 0.53 -32.03
C PHE A 617 -17.70 0.22 -30.53
N SER A 618 -18.63 -0.57 -30.00
CA SER A 618 -18.63 -0.90 -28.58
C SER A 618 -17.40 -1.68 -28.15
N ASP A 619 -17.00 -2.64 -28.97
CA ASP A 619 -15.83 -3.46 -28.65
C ASP A 619 -14.55 -2.61 -28.59
N ALA A 620 -14.54 -1.53 -29.37
CA ALA A 620 -13.39 -0.65 -29.43
C ALA A 620 -13.43 0.39 -28.31
N GLY A 621 -14.58 0.49 -27.66
CA GLY A 621 -14.78 1.46 -26.60
C GLY A 621 -15.36 2.77 -27.12
N LEU A 622 -16.36 2.65 -27.99
CA LEU A 622 -16.99 3.81 -28.59
C LEU A 622 -18.51 3.68 -28.64
N THR A 623 -19.19 4.82 -28.68
CA THR A 623 -20.63 4.85 -28.82
C THR A 623 -20.99 5.56 -30.11
N PHE A 624 -21.90 4.97 -30.88
CA PHE A 624 -22.36 5.57 -32.12
C PHE A 624 -23.85 5.83 -32.06
N THR A 625 -24.26 7.04 -32.44
CA THR A 625 -25.67 7.41 -32.42
C THR A 625 -26.01 8.32 -33.60
N SER A 626 -27.00 7.91 -34.39
CA SER A 626 -27.43 8.69 -35.54
C SER A 626 -28.87 9.14 -35.39
N SER A 627 -29.25 10.19 -36.13
CA SER A 627 -30.59 10.75 -36.05
C SER A 627 -31.63 9.81 -36.62
N SER A 628 -31.23 8.99 -37.58
CA SER A 628 -32.15 8.07 -38.25
C SER A 628 -32.60 6.93 -37.34
N GLY A 629 -31.70 6.45 -36.49
CA GLY A 629 -32.06 5.41 -35.54
C GLY A 629 -30.94 4.43 -35.20
N GLN A 630 -29.90 4.40 -36.02
CA GLN A 630 -28.78 3.51 -35.79
C GLN A 630 -27.96 3.97 -34.59
N GLN A 631 -27.77 3.07 -33.63
CA GLN A 631 -27.00 3.39 -32.43
C GLN A 631 -26.43 2.13 -31.78
N THR A 632 -25.38 2.30 -31.01
CA THR A 632 -24.78 1.20 -30.25
C THR A 632 -25.64 0.89 -29.03
N ALA A 633 -25.60 -0.35 -28.57
CA ALA A 633 -26.33 -0.74 -27.38
C ALA A 633 -25.77 0.01 -26.17
N GLN A 634 -26.51 0.01 -25.07
CA GLN A 634 -26.06 0.70 -23.86
C GLN A 634 -24.96 -0.08 -23.18
N ARG A 635 -24.00 0.64 -22.59
CA ARG A 635 -22.97 0.01 -21.78
C ARG A 635 -23.08 0.44 -20.32
N ALA A 636 -23.33 -0.53 -19.44
CA ALA A 636 -23.49 -0.24 -18.02
C ALA A 636 -22.38 -0.90 -17.20
N GLU A 637 -21.38 -1.45 -17.89
CA GLU A 637 -20.28 -2.13 -17.22
C GLU A 637 -18.98 -1.33 -17.33
N LEU A 638 -18.36 -1.05 -16.18
CA LEU A 638 -17.11 -0.32 -16.14
C LEU A 638 -15.94 -1.18 -16.60
N GLN A 639 -16.07 -2.49 -16.42
CA GLN A 639 -15.01 -3.42 -16.78
C GLN A 639 -15.37 -4.24 -18.01
N CYS A 640 -14.37 -4.82 -18.65
CA CYS A 640 -14.57 -5.65 -19.83
C CYS A 640 -15.08 -7.04 -19.45
N PRO A 641 -15.86 -7.67 -20.34
CA PRO A 641 -16.36 -9.03 -20.13
C PRO A 641 -15.22 -10.01 -19.93
N GLN A 642 -15.45 -11.04 -19.12
CA GLN A 642 -14.42 -12.03 -18.84
C GLN A 642 -14.04 -12.81 -20.09
N ASP B 4 53.55 0.14 16.67
CA ASP B 4 54.88 -0.37 16.39
C ASP B 4 55.59 0.50 15.35
N GLU B 5 56.27 -0.17 14.42
CA GLU B 5 56.97 0.53 13.35
C GLU B 5 56.40 0.13 11.99
N ASP B 6 56.42 1.06 11.04
CA ASP B 6 55.86 0.81 9.72
C ASP B 6 54.42 0.30 9.78
N ILE B 7 53.56 1.05 10.49
CA ILE B 7 52.15 0.69 10.58
C ILE B 7 51.32 1.85 11.13
N ILE B 8 50.13 2.02 10.57
CA ILE B 8 49.23 3.08 11.01
C ILE B 8 48.83 2.90 12.46
N ALA B 9 48.82 3.99 13.22
CA ALA B 9 48.37 3.93 14.60
C ALA B 9 46.87 3.68 14.66
N GLU B 10 46.43 2.95 15.69
CA GLU B 10 45.02 2.61 15.84
C GLU B 10 44.15 3.85 15.87
N GLU B 11 44.66 4.91 16.51
CA GLU B 11 43.92 6.14 16.69
C GLU B 11 43.77 6.89 15.37
N ASN B 12 44.69 6.63 14.44
CA ASN B 12 44.67 7.29 13.13
C ASN B 12 43.72 6.62 12.14
N ILE B 13 43.18 5.47 12.52
CA ILE B 13 42.28 4.72 11.65
C ILE B 13 40.82 5.00 11.99
N VAL B 14 40.06 5.42 10.98
CA VAL B 14 38.63 5.65 11.16
C VAL B 14 37.83 4.57 10.43
N SER B 15 37.19 3.71 11.20
CA SER B 15 36.46 2.57 10.64
C SER B 15 35.26 2.99 9.80
N ARG B 16 34.99 2.20 8.76
CA ARG B 16 33.82 2.42 7.91
C ARG B 16 32.55 2.09 8.71
N SER B 17 31.62 3.04 8.75
CA SER B 17 30.43 2.90 9.57
C SER B 17 29.14 3.04 8.76
N GLU B 18 29.22 3.76 7.65
CA GLU B 18 28.05 4.01 6.81
C GLU B 18 27.72 2.82 5.91
N PHE B 19 26.76 2.01 6.35
CA PHE B 19 26.34 0.85 5.56
C PHE B 19 24.84 0.83 5.31
N PRO B 20 24.31 1.88 4.66
CA PRO B 20 22.88 1.95 4.36
C PRO B 20 22.49 0.95 3.28
N GLU B 21 21.35 0.30 3.43
CA GLU B 21 20.85 -0.61 2.41
C GLU B 21 20.31 0.17 1.22
N SER B 22 20.01 1.44 1.46
CA SER B 22 19.58 2.35 0.40
C SER B 22 19.90 3.79 0.77
N TRP B 23 20.28 4.58 -0.23
CA TRP B 23 20.62 5.98 -0.02
C TRP B 23 20.42 6.78 -1.29
N LEU B 24 21.00 7.98 -1.34
CA LEU B 24 20.89 8.85 -2.51
C LEU B 24 19.42 9.10 -2.85
N TRP B 25 18.61 9.33 -1.81
CA TRP B 25 17.20 9.64 -1.98
C TRP B 25 17.05 11.13 -2.25
N ASN B 26 17.57 11.58 -3.39
CA ASN B 26 17.66 13.00 -3.70
C ASN B 26 16.83 13.43 -4.90
N VAL B 27 16.82 14.74 -5.18
CA VAL B 27 16.09 15.28 -6.31
C VAL B 27 16.96 16.23 -7.14
N GLU B 28 16.84 16.14 -8.45
CA GLU B 28 17.58 17.01 -9.35
C GLU B 28 16.66 17.58 -10.44
N ASP B 29 16.95 18.81 -10.86
CA ASP B 29 16.18 19.45 -11.91
C ASP B 29 17.03 19.72 -13.15
N LEU B 30 16.64 19.14 -14.27
CA LEU B 30 17.38 19.29 -15.52
C LEU B 30 17.09 20.64 -16.16
N LYS B 31 17.80 21.67 -15.72
CA LYS B 31 17.58 23.02 -16.21
C LYS B 31 18.67 23.45 -17.20
N GLU B 32 19.59 22.54 -17.49
CA GLU B 32 20.69 22.82 -18.41
C GLU B 32 20.17 22.95 -19.85
N PRO B 33 20.84 23.78 -20.66
CA PRO B 33 20.47 23.97 -22.06
C PRO B 33 20.35 22.64 -22.80
N PRO B 34 19.19 22.37 -23.40
CA PRO B 34 18.90 21.10 -24.08
C PRO B 34 19.71 20.92 -25.36
N LYS B 35 20.12 19.68 -25.63
CA LYS B 35 20.76 19.33 -26.89
C LYS B 35 19.96 18.23 -27.58
N ASN B 36 19.22 18.61 -28.60
CA ASN B 36 18.34 17.67 -29.29
C ASN B 36 17.24 17.16 -28.38
N GLY B 37 16.77 18.01 -27.47
CA GLY B 37 15.71 17.65 -26.55
C GLY B 37 16.22 16.94 -25.31
N ILE B 38 17.55 16.79 -25.22
CA ILE B 38 18.17 16.09 -24.10
C ILE B 38 19.06 17.01 -23.28
N SER B 39 18.69 17.21 -22.02
CA SER B 39 19.49 18.01 -21.10
C SER B 39 20.35 17.12 -20.23
N THR B 40 21.63 17.47 -20.12
CA THR B 40 22.57 16.67 -19.33
C THR B 40 23.01 17.41 -18.07
N LYS B 41 23.05 16.71 -16.95
CA LYS B 41 23.46 17.31 -15.69
C LYS B 41 24.48 16.44 -14.97
N LEU B 42 25.60 17.04 -14.58
CA LEU B 42 26.63 16.33 -13.83
C LEU B 42 26.38 16.46 -12.32
N MET B 43 26.17 15.34 -11.66
CA MET B 43 25.85 15.33 -10.23
C MET B 43 26.96 14.69 -9.41
N ASN B 44 27.47 15.43 -8.43
CA ASN B 44 28.51 14.93 -7.54
C ASN B 44 27.95 14.28 -6.29
N ILE B 45 28.30 13.02 -6.08
CA ILE B 45 27.84 12.28 -4.90
C ILE B 45 29.01 11.67 -4.15
N PHE B 46 28.80 11.38 -2.87
CA PHE B 46 29.80 10.70 -2.06
C PHE B 46 29.37 9.28 -1.75
N LEU B 47 30.16 8.31 -2.23
CA LEU B 47 29.84 6.90 -2.04
C LEU B 47 29.87 6.50 -0.57
N LYS B 48 29.02 5.54 -0.21
CA LYS B 48 28.97 5.04 1.15
C LYS B 48 30.15 4.13 1.44
N ASP B 49 30.23 3.63 2.67
CA ASP B 49 31.35 2.80 3.09
C ASP B 49 31.22 1.36 2.60
N SER B 50 29.98 0.92 2.37
CA SER B 50 29.71 -0.46 1.99
C SER B 50 30.53 -0.90 0.77
N ILE B 51 31.16 -2.06 0.88
CA ILE B 51 31.89 -2.66 -0.23
C ILE B 51 30.96 -3.53 -1.04
N THR B 52 30.30 -2.94 -2.04
CA THR B 52 29.32 -3.66 -2.83
C THR B 52 28.97 -2.91 -4.11
N THR B 53 28.05 -3.47 -4.89
CA THR B 53 27.56 -2.81 -6.08
C THR B 53 26.24 -2.10 -5.79
N TRP B 54 26.18 -0.81 -6.10
CA TRP B 54 24.97 -0.03 -5.92
C TRP B 54 24.15 0.00 -7.20
N GLU B 55 22.84 -0.15 -7.06
CA GLU B 55 21.94 -0.05 -8.21
C GLU B 55 21.16 1.25 -8.13
N ILE B 56 21.53 2.22 -8.97
CA ILE B 56 20.90 3.52 -8.96
C ILE B 56 19.70 3.60 -9.91
N LEU B 57 18.52 3.78 -9.34
CA LEU B 57 17.31 3.92 -10.14
C LEU B 57 16.88 5.37 -10.20
N ALA B 58 16.51 5.83 -11.40
CA ALA B 58 16.11 7.21 -11.60
C ALA B 58 14.75 7.31 -12.29
N VAL B 59 13.89 8.17 -11.75
CA VAL B 59 12.59 8.43 -12.35
C VAL B 59 12.44 9.92 -12.64
N SER B 60 11.87 10.25 -13.79
CA SER B 60 11.70 11.64 -14.18
C SER B 60 10.23 11.99 -14.39
N MET B 61 9.89 13.25 -14.15
CA MET B 61 8.55 13.76 -14.37
C MET B 61 8.60 15.05 -15.16
N SER B 62 7.85 15.12 -16.25
CA SER B 62 7.83 16.30 -17.11
C SER B 62 6.41 16.74 -17.42
N ASP B 63 6.22 18.05 -17.53
CA ASP B 63 4.90 18.61 -17.84
C ASP B 63 4.40 18.14 -19.19
N LYS B 64 5.32 17.95 -20.12
CA LYS B 64 4.97 17.59 -21.49
C LYS B 64 5.22 16.11 -21.79
N LYS B 65 6.41 15.64 -21.43
CA LYS B 65 6.80 14.26 -21.72
C LYS B 65 6.08 13.26 -20.81
N GLY B 66 5.89 13.63 -19.55
CA GLY B 66 5.24 12.75 -18.60
C GLY B 66 6.23 11.99 -17.72
N ILE B 67 5.80 10.86 -17.20
CA ILE B 67 6.65 10.05 -16.33
C ILE B 67 7.54 9.11 -17.13
N CYS B 68 8.74 8.83 -16.63
CA CYS B 68 9.68 7.95 -17.30
C CYS B 68 10.63 7.28 -16.31
N VAL B 69 10.69 5.96 -16.36
CA VAL B 69 11.58 5.19 -15.50
C VAL B 69 12.81 4.73 -16.26
N ALA B 70 13.99 5.12 -15.76
CA ALA B 70 15.24 4.81 -16.44
C ALA B 70 15.74 3.40 -16.09
N ASP B 71 16.65 2.89 -16.91
CA ASP B 71 17.27 1.60 -16.65
C ASP B 71 18.23 1.69 -15.48
N PRO B 72 18.29 0.65 -14.65
CA PRO B 72 19.17 0.62 -13.47
C PRO B 72 20.63 0.78 -13.85
N PHE B 73 21.29 1.76 -13.25
CA PHE B 73 22.72 1.96 -13.45
C PHE B 73 23.49 1.44 -12.25
N GLU B 74 24.46 0.57 -12.51
CA GLU B 74 25.20 -0.08 -11.43
C GLU B 74 26.56 0.56 -11.18
N VAL B 75 26.97 0.59 -9.91
CA VAL B 75 28.26 1.14 -9.52
C VAL B 75 28.96 0.19 -8.55
N THR B 76 30.10 -0.35 -8.96
CA THR B 76 30.84 -1.28 -8.12
C THR B 76 31.90 -0.55 -7.29
N VAL B 77 31.81 -0.70 -5.97
CA VAL B 77 32.76 -0.07 -5.07
C VAL B 77 33.59 -1.13 -4.35
N MET B 78 34.91 -1.01 -4.44
CA MET B 78 35.78 -2.03 -3.87
C MET B 78 37.14 -1.46 -3.43
N GLN B 79 37.85 -2.23 -2.61
CA GLN B 79 39.19 -1.87 -2.16
C GLN B 79 40.13 -3.07 -2.26
N ASP B 80 41.42 -2.79 -2.39
CA ASP B 80 42.42 -3.86 -2.42
C ASP B 80 42.43 -4.62 -1.10
N PHE B 81 42.36 -3.89 0.00
CA PHE B 81 42.34 -4.49 1.32
C PHE B 81 41.19 -3.94 2.16
N PHE B 82 40.33 -4.82 2.64
CA PHE B 82 39.19 -4.42 3.48
C PHE B 82 38.77 -5.52 4.44
N ILE B 83 37.95 -5.16 5.42
CA ILE B 83 37.45 -6.11 6.40
C ILE B 83 35.94 -6.29 6.26
N ASP B 84 35.48 -7.52 6.33
CA ASP B 84 34.06 -7.81 6.27
C ASP B 84 33.59 -8.43 7.59
N LEU B 85 33.05 -7.60 8.46
CA LEU B 85 32.60 -8.06 9.78
C LEU B 85 31.17 -8.60 9.70
N ARG B 86 31.05 -9.91 9.73
CA ARG B 86 29.75 -10.57 9.63
C ARG B 86 29.07 -10.67 10.99
N LEU B 87 28.08 -9.81 11.22
CA LEU B 87 27.31 -9.82 12.45
C LEU B 87 25.92 -10.38 12.24
N PRO B 88 25.47 -11.25 13.17
CA PRO B 88 24.11 -11.77 13.15
C PRO B 88 23.10 -10.65 13.39
N TYR B 89 21.85 -10.86 12.97
CA TYR B 89 20.83 -9.83 13.16
C TYR B 89 20.65 -9.48 14.63
N SER B 90 20.72 -10.49 15.48
CA SER B 90 20.60 -10.28 16.92
C SER B 90 21.26 -11.41 17.70
N VAL B 91 21.71 -11.09 18.91
CA VAL B 91 22.34 -12.08 19.79
C VAL B 91 21.74 -12.01 21.19
N VAL B 92 21.65 -13.17 21.84
CA VAL B 92 21.05 -13.26 23.17
C VAL B 92 22.01 -12.74 24.24
N ARG B 93 21.47 -11.98 25.18
CA ARG B 93 22.26 -11.46 26.30
C ARG B 93 22.84 -12.58 27.14
N ASN B 94 24.07 -12.38 27.62
CA ASN B 94 24.72 -13.33 28.51
C ASN B 94 25.00 -14.69 27.86
N GLU B 95 24.89 -14.74 26.54
CA GLU B 95 25.22 -15.96 25.80
C GLU B 95 26.51 -15.78 25.01
N GLN B 96 27.47 -16.68 25.25
CA GLN B 96 28.75 -16.63 24.57
C GLN B 96 28.58 -16.97 23.10
N VAL B 97 28.89 -16.02 22.23
CA VAL B 97 28.78 -16.22 20.78
C VAL B 97 30.09 -15.94 20.07
N GLU B 98 30.17 -16.36 18.81
CA GLU B 98 31.38 -16.15 18.01
C GLU B 98 31.08 -15.38 16.73
N ILE B 99 31.77 -14.26 16.55
CA ILE B 99 31.65 -13.47 15.33
C ILE B 99 32.91 -13.63 14.49
N ARG B 100 32.77 -13.52 13.17
CA ARG B 100 33.89 -13.74 12.27
C ARG B 100 34.24 -12.48 11.48
N ALA B 101 35.48 -12.03 11.64
CA ALA B 101 35.98 -10.89 10.89
C ALA B 101 36.87 -11.39 9.76
N VAL B 102 36.41 -11.19 8.52
CA VAL B 102 37.15 -11.69 7.36
C VAL B 102 37.96 -10.58 6.68
N LEU B 103 39.26 -10.80 6.58
CA LEU B 103 40.15 -9.85 5.92
C LEU B 103 40.41 -10.27 4.48
N TYR B 104 40.17 -9.36 3.55
CA TYR B 104 40.34 -9.64 2.13
C TYR B 104 41.54 -8.92 1.53
N ASN B 105 42.29 -9.64 0.70
CA ASN B 105 43.41 -9.06 -0.04
C ASN B 105 43.31 -9.42 -1.51
N TYR B 106 42.97 -8.44 -2.34
CA TYR B 106 42.74 -8.68 -3.76
C TYR B 106 43.90 -8.23 -4.64
N ARG B 107 45.05 -7.96 -4.02
CA ARG B 107 46.25 -7.64 -4.78
C ARG B 107 46.74 -8.88 -5.53
N GLN B 108 46.91 -8.74 -6.83
CA GLN B 108 47.15 -9.89 -7.71
C GLN B 108 48.28 -10.79 -7.24
N ASN B 109 49.44 -10.20 -6.94
CA ASN B 109 50.59 -10.96 -6.49
C ASN B 109 51.44 -10.23 -5.46
N GLN B 110 50.87 -10.04 -4.27
CA GLN B 110 51.58 -9.39 -3.18
C GLN B 110 50.95 -9.76 -1.84
N GLU B 111 51.76 -10.37 -0.97
CA GLU B 111 51.30 -10.75 0.36
C GLU B 111 51.35 -9.55 1.31
N LEU B 112 50.44 -9.52 2.26
CA LEU B 112 50.38 -8.43 3.22
C LEU B 112 50.38 -8.93 4.66
N LYS B 113 51.24 -8.35 5.49
CA LYS B 113 51.29 -8.68 6.90
C LYS B 113 50.39 -7.73 7.68
N VAL B 114 49.26 -8.23 8.14
CA VAL B 114 48.25 -7.39 8.76
C VAL B 114 48.10 -7.64 10.26
N ARG B 115 47.89 -6.58 11.02
CA ARG B 115 47.57 -6.69 12.44
C ARG B 115 46.13 -6.27 12.67
N VAL B 116 45.27 -7.26 12.92
CA VAL B 116 43.85 -7.00 13.15
C VAL B 116 43.54 -6.90 14.64
N GLU B 117 42.85 -5.83 15.03
CA GLU B 117 42.54 -5.58 16.43
C GLU B 117 41.05 -5.44 16.68
N LEU B 118 40.58 -6.00 17.79
CA LEU B 118 39.20 -5.85 18.23
C LEU B 118 39.11 -4.83 19.35
N LEU B 119 38.48 -3.70 19.08
CA LEU B 119 38.37 -2.64 20.08
C LEU B 119 37.53 -3.05 21.29
N HIS B 120 37.83 -2.45 22.43
CA HIS B 120 37.13 -2.76 23.67
C HIS B 120 35.78 -2.05 23.74
N ASN B 121 34.85 -2.66 24.46
CA ASN B 121 33.51 -2.09 24.64
C ASN B 121 32.87 -2.60 25.93
N PRO B 122 32.55 -1.67 26.85
CA PRO B 122 31.93 -2.01 28.14
C PRO B 122 30.68 -2.86 27.96
N ALA B 123 29.97 -2.67 26.87
CA ALA B 123 28.74 -3.42 26.60
C ALA B 123 29.03 -4.90 26.38
N PHE B 124 30.15 -5.18 25.73
CA PHE B 124 30.54 -6.56 25.44
C PHE B 124 31.68 -7.04 26.34
N CYS B 125 31.81 -8.35 26.46
CA CYS B 125 32.90 -8.93 27.23
C CYS B 125 33.77 -9.80 26.33
N SER B 126 34.93 -9.28 25.97
CA SER B 126 35.87 -10.00 25.11
C SER B 126 37.27 -9.96 25.72
N LEU B 127 38.23 -10.57 25.04
CA LEU B 127 39.61 -10.56 25.50
C LEU B 127 40.14 -9.14 25.55
N ALA B 128 39.51 -8.26 24.77
CA ALA B 128 39.87 -6.84 24.75
C ALA B 128 39.40 -6.16 26.03
N THR B 129 40.32 -5.49 26.72
CA THR B 129 39.99 -4.76 27.93
C THR B 129 40.57 -3.36 27.88
N THR B 130 40.15 -2.52 28.83
CA THR B 130 40.65 -1.15 28.90
C THR B 130 42.15 -1.14 29.17
N LYS B 131 42.66 -2.25 29.67
CA LYS B 131 44.06 -2.36 30.07
C LYS B 131 44.93 -2.96 28.97
N ARG B 132 44.46 -4.06 28.38
CA ARG B 132 45.21 -4.73 27.32
C ARG B 132 44.45 -4.72 26.00
N ARG B 133 45.18 -4.63 24.90
CA ARG B 133 44.59 -4.69 23.57
C ARG B 133 44.48 -6.14 23.11
N HIS B 134 43.56 -6.39 22.18
CA HIS B 134 43.43 -7.72 21.59
C HIS B 134 43.85 -7.67 20.12
N GLN B 135 45.09 -8.09 19.86
CA GLN B 135 45.66 -7.98 18.53
C GLN B 135 46.20 -9.31 18.01
N GLN B 136 45.94 -9.58 16.73
CA GLN B 136 46.51 -10.75 16.06
C GLN B 136 47.24 -10.31 14.80
N THR B 137 48.52 -10.69 14.69
CA THR B 137 49.29 -10.41 13.50
C THR B 137 49.25 -11.61 12.56
N VAL B 138 48.70 -11.43 11.37
CA VAL B 138 48.55 -12.52 10.42
C VAL B 138 49.07 -12.15 9.03
N THR B 139 49.39 -13.18 8.24
CA THR B 139 49.86 -12.98 6.88
C THR B 139 48.78 -13.38 5.88
N ILE B 140 48.47 -12.48 4.95
CA ILE B 140 47.43 -12.74 3.96
C ILE B 140 48.01 -12.82 2.55
N PRO B 141 48.04 -14.04 1.99
CA PRO B 141 48.53 -14.27 0.62
C PRO B 141 47.70 -13.53 -0.42
N PRO B 142 48.28 -13.29 -1.60
CA PRO B 142 47.59 -12.60 -2.69
C PRO B 142 46.35 -13.37 -3.15
N LYS B 143 45.31 -12.64 -3.55
CA LYS B 143 44.09 -13.27 -4.04
C LYS B 143 43.51 -14.23 -3.02
N SER B 144 43.68 -13.90 -1.74
CA SER B 144 43.21 -14.77 -0.67
C SER B 144 42.54 -13.98 0.45
N SER B 145 41.84 -14.70 1.33
CA SER B 145 41.15 -14.08 2.45
C SER B 145 41.37 -14.89 3.72
N LEU B 146 41.41 -14.19 4.87
CA LEU B 146 41.64 -14.84 6.15
C LEU B 146 40.50 -14.55 7.11
N SER B 147 40.04 -15.58 7.83
CA SER B 147 38.95 -15.43 8.77
C SER B 147 39.46 -15.37 10.20
N VAL B 148 39.21 -14.25 10.87
CA VAL B 148 39.65 -14.08 12.26
C VAL B 148 38.46 -14.16 13.22
N PRO B 149 38.39 -15.26 13.98
CA PRO B 149 37.30 -15.51 14.94
C PRO B 149 37.36 -14.59 16.14
N TYR B 150 36.20 -14.29 16.71
CA TYR B 150 36.12 -13.49 17.94
C TYR B 150 35.01 -14.02 18.85
N VAL B 151 35.34 -14.22 20.11
CA VAL B 151 34.38 -14.71 21.08
C VAL B 151 34.00 -13.58 22.04
N ILE B 152 32.72 -13.21 22.05
CA ILE B 152 32.25 -12.11 22.89
C ILE B 152 31.00 -12.49 23.67
N VAL B 153 30.70 -11.71 24.70
CA VAL B 153 29.50 -11.94 25.51
C VAL B 153 28.80 -10.62 25.81
N PRO B 154 27.64 -10.40 25.18
CA PRO B 154 26.83 -9.19 25.41
C PRO B 154 26.40 -9.08 26.87
N LEU B 155 26.47 -7.89 27.44
CA LEU B 155 26.13 -7.67 28.84
C LEU B 155 24.78 -6.97 29.01
N LYS B 156 24.58 -5.90 28.25
CA LYS B 156 23.33 -5.15 28.30
C LYS B 156 22.59 -5.22 26.96
N THR B 157 21.26 -5.33 27.04
CA THR B 157 20.44 -5.42 25.83
C THR B 157 20.36 -4.07 25.12
N GLY B 158 19.89 -4.10 23.88
CA GLY B 158 19.78 -2.89 23.07
C GLY B 158 20.73 -2.91 21.90
N LEU B 159 20.65 -1.88 21.06
CA LEU B 159 21.50 -1.78 19.88
C LEU B 159 22.94 -1.50 20.28
N GLN B 160 23.77 -2.55 20.31
CA GLN B 160 25.16 -2.41 20.70
C GLN B 160 26.07 -2.33 19.48
N GLU B 161 27.31 -1.88 19.70
CA GLU B 161 28.25 -1.64 18.62
C GLU B 161 29.49 -2.51 18.71
N VAL B 162 29.91 -3.05 17.57
CA VAL B 162 31.14 -3.83 17.49
C VAL B 162 32.08 -3.20 16.46
N GLU B 163 33.33 -2.99 16.84
CA GLU B 163 34.29 -2.33 15.96
C GLU B 163 35.60 -3.09 15.84
N VAL B 164 36.07 -3.25 14.61
CA VAL B 164 37.33 -3.93 14.34
C VAL B 164 38.20 -3.11 13.39
N LYS B 165 39.45 -2.88 13.77
CA LYS B 165 40.38 -2.14 12.93
C LYS B 165 41.54 -3.02 12.49
N ALA B 166 42.26 -2.60 11.46
CA ALA B 166 43.40 -3.34 10.95
C ALA B 166 44.31 -2.48 10.11
N ALA B 167 45.61 -2.74 10.20
CA ALA B 167 46.60 -2.01 9.42
C ALA B 167 47.70 -2.96 8.93
N VAL B 168 48.21 -2.71 7.74
CA VAL B 168 49.24 -3.57 7.15
C VAL B 168 50.63 -2.99 7.36
N TYR B 169 51.60 -3.86 7.57
CA TYR B 169 52.97 -3.45 7.81
C TYR B 169 53.66 -2.98 6.53
N HIS B 170 54.53 -1.98 6.66
CA HIS B 170 55.35 -1.52 5.55
C HIS B 170 54.53 -0.95 4.40
N HIS B 171 53.25 -0.70 4.64
CA HIS B 171 52.39 -0.09 3.64
C HIS B 171 51.48 0.97 4.28
N PHE B 172 51.12 1.97 3.49
CA PHE B 172 50.25 3.04 3.98
C PHE B 172 48.79 2.68 3.76
N ILE B 173 48.39 1.54 4.32
CA ILE B 173 47.02 1.03 4.17
C ILE B 173 46.40 0.71 5.51
N SER B 174 45.12 1.09 5.66
CA SER B 174 44.39 0.81 6.89
C SER B 174 42.90 0.68 6.62
N ASP B 175 42.20 -0.06 7.46
CA ASP B 175 40.76 -0.24 7.32
C ASP B 175 40.11 -0.63 8.65
N GLY B 176 38.80 -0.45 8.74
CA GLY B 176 38.06 -0.80 9.93
C GLY B 176 36.57 -0.92 9.66
N VAL B 177 35.88 -1.65 10.52
CA VAL B 177 34.43 -1.81 10.40
C VAL B 177 33.73 -1.53 11.73
N ARG B 178 32.69 -0.70 11.68
CA ARG B 178 31.95 -0.34 12.88
C ARG B 178 30.47 -0.62 12.68
N LYS B 179 30.06 -1.88 12.87
CA LYS B 179 28.68 -2.27 12.72
C LYS B 179 27.95 -2.34 14.05
N SER B 180 26.64 -2.47 14.00
CA SER B 180 25.83 -2.54 15.22
C SER B 180 24.86 -3.72 15.16
N LEU B 181 24.76 -4.43 16.28
CA LEU B 181 23.82 -5.55 16.38
C LEU B 181 22.83 -5.35 17.52
N LYS B 182 21.70 -6.03 17.43
CA LYS B 182 20.69 -5.96 18.48
C LYS B 182 20.90 -7.05 19.50
N VAL B 183 20.77 -6.70 20.78
CA VAL B 183 20.88 -7.66 21.87
C VAL B 183 19.52 -7.93 22.49
N VAL B 184 19.05 -9.18 22.37
CA VAL B 184 17.74 -9.59 22.86
C VAL B 184 17.86 -10.35 24.18
N PRO B 185 16.93 -10.08 25.12
CA PRO B 185 16.87 -10.75 26.43
C PRO B 185 16.88 -12.27 26.30
N GLU B 186 17.27 -12.96 27.37
CA GLU B 186 17.40 -14.41 27.34
C GLU B 186 16.05 -15.09 27.09
N GLY B 187 14.98 -14.42 27.50
CA GLY B 187 13.64 -14.97 27.37
C GLY B 187 13.19 -15.21 25.94
N ILE B 188 11.91 -15.57 25.77
CA ILE B 188 11.33 -15.77 24.46
C ILE B 188 10.12 -14.88 24.25
N ARG B 189 10.08 -14.22 23.10
CA ARG B 189 8.99 -13.30 22.76
C ARG B 189 7.62 -13.94 23.03
N MET B 190 6.75 -13.20 23.69
CA MET B 190 5.43 -13.68 24.05
C MET B 190 4.40 -12.56 24.01
N ASN B 191 3.16 -12.90 23.72
CA ASN B 191 2.06 -11.93 23.72
C ASN B 191 0.89 -12.38 24.59
N LYS B 192 0.48 -11.51 25.51
CA LYS B 192 -0.64 -11.82 26.39
C LYS B 192 -1.84 -10.93 26.14
N THR B 193 -2.94 -11.53 25.72
CA THR B 193 -4.19 -10.80 25.53
C THR B 193 -4.80 -10.46 26.88
N VAL B 194 -4.62 -9.20 27.31
CA VAL B 194 -5.09 -8.76 28.62
C VAL B 194 -6.60 -8.58 28.67
N ALA B 195 -7.16 -7.93 27.66
CA ALA B 195 -8.59 -7.66 27.64
C ALA B 195 -9.15 -7.47 26.24
N VAL B 196 -10.39 -7.91 26.05
CA VAL B 196 -11.13 -7.71 24.81
C VAL B 196 -12.53 -7.21 25.12
N ARG B 197 -12.76 -5.93 24.92
CA ARG B 197 -14.03 -5.31 25.29
C ARG B 197 -14.74 -4.68 24.09
N THR B 198 -16.05 -4.93 23.98
CA THR B 198 -16.86 -4.34 22.94
C THR B 198 -17.32 -2.93 23.34
N LEU B 199 -17.04 -1.95 22.50
CA LEU B 199 -17.40 -0.57 22.80
C LEU B 199 -18.75 -0.21 22.18
N ASP B 200 -19.72 0.09 23.03
CA ASP B 200 -21.05 0.47 22.59
C ASP B 200 -21.75 1.29 23.67
N PRO B 201 -21.39 2.58 23.76
CA PRO B 201 -21.85 3.50 24.82
C PRO B 201 -23.37 3.53 24.99
N GLU B 202 -24.08 3.80 23.90
CA GLU B 202 -25.54 3.92 23.96
C GLU B 202 -26.21 2.62 24.44
N ARG B 203 -25.53 1.50 24.23
CA ARG B 203 -26.12 0.19 24.47
C ARG B 203 -25.59 -0.49 25.73
N LEU B 204 -24.30 -0.30 26.01
CA LEU B 204 -23.66 -0.93 27.16
C LEU B 204 -23.32 0.06 28.26
N GLY B 205 -23.41 1.35 27.95
CA GLY B 205 -23.04 2.38 28.89
C GLY B 205 -24.20 2.99 29.65
N ARG B 206 -23.89 3.86 30.60
CA ARG B 206 -24.89 4.51 31.42
C ARG B 206 -24.86 6.03 31.19
N GLU B 207 -26.04 6.63 31.08
CA GLU B 207 -26.15 8.05 30.81
C GLU B 207 -25.42 8.46 29.54
N GLY B 208 -25.19 7.49 28.66
CA GLY B 208 -24.56 7.76 27.38
C GLY B 208 -23.06 7.54 27.35
N VAL B 209 -22.49 7.15 28.49
CA VAL B 209 -21.05 6.89 28.57
C VAL B 209 -20.76 5.47 29.05
N GLN B 210 -19.69 4.88 28.52
CA GLN B 210 -19.29 3.54 28.90
C GLN B 210 -17.87 3.53 29.45
N LYS B 211 -17.71 3.00 30.67
CA LYS B 211 -16.41 2.92 31.30
C LYS B 211 -15.90 1.48 31.39
N GLU B 212 -14.64 1.28 31.04
CA GLU B 212 -14.01 -0.03 31.06
C GLU B 212 -12.68 0.00 31.78
N ASP B 213 -12.61 -0.64 32.95
CA ASP B 213 -11.38 -0.71 33.71
C ASP B 213 -10.56 -1.94 33.32
N ILE B 214 -9.37 -1.69 32.78
CA ILE B 214 -8.50 -2.77 32.32
C ILE B 214 -7.42 -3.09 33.36
N PRO B 215 -7.23 -4.38 33.65
CA PRO B 215 -6.24 -4.86 34.62
C PRO B 215 -4.85 -4.93 33.98
N PRO B 216 -3.80 -4.86 34.80
CA PRO B 216 -2.42 -5.10 34.34
C PRO B 216 -2.24 -6.55 33.94
N ALA B 217 -1.30 -6.82 33.05
CA ALA B 217 -0.97 -8.17 32.63
C ALA B 217 -0.34 -8.97 33.77
N ASP B 218 -0.53 -10.28 33.76
CA ASP B 218 0.01 -11.15 34.80
C ASP B 218 1.53 -11.02 34.86
N LEU B 219 2.20 -11.45 33.79
CA LEU B 219 3.65 -11.32 33.68
C LEU B 219 4.38 -11.89 34.90
N SER B 220 3.93 -13.05 35.36
CA SER B 220 4.58 -13.72 36.49
C SER B 220 5.83 -14.44 36.03
N ASP B 221 5.85 -14.82 34.75
CA ASP B 221 6.98 -15.55 34.17
C ASP B 221 7.93 -14.62 33.43
N GLN B 222 7.71 -13.31 33.57
CA GLN B 222 8.53 -12.33 32.87
C GLN B 222 9.99 -12.42 33.27
N VAL B 223 10.87 -12.35 32.27
CA VAL B 223 12.30 -12.43 32.51
C VAL B 223 12.79 -11.21 33.28
N PRO B 224 13.59 -11.44 34.33
CA PRO B 224 14.14 -10.35 35.15
C PRO B 224 14.93 -9.35 34.33
N ASP B 225 14.83 -8.07 34.69
CA ASP B 225 15.58 -7.00 34.05
C ASP B 225 15.26 -6.85 32.56
N THR B 226 13.99 -7.07 32.21
CA THR B 226 13.55 -6.86 30.83
C THR B 226 12.26 -6.05 30.80
N GLU B 227 12.19 -5.09 29.88
CA GLU B 227 11.02 -4.23 29.76
C GLU B 227 9.97 -4.85 28.86
N SER B 228 8.71 -4.48 29.10
CA SER B 228 7.60 -4.97 28.28
C SER B 228 6.83 -3.80 27.68
N GLU B 229 5.94 -4.09 26.74
CA GLU B 229 5.13 -3.04 26.12
C GLU B 229 3.69 -3.49 25.93
N THR B 230 2.76 -2.65 26.37
CA THR B 230 1.34 -2.94 26.27
C THR B 230 0.69 -2.12 25.16
N ARG B 231 0.02 -2.80 24.23
CA ARG B 231 -0.68 -2.14 23.14
C ARG B 231 -2.17 -2.00 23.43
N ILE B 232 -2.70 -0.81 23.15
CA ILE B 232 -4.13 -0.58 23.28
C ILE B 232 -4.72 -0.33 21.91
N LEU B 233 -5.39 -1.34 21.35
CA LEU B 233 -5.90 -1.28 19.99
C LEU B 233 -7.37 -0.90 19.93
N LEU B 234 -7.67 0.18 19.20
CA LEU B 234 -9.04 0.62 18.99
C LEU B 234 -9.41 0.55 17.52
N GLN B 235 -10.62 0.05 17.24
CA GLN B 235 -11.09 -0.07 15.87
C GLN B 235 -12.61 0.03 15.80
N GLY B 236 -13.10 0.86 14.88
CA GLY B 236 -14.53 1.04 14.70
C GLY B 236 -15.18 -0.18 14.08
N THR B 237 -16.47 -0.35 14.36
CA THR B 237 -17.23 -1.48 13.82
C THR B 237 -18.32 -1.00 12.88
N PRO B 238 -18.00 -0.94 11.58
CA PRO B 238 -18.94 -0.50 10.55
C PRO B 238 -20.16 -1.43 10.48
N VAL B 239 -21.35 -0.84 10.56
CA VAL B 239 -22.59 -1.61 10.48
C VAL B 239 -23.48 -1.09 9.36
N ALA B 240 -23.71 -1.91 8.34
CA ALA B 240 -24.55 -1.53 7.22
C ALA B 240 -26.00 -1.36 7.66
N GLN B 241 -26.71 -0.45 7.00
CA GLN B 241 -28.11 -0.20 7.32
C GLN B 241 -28.99 -1.28 6.69
N MET B 242 -29.75 -1.97 7.52
CA MET B 242 -30.63 -3.04 7.06
C MET B 242 -31.85 -2.47 6.35
N THR B 243 -31.72 -2.25 5.04
CA THR B 243 -32.80 -1.70 4.24
C THR B 243 -33.40 -2.75 3.30
N GLU B 244 -34.72 -2.87 3.32
CA GLU B 244 -35.41 -3.82 2.48
C GLU B 244 -35.15 -3.54 1.00
N ASP B 245 -34.95 -4.61 0.22
CA ASP B 245 -34.67 -4.48 -1.20
C ASP B 245 -35.81 -3.77 -1.94
N ALA B 246 -35.45 -2.98 -2.94
CA ALA B 246 -36.43 -2.26 -3.73
C ALA B 246 -37.07 -3.19 -4.76
N VAL B 247 -38.26 -2.81 -5.23
CA VAL B 247 -38.97 -3.60 -6.23
C VAL B 247 -38.17 -3.65 -7.53
N ASP B 248 -37.93 -4.86 -8.03
CA ASP B 248 -37.15 -5.04 -9.24
C ASP B 248 -37.73 -4.23 -10.40
N ALA B 249 -36.85 -3.58 -11.16
CA ALA B 249 -37.28 -2.72 -12.27
C ALA B 249 -38.03 -3.50 -13.34
N GLU B 250 -37.65 -4.76 -13.52
CA GLU B 250 -38.26 -5.60 -14.55
C GLU B 250 -39.75 -5.80 -14.29
N ARG B 251 -40.15 -5.63 -13.04
CA ARG B 251 -41.54 -5.81 -12.64
C ARG B 251 -42.42 -4.67 -13.16
N LEU B 252 -41.80 -3.54 -13.45
CA LEU B 252 -42.55 -2.32 -13.77
C LEU B 252 -42.70 -2.07 -15.27
N LYS B 253 -42.36 -3.05 -16.09
CA LYS B 253 -42.46 -2.90 -17.54
C LYS B 253 -43.88 -2.57 -17.97
N HIS B 254 -44.85 -3.08 -17.23
CA HIS B 254 -46.26 -2.91 -17.58
C HIS B 254 -46.79 -1.53 -17.20
N LEU B 255 -46.11 -0.86 -16.28
CA LEU B 255 -46.56 0.45 -15.80
C LEU B 255 -46.49 1.51 -16.89
N ILE B 256 -45.52 1.37 -17.80
CA ILE B 256 -45.36 2.31 -18.90
C ILE B 256 -46.56 2.22 -19.84
N VAL B 257 -47.47 3.18 -19.74
CA VAL B 257 -48.72 3.15 -20.50
C VAL B 257 -48.96 4.44 -21.27
N THR B 258 -49.49 4.31 -22.49
CA THR B 258 -49.84 5.47 -23.30
C THR B 258 -51.19 6.04 -22.87
N PRO B 259 -51.18 7.29 -22.40
CA PRO B 259 -52.40 7.97 -21.92
C PRO B 259 -53.43 8.15 -23.02
N SER B 260 -54.67 7.74 -22.74
CA SER B 260 -55.77 7.90 -23.70
C SER B 260 -57.09 8.01 -22.96
N GLY B 261 -58.14 8.41 -23.68
CA GLY B 261 -59.45 8.58 -23.10
C GLY B 261 -59.76 10.03 -22.79
N CYS B 262 -60.75 10.25 -21.92
CA CYS B 262 -61.16 11.61 -21.56
C CYS B 262 -60.60 12.04 -20.20
N GLY B 263 -61.21 13.05 -19.62
CA GLY B 263 -60.73 13.66 -18.40
C GLY B 263 -60.33 12.71 -17.29
N GLU B 264 -61.07 11.62 -17.14
CA GLU B 264 -60.83 10.66 -16.07
C GLU B 264 -59.87 9.54 -16.47
N GLN B 265 -60.12 8.94 -17.63
CA GLN B 265 -59.30 7.83 -18.11
C GLN B 265 -57.89 8.28 -18.48
N ASN B 266 -57.76 9.54 -18.90
CA ASN B 266 -56.46 10.08 -19.26
C ASN B 266 -55.51 10.07 -18.06
N MET B 267 -56.07 10.30 -16.87
CA MET B 267 -55.29 10.27 -15.64
C MET B 267 -55.01 8.84 -15.21
N ILE B 268 -55.99 7.96 -15.46
CA ILE B 268 -55.85 6.55 -15.12
C ILE B 268 -54.64 5.94 -15.81
N GLY B 269 -54.45 6.28 -17.09
CA GLY B 269 -53.34 5.78 -17.86
C GLY B 269 -52.06 6.54 -17.58
N MET B 270 -52.19 7.80 -17.18
CA MET B 270 -51.04 8.64 -16.88
C MET B 270 -50.44 8.30 -15.52
N THR B 271 -51.27 7.77 -14.63
CA THR B 271 -50.85 7.44 -13.28
C THR B 271 -49.68 6.45 -13.21
N PRO B 272 -49.82 5.29 -13.86
CA PRO B 272 -48.78 4.26 -13.79
C PRO B 272 -47.44 4.76 -14.31
N THR B 273 -47.44 5.43 -15.46
CA THR B 273 -46.22 5.91 -16.08
C THR B 273 -45.50 6.94 -15.21
N VAL B 274 -46.27 7.85 -14.63
CA VAL B 274 -45.70 8.90 -13.78
C VAL B 274 -45.05 8.31 -12.53
N ILE B 275 -45.74 7.38 -11.87
CA ILE B 275 -45.25 6.77 -10.65
C ILE B 275 -44.10 5.80 -10.92
N ALA B 276 -44.08 5.24 -12.12
CA ALA B 276 -43.02 4.31 -12.51
C ALA B 276 -41.70 5.06 -12.70
N VAL B 277 -41.76 6.13 -13.50
CA VAL B 277 -40.59 6.98 -13.73
C VAL B 277 -40.08 7.56 -12.41
N HIS B 278 -41.01 7.86 -11.51
CA HIS B 278 -40.67 8.40 -10.21
C HIS B 278 -39.91 7.36 -9.37
N TYR B 279 -40.43 6.14 -9.35
CA TYR B 279 -39.83 5.07 -8.57
C TYR B 279 -38.47 4.66 -9.15
N LEU B 280 -38.39 4.58 -10.48
CA LEU B 280 -37.16 4.21 -11.15
C LEU B 280 -36.05 5.23 -10.91
N ASP B 281 -36.44 6.51 -10.86
CA ASP B 281 -35.48 7.57 -10.61
C ASP B 281 -34.90 7.48 -9.20
N GLU B 282 -35.78 7.24 -8.22
CA GLU B 282 -35.36 7.16 -6.83
C GLU B 282 -34.46 5.96 -6.56
N THR B 283 -34.87 4.79 -7.05
CA THR B 283 -34.12 3.56 -6.83
C THR B 283 -32.92 3.44 -7.77
N GLU B 284 -32.88 4.29 -8.80
CA GLU B 284 -31.81 4.28 -9.78
C GLU B 284 -31.67 2.92 -10.46
N GLN B 285 -32.74 2.44 -11.07
CA GLN B 285 -32.75 1.13 -11.72
C GLN B 285 -32.84 1.23 -13.23
N TRP B 286 -32.59 2.41 -13.78
CA TRP B 286 -32.65 2.60 -15.23
C TRP B 286 -31.58 1.78 -15.94
N GLU B 287 -30.64 1.24 -15.16
CA GLU B 287 -29.59 0.40 -15.71
C GLU B 287 -30.16 -0.95 -16.15
N LYS B 288 -30.99 -1.54 -15.30
CA LYS B 288 -31.65 -2.81 -15.62
C LYS B 288 -32.87 -2.60 -16.50
N PHE B 289 -33.58 -1.49 -16.27
CA PHE B 289 -34.79 -1.19 -17.03
C PHE B 289 -34.46 -0.82 -18.46
N GLY B 290 -33.48 0.05 -18.64
CA GLY B 290 -33.08 0.53 -19.95
C GLY B 290 -32.94 2.04 -19.97
N LEU B 291 -31.69 2.52 -19.95
CA LEU B 291 -31.41 3.94 -19.91
C LEU B 291 -32.11 4.70 -21.03
N GLU B 292 -32.15 4.09 -22.21
CA GLU B 292 -32.75 4.72 -23.39
C GLU B 292 -34.26 4.87 -23.23
N LYS B 293 -34.88 3.93 -22.52
CA LYS B 293 -36.34 3.86 -22.40
C LYS B 293 -36.94 5.04 -21.64
N ARG B 294 -36.16 5.64 -20.74
CA ARG B 294 -36.69 6.70 -19.89
C ARG B 294 -37.26 7.85 -20.71
N GLN B 295 -36.54 8.26 -21.74
CA GLN B 295 -36.97 9.38 -22.57
C GLN B 295 -38.34 9.11 -23.19
N GLY B 296 -38.56 7.87 -23.62
CA GLY B 296 -39.83 7.47 -24.19
C GLY B 296 -40.95 7.56 -23.17
N ALA B 297 -40.60 7.32 -21.90
CA ALA B 297 -41.58 7.39 -20.82
C ALA B 297 -42.01 8.83 -20.55
N LEU B 298 -41.04 9.74 -20.56
CA LEU B 298 -41.32 11.15 -20.33
C LEU B 298 -42.25 11.70 -21.41
N GLU B 299 -42.06 11.23 -22.64
CA GLU B 299 -42.90 11.66 -23.75
C GLU B 299 -44.35 11.25 -23.52
N LEU B 300 -44.53 10.12 -22.86
CA LEU B 300 -45.86 9.64 -22.51
C LEU B 300 -46.46 10.50 -21.40
N ILE B 301 -45.61 10.96 -20.50
CA ILE B 301 -46.05 11.82 -19.40
C ILE B 301 -46.45 13.20 -19.94
N LYS B 302 -45.63 13.75 -20.82
CA LYS B 302 -45.95 15.02 -21.46
C LYS B 302 -47.23 14.88 -22.27
N LYS B 303 -47.38 13.74 -22.93
CA LYS B 303 -48.55 13.46 -23.73
C LYS B 303 -49.82 13.44 -22.88
N GLY B 304 -49.71 12.80 -21.71
CA GLY B 304 -50.83 12.73 -20.78
C GLY B 304 -51.16 14.08 -20.17
N TYR B 305 -50.12 14.87 -19.92
CA TYR B 305 -50.31 16.21 -19.37
C TYR B 305 -50.98 17.13 -20.38
N THR B 306 -50.49 17.11 -21.62
CA THR B 306 -51.04 17.95 -22.69
C THR B 306 -52.52 17.65 -22.93
N GLN B 307 -52.85 16.37 -22.98
CA GLN B 307 -54.23 15.95 -23.24
C GLN B 307 -55.17 16.32 -22.09
N GLN B 308 -54.65 16.28 -20.87
CA GLN B 308 -55.45 16.61 -19.70
C GLN B 308 -55.87 18.06 -19.70
N LEU B 309 -55.04 18.92 -20.30
CA LEU B 309 -55.34 20.35 -20.36
C LEU B 309 -56.59 20.63 -21.15
N ALA B 310 -56.89 19.75 -22.12
CA ALA B 310 -58.06 19.91 -22.96
C ALA B 310 -59.35 19.79 -22.15
N PHE B 311 -59.25 19.16 -20.99
CA PHE B 311 -60.40 18.98 -20.11
C PHE B 311 -60.39 19.96 -18.95
N ARG B 312 -59.47 20.92 -19.00
CA ARG B 312 -59.39 21.97 -18.01
C ARG B 312 -60.43 23.05 -18.33
N GLN B 313 -61.34 23.28 -17.41
CA GLN B 313 -62.41 24.25 -17.60
C GLN B 313 -61.95 25.66 -17.22
N PRO B 314 -62.69 26.68 -17.66
CA PRO B 314 -62.36 28.08 -17.36
C PRO B 314 -62.16 28.33 -15.87
N SER B 315 -62.76 27.49 -15.04
CA SER B 315 -62.64 27.64 -13.59
C SER B 315 -61.35 27.00 -13.07
N SER B 316 -60.57 26.45 -13.98
CA SER B 316 -59.33 25.74 -13.64
C SER B 316 -59.60 24.41 -12.95
N ALA B 317 -60.86 23.97 -12.99
CA ALA B 317 -61.23 22.67 -12.42
C ALA B 317 -61.24 21.61 -13.52
N PHE B 318 -61.43 20.36 -13.12
CA PHE B 318 -61.41 19.25 -14.07
C PHE B 318 -62.62 18.33 -13.95
N ALA B 319 -63.02 17.76 -15.07
CA ALA B 319 -64.14 16.83 -15.11
C ALA B 319 -63.96 15.86 -16.28
N ALA B 320 -64.72 14.76 -16.25
CA ALA B 320 -64.65 13.77 -17.32
C ALA B 320 -64.92 14.41 -18.69
N PHE B 321 -65.91 15.31 -18.72
CA PHE B 321 -66.25 16.02 -19.94
C PHE B 321 -66.24 17.53 -19.69
N VAL B 322 -66.04 18.29 -20.77
CA VAL B 322 -65.99 19.75 -20.66
C VAL B 322 -67.34 20.33 -20.25
N LYS B 323 -68.41 19.62 -20.58
CA LYS B 323 -69.76 20.08 -20.27
C LYS B 323 -70.27 19.51 -18.93
N ARG B 324 -69.49 18.59 -18.36
CA ARG B 324 -69.85 17.98 -17.09
C ARG B 324 -69.38 18.84 -15.92
N ALA B 325 -70.14 18.82 -14.83
CA ALA B 325 -69.79 19.58 -13.64
C ALA B 325 -68.43 19.15 -13.09
N PRO B 326 -67.61 20.13 -12.67
CA PRO B 326 -66.27 19.88 -12.15
C PRO B 326 -66.29 18.95 -10.94
N SER B 327 -65.37 18.00 -10.90
CA SER B 327 -65.27 17.07 -9.78
C SER B 327 -64.20 17.51 -8.80
N THR B 328 -64.57 17.63 -7.54
CA THR B 328 -63.64 18.04 -6.48
C THR B 328 -62.49 17.05 -6.38
N TRP B 329 -62.81 15.76 -6.33
CA TRP B 329 -61.80 14.72 -6.20
C TRP B 329 -60.88 14.69 -7.41
N LEU B 330 -61.47 14.70 -8.61
CA LEU B 330 -60.69 14.64 -9.84
C LEU B 330 -59.70 15.78 -9.92
N THR B 331 -60.17 17.00 -9.64
CA THR B 331 -59.32 18.18 -9.67
C THR B 331 -58.20 18.06 -8.65
N ALA B 332 -58.53 17.55 -7.47
CA ALA B 332 -57.55 17.37 -6.41
C ALA B 332 -56.50 16.33 -6.80
N TYR B 333 -56.95 15.31 -7.53
CA TYR B 333 -56.04 14.25 -7.97
C TYR B 333 -55.10 14.76 -9.05
N VAL B 334 -55.63 15.57 -9.97
CA VAL B 334 -54.81 16.18 -11.01
C VAL B 334 -53.67 16.97 -10.38
N VAL B 335 -54.00 17.69 -9.31
CA VAL B 335 -52.99 18.45 -8.56
C VAL B 335 -51.99 17.51 -7.90
N LYS B 336 -52.50 16.37 -7.43
CA LYS B 336 -51.66 15.38 -6.75
C LYS B 336 -50.61 14.79 -7.69
N VAL B 337 -51.04 14.41 -8.88
CA VAL B 337 -50.15 13.81 -9.88
C VAL B 337 -49.23 14.84 -10.51
N PHE B 338 -49.81 15.98 -10.90
CA PHE B 338 -49.05 17.05 -11.53
C PHE B 338 -47.95 17.58 -10.64
N SER B 339 -48.24 17.71 -9.34
CA SER B 339 -47.26 18.22 -8.38
C SER B 339 -46.05 17.30 -8.27
N LEU B 340 -46.29 16.00 -8.45
CA LEU B 340 -45.23 15.01 -8.37
C LEU B 340 -44.48 14.91 -9.70
N ALA B 341 -45.12 15.42 -10.75
CA ALA B 341 -44.54 15.33 -12.09
C ALA B 341 -43.71 16.56 -12.46
N VAL B 342 -43.69 17.55 -11.57
CA VAL B 342 -42.95 18.78 -11.85
C VAL B 342 -41.46 18.50 -11.95
N ASN B 343 -41.04 17.38 -11.37
CA ASN B 343 -39.64 16.96 -11.41
C ASN B 343 -39.31 16.24 -12.71
N LEU B 344 -40.35 15.73 -13.37
CA LEU B 344 -40.17 14.93 -14.58
C LEU B 344 -40.37 15.77 -15.84
N ILE B 345 -41.46 16.50 -15.91
CA ILE B 345 -41.77 17.32 -17.07
C ILE B 345 -42.13 18.75 -16.67
N ALA B 346 -42.34 19.60 -17.68
CA ALA B 346 -42.69 20.99 -17.43
C ALA B 346 -44.17 21.14 -17.12
N ILE B 347 -44.47 21.57 -15.90
CA ILE B 347 -45.86 21.78 -15.48
C ILE B 347 -46.14 23.26 -15.28
N ASP B 348 -47.17 23.77 -15.97
CA ASP B 348 -47.53 25.18 -15.86
C ASP B 348 -48.09 25.50 -14.48
N SER B 349 -47.47 26.48 -13.82
CA SER B 349 -47.90 26.89 -12.49
C SER B 349 -49.34 27.40 -12.50
N GLN B 350 -49.69 28.16 -13.54
CA GLN B 350 -51.04 28.71 -13.67
C GLN B 350 -52.10 27.63 -13.62
N VAL B 351 -51.82 26.49 -14.25
CA VAL B 351 -52.75 25.38 -14.28
C VAL B 351 -52.85 24.70 -12.92
N LEU B 352 -51.70 24.39 -12.33
CA LEU B 352 -51.66 23.70 -11.04
C LEU B 352 -52.23 24.56 -9.92
N CYS B 353 -51.71 25.77 -9.78
CA CYS B 353 -52.16 26.69 -8.74
C CYS B 353 -53.60 27.13 -8.96
N GLY B 354 -53.99 27.26 -10.22
CA GLY B 354 -55.35 27.64 -10.56
C GLY B 354 -56.36 26.65 -10.03
N ALA B 355 -56.03 25.36 -10.14
CA ALA B 355 -56.89 24.31 -9.64
C ALA B 355 -56.93 24.33 -8.12
N VAL B 356 -55.79 24.63 -7.51
CA VAL B 356 -55.69 24.71 -6.05
C VAL B 356 -56.57 25.83 -5.50
N LYS B 357 -56.52 26.99 -6.16
CA LYS B 357 -57.29 28.14 -5.71
C LYS B 357 -58.79 27.91 -5.89
N TRP B 358 -59.14 27.07 -6.86
CA TRP B 358 -60.54 26.74 -7.10
C TRP B 358 -61.08 25.81 -6.02
N LEU B 359 -60.26 24.85 -5.60
CA LEU B 359 -60.64 23.91 -4.55
C LEU B 359 -60.88 24.62 -3.23
N ILE B 360 -60.10 25.67 -2.98
CA ILE B 360 -60.15 26.40 -1.72
C ILE B 360 -61.32 27.39 -1.66
N LEU B 361 -61.55 28.10 -2.75
CA LEU B 361 -62.55 29.16 -2.79
C LEU B 361 -63.93 28.67 -3.23
N GLU B 362 -64.01 27.43 -3.68
CA GLU B 362 -65.27 26.91 -4.23
C GLU B 362 -65.72 25.59 -3.59
N LYS B 363 -64.78 24.82 -3.07
CA LYS B 363 -65.09 23.48 -2.57
C LYS B 363 -64.78 23.26 -1.09
N GLN B 364 -64.32 24.30 -0.42
CA GLN B 364 -64.04 24.19 1.01
C GLN B 364 -65.07 24.97 1.84
N LYS B 365 -65.55 24.33 2.90
CA LYS B 365 -66.57 24.93 3.75
C LYS B 365 -65.93 25.65 4.95
N PRO B 366 -66.68 26.55 5.59
CA PRO B 366 -66.20 27.33 6.74
C PRO B 366 -65.54 26.47 7.82
N ASP B 367 -66.05 25.26 8.02
CA ASP B 367 -65.52 24.36 9.04
C ASP B 367 -64.20 23.73 8.61
N GLY B 368 -63.87 23.88 7.33
CA GLY B 368 -62.62 23.36 6.80
C GLY B 368 -62.77 22.05 6.05
N VAL B 369 -64.01 21.70 5.72
CA VAL B 369 -64.29 20.44 5.03
C VAL B 369 -64.39 20.64 3.52
N PHE B 370 -63.77 19.74 2.76
CA PHE B 370 -63.91 19.75 1.32
C PHE B 370 -65.09 18.87 0.92
N GLN B 371 -65.92 19.39 0.02
CA GLN B 371 -67.13 18.69 -0.39
C GLN B 371 -67.15 18.38 -1.88
N GLU B 372 -67.63 17.18 -2.21
CA GLU B 372 -67.77 16.77 -3.60
C GLU B 372 -69.21 16.98 -4.09
N ASP B 373 -69.35 17.78 -5.15
CA ASP B 373 -70.67 18.07 -5.71
C ASP B 373 -70.92 17.32 -7.02
N ALA B 374 -69.86 16.77 -7.60
CA ALA B 374 -70.00 16.00 -8.83
C ALA B 374 -69.03 14.83 -8.85
N PRO B 375 -69.50 13.65 -8.41
CA PRO B 375 -68.69 12.43 -8.36
C PRO B 375 -68.17 12.04 -9.74
N VAL B 376 -67.03 11.37 -9.79
CA VAL B 376 -66.46 10.91 -11.06
C VAL B 376 -67.20 9.68 -11.57
N ILE B 377 -67.16 9.48 -12.88
CA ILE B 377 -67.81 8.32 -13.50
C ILE B 377 -67.07 7.04 -13.13
N HIS B 378 -65.73 7.12 -13.11
CA HIS B 378 -64.91 5.97 -12.74
C HIS B 378 -64.72 5.89 -11.24
N GLN B 379 -65.74 5.38 -10.54
CA GLN B 379 -65.71 5.26 -9.09
C GLN B 379 -64.61 4.33 -8.60
N GLU B 380 -64.00 3.60 -9.53
CA GLU B 380 -62.95 2.64 -9.16
C GLU B 380 -61.57 3.31 -9.06
N MET B 381 -61.46 4.53 -9.58
CA MET B 381 -60.18 5.23 -9.58
C MET B 381 -59.94 6.03 -8.31
N ILE B 382 -60.94 6.05 -7.42
CA ILE B 382 -60.84 6.82 -6.18
C ILE B 382 -60.36 5.95 -5.02
N GLY B 383 -60.20 4.65 -5.28
CA GLY B 383 -59.70 3.73 -4.27
C GLY B 383 -60.64 3.52 -3.10
N GLY B 384 -60.15 3.77 -1.90
CA GLY B 384 -60.89 3.51 -0.68
C GLY B 384 -62.00 4.49 -0.36
N LEU B 385 -61.95 5.67 -0.96
CA LEU B 385 -62.97 6.70 -0.72
C LEU B 385 -64.36 6.23 -1.11
N ARG B 386 -64.43 5.12 -1.85
CA ARG B 386 -65.69 4.64 -2.40
C ARG B 386 -66.62 4.04 -1.34
N ASN B 387 -66.04 3.54 -0.26
CA ASN B 387 -66.84 2.89 0.80
C ASN B 387 -67.50 3.85 1.78
N ASN B 388 -68.34 4.74 1.27
CA ASN B 388 -69.10 5.67 2.10
C ASN B 388 -68.43 5.98 3.44
N ASN B 389 -69.22 5.93 4.51
CA ASN B 389 -68.74 6.08 5.88
C ASN B 389 -67.62 7.10 6.09
N GLU B 390 -67.87 8.09 6.93
CA GLU B 390 -66.91 9.16 7.19
C GLU B 390 -66.24 9.64 5.90
N LYS B 391 -67.07 10.01 4.92
CA LYS B 391 -66.59 10.49 3.63
C LYS B 391 -65.96 11.86 3.73
N ASP B 392 -66.50 12.69 4.62
CA ASP B 392 -65.97 14.04 4.83
C ASP B 392 -64.54 13.97 5.34
N MET B 393 -64.26 13.04 6.25
CA MET B 393 -62.92 12.86 6.77
C MET B 393 -61.98 12.34 5.70
N ALA B 394 -62.47 11.41 4.88
CA ALA B 394 -61.67 10.82 3.82
C ALA B 394 -61.37 11.81 2.71
N LEU B 395 -62.42 12.47 2.21
CA LEU B 395 -62.28 13.41 1.11
C LEU B 395 -61.46 14.64 1.51
N THR B 396 -61.70 15.15 2.71
CA THR B 396 -60.97 16.32 3.20
C THR B 396 -59.48 15.99 3.31
N ALA B 397 -59.17 14.79 3.78
CA ALA B 397 -57.79 14.35 3.92
C ALA B 397 -57.11 14.21 2.57
N PHE B 398 -57.83 13.61 1.62
CA PHE B 398 -57.29 13.41 0.28
C PHE B 398 -56.93 14.72 -0.39
N VAL B 399 -57.88 15.66 -0.40
CA VAL B 399 -57.65 16.98 -0.98
C VAL B 399 -56.54 17.71 -0.24
N LEU B 400 -56.53 17.58 1.08
CA LEU B 400 -55.53 18.20 1.92
C LEU B 400 -54.13 17.72 1.55
N ILE B 401 -53.98 16.42 1.38
CA ILE B 401 -52.70 15.83 0.99
C ILE B 401 -52.21 16.43 -0.33
N SER B 402 -53.13 16.61 -1.27
CA SER B 402 -52.80 17.18 -2.56
C SER B 402 -52.32 18.62 -2.42
N LEU B 403 -52.98 19.36 -1.52
CA LEU B 403 -52.64 20.77 -1.30
C LEU B 403 -51.25 20.94 -0.70
N GLN B 404 -50.90 20.06 0.24
CA GLN B 404 -49.60 20.15 0.90
C GLN B 404 -48.47 19.78 -0.05
N GLU B 405 -48.74 18.92 -1.01
CA GLU B 405 -47.74 18.56 -2.00
C GLU B 405 -47.54 19.68 -3.01
N ALA B 406 -48.57 20.51 -3.15
CA ALA B 406 -48.53 21.62 -4.10
C ALA B 406 -48.15 22.93 -3.41
N LYS B 407 -47.96 22.87 -2.10
CA LYS B 407 -47.64 24.06 -1.32
C LYS B 407 -46.37 24.75 -1.82
N ASP B 408 -45.30 23.98 -1.97
CA ASP B 408 -44.01 24.53 -2.36
C ASP B 408 -44.09 25.22 -3.72
N ILE B 409 -45.14 24.93 -4.48
CA ILE B 409 -45.29 25.44 -5.83
C ILE B 409 -46.29 26.58 -5.93
N CYS B 410 -47.37 26.49 -5.16
CA CYS B 410 -48.48 27.43 -5.29
C CYS B 410 -48.70 28.33 -4.08
N GLU B 411 -47.78 28.28 -3.12
CA GLU B 411 -47.91 29.10 -1.92
C GLU B 411 -47.67 30.57 -2.22
N GLU B 412 -46.82 30.84 -3.20
CA GLU B 412 -46.47 32.21 -3.56
C GLU B 412 -47.56 32.84 -4.42
N GLN B 413 -48.38 32.00 -5.04
CA GLN B 413 -49.45 32.48 -5.91
C GLN B 413 -50.80 32.45 -5.21
N VAL B 414 -50.97 31.52 -4.28
CA VAL B 414 -52.23 31.38 -3.56
C VAL B 414 -52.07 31.79 -2.09
N ASN B 415 -52.60 32.97 -1.76
CA ASN B 415 -52.48 33.51 -0.42
C ASN B 415 -53.31 32.76 0.62
N SER B 416 -54.40 32.17 0.16
CA SER B 416 -55.34 31.49 1.07
C SER B 416 -54.91 30.05 1.37
N LEU B 417 -53.94 29.55 0.63
CA LEU B 417 -53.49 28.15 0.79
C LEU B 417 -53.10 27.80 2.22
N PRO B 418 -52.20 28.60 2.83
CA PRO B 418 -51.75 28.31 4.19
C PRO B 418 -52.92 28.19 5.17
N GLY B 419 -53.88 29.09 5.06
CA GLY B 419 -55.05 29.07 5.91
C GLY B 419 -55.96 27.89 5.62
N SER B 420 -56.10 27.57 4.34
CA SER B 420 -56.91 26.44 3.91
C SER B 420 -56.37 25.13 4.48
N ILE B 421 -55.07 24.97 4.43
CA ILE B 421 -54.40 23.78 4.96
C ILE B 421 -54.63 23.66 6.46
N THR B 422 -54.49 24.78 7.17
CA THR B 422 -54.68 24.80 8.61
C THR B 422 -56.12 24.50 9.00
N LYS B 423 -57.06 25.04 8.23
CA LYS B 423 -58.48 24.87 8.53
C LYS B 423 -58.92 23.44 8.24
N ALA B 424 -58.36 22.86 7.19
CA ALA B 424 -58.65 21.48 6.84
C ALA B 424 -58.12 20.53 7.91
N GLY B 425 -56.96 20.88 8.47
CA GLY B 425 -56.37 20.09 9.53
C GLY B 425 -57.16 20.18 10.81
N ASP B 426 -57.73 21.35 11.07
CA ASP B 426 -58.55 21.55 12.26
C ASP B 426 -59.71 20.57 12.30
N PHE B 427 -60.31 20.33 11.14
CA PHE B 427 -61.44 19.42 11.04
C PHE B 427 -61.03 17.97 11.28
N LEU B 428 -59.92 17.57 10.67
CA LEU B 428 -59.40 16.22 10.85
C LEU B 428 -59.00 15.99 12.30
N GLU B 429 -58.34 16.98 12.89
CA GLU B 429 -57.86 16.89 14.27
C GLU B 429 -59.02 16.68 15.24
N ALA B 430 -60.14 17.33 14.98
CA ALA B 430 -61.28 17.29 15.89
C ALA B 430 -62.10 16.01 15.80
N ASN B 431 -62.18 15.44 14.60
CA ASN B 431 -63.02 14.27 14.36
C ASN B 431 -62.23 13.00 14.10
N TYR B 432 -60.95 13.01 14.43
CA TYR B 432 -60.06 11.88 14.15
C TYR B 432 -60.34 10.70 15.09
N MET B 433 -60.54 10.99 16.36
CA MET B 433 -60.74 9.96 17.38
C MET B 433 -61.99 9.12 17.14
N ASN B 434 -62.98 9.70 16.46
CA ASN B 434 -64.24 9.02 16.21
C ASN B 434 -64.15 7.99 15.08
N LEU B 435 -63.17 8.14 14.21
CA LEU B 435 -63.01 7.27 13.05
C LEU B 435 -63.02 5.79 13.43
N GLN B 436 -63.65 4.97 12.60
CA GLN B 436 -63.76 3.54 12.85
C GLN B 436 -62.99 2.71 11.83
N ARG B 437 -63.03 3.13 10.57
CA ARG B 437 -62.39 2.38 9.51
C ARG B 437 -60.89 2.65 9.45
N SER B 438 -60.11 1.61 9.22
CA SER B 438 -58.66 1.71 9.17
C SER B 438 -58.20 2.62 8.03
N TYR B 439 -58.88 2.53 6.89
CA TYR B 439 -58.52 3.32 5.73
C TYR B 439 -58.51 4.82 6.04
N THR B 440 -59.61 5.31 6.58
CA THR B 440 -59.74 6.72 6.92
C THR B 440 -58.67 7.14 7.93
N VAL B 441 -58.45 6.29 8.92
CA VAL B 441 -57.44 6.56 9.95
C VAL B 441 -56.05 6.70 9.32
N ALA B 442 -55.76 5.85 8.34
CA ALA B 442 -54.47 5.85 7.68
C ALA B 442 -54.26 7.10 6.83
N ILE B 443 -55.26 7.44 6.02
CA ILE B 443 -55.15 8.58 5.11
C ILE B 443 -55.23 9.91 5.86
N ALA B 444 -56.04 9.95 6.91
CA ALA B 444 -56.18 11.16 7.71
C ALA B 444 -54.95 11.36 8.60
N GLY B 445 -54.41 10.26 9.10
CA GLY B 445 -53.22 10.29 9.92
C GLY B 445 -52.05 10.88 9.16
N TYR B 446 -51.94 10.51 7.89
CA TYR B 446 -50.85 11.02 7.04
C TYR B 446 -51.00 12.52 6.79
N ALA B 447 -52.24 12.96 6.60
CA ALA B 447 -52.51 14.38 6.37
C ALA B 447 -52.10 15.19 7.59
N LEU B 448 -52.47 14.72 8.77
CA LEU B 448 -52.13 15.39 10.02
C LEU B 448 -50.64 15.32 10.31
N ALA B 449 -50.04 14.16 10.02
CA ALA B 449 -48.62 13.96 10.26
C ALA B 449 -47.78 14.96 9.47
N GLN B 450 -48.29 15.38 8.31
CA GLN B 450 -47.58 16.33 7.47
C GLN B 450 -47.41 17.67 8.16
N MET B 451 -48.39 18.02 9.00
CA MET B 451 -48.33 19.28 9.74
C MET B 451 -47.71 19.06 11.11
N GLY B 452 -47.43 17.80 11.43
CA GLY B 452 -46.91 17.45 12.75
C GLY B 452 -48.00 17.62 13.80
N ARG B 453 -49.24 17.40 13.41
CA ARG B 453 -50.37 17.55 14.31
C ARG B 453 -50.94 16.20 14.72
N LEU B 454 -50.22 15.13 14.40
CA LEU B 454 -50.60 13.79 14.82
C LEU B 454 -49.85 13.41 16.07
N LYS B 455 -50.36 13.85 17.22
CA LYS B 455 -49.67 13.61 18.49
C LYS B 455 -50.64 13.15 19.58
N GLY B 456 -50.11 12.50 20.60
CA GLY B 456 -50.91 12.04 21.72
C GLY B 456 -51.85 10.91 21.38
N PRO B 457 -53.11 11.02 21.83
CA PRO B 457 -54.14 10.00 21.61
C PRO B 457 -54.35 9.69 20.13
N LEU B 458 -54.28 10.72 19.29
CA LEU B 458 -54.44 10.54 17.84
C LEU B 458 -53.34 9.65 17.29
N LEU B 459 -52.11 9.88 17.74
CA LEU B 459 -50.97 9.06 17.32
C LEU B 459 -51.13 7.62 17.80
N ASN B 460 -51.55 7.47 19.05
CA ASN B 460 -51.78 6.15 19.61
C ASN B 460 -52.83 5.37 18.83
N LYS B 461 -53.95 6.03 18.54
CA LYS B 461 -55.02 5.43 17.76
C LYS B 461 -54.52 4.97 16.40
N PHE B 462 -53.78 5.84 15.73
CA PHE B 462 -53.22 5.53 14.42
C PHE B 462 -52.37 4.27 14.45
N LEU B 463 -51.50 4.17 15.45
CA LEU B 463 -50.59 3.04 15.57
C LEU B 463 -51.30 1.75 16.00
N THR B 464 -52.28 1.88 16.89
CA THR B 464 -53.00 0.72 17.40
C THR B 464 -53.97 0.15 16.37
N THR B 465 -54.44 1.00 15.46
CA THR B 465 -55.36 0.58 14.42
C THR B 465 -54.73 -0.51 13.54
N ALA B 466 -53.43 -0.39 13.31
CA ALA B 466 -52.71 -1.36 12.50
C ALA B 466 -52.75 -2.76 13.12
N LYS B 467 -53.13 -3.74 12.31
CA LYS B 467 -53.19 -5.12 12.77
C LYS B 467 -51.83 -5.80 12.61
N ASP B 468 -51.38 -6.46 13.67
CA ASP B 468 -50.08 -7.14 13.67
C ASP B 468 -48.92 -6.15 13.50
N LYS B 469 -49.21 -4.87 13.72
CA LYS B 469 -48.19 -3.83 13.66
C LYS B 469 -47.53 -3.74 12.29
N ASN B 470 -48.20 -4.22 11.26
CA ASN B 470 -47.60 -4.26 9.94
C ASN B 470 -48.50 -3.79 8.80
N ARG B 471 -49.79 -3.61 9.08
CA ARG B 471 -50.73 -3.27 8.03
C ARG B 471 -52.02 -2.62 8.53
N TRP B 472 -52.63 -1.80 7.69
CA TRP B 472 -53.94 -1.23 7.94
C TRP B 472 -54.94 -1.81 6.96
N GLU B 473 -55.80 -2.71 7.43
CA GLU B 473 -56.73 -3.40 6.54
C GLU B 473 -58.18 -3.30 7.01
N ASP B 474 -59.10 -3.47 6.06
CA ASP B 474 -60.52 -3.46 6.34
C ASP B 474 -61.22 -4.53 5.51
N PRO B 475 -62.36 -5.03 6.00
CA PRO B 475 -63.15 -6.01 5.24
C PRO B 475 -63.54 -5.46 3.89
N GLY B 476 -63.10 -6.14 2.82
CA GLY B 476 -63.40 -5.70 1.47
C GLY B 476 -62.27 -5.99 0.50
N LYS B 477 -62.17 -5.18 -0.55
CA LYS B 477 -61.14 -5.36 -1.56
C LYS B 477 -59.76 -5.09 -1.00
N GLN B 478 -58.78 -5.89 -1.41
CA GLN B 478 -57.41 -5.75 -0.92
C GLN B 478 -56.73 -4.47 -1.38
N LEU B 479 -57.12 -3.97 -2.54
CA LEU B 479 -56.49 -2.77 -3.09
C LEU B 479 -56.63 -1.58 -2.15
N TYR B 480 -57.72 -1.52 -1.40
CA TYR B 480 -57.92 -0.46 -0.43
C TYR B 480 -56.93 -0.61 0.72
N ASN B 481 -56.66 -1.85 1.11
CA ASN B 481 -55.72 -2.14 2.19
C ASN B 481 -54.29 -1.77 1.82
N VAL B 482 -53.86 -2.21 0.64
CA VAL B 482 -52.55 -1.86 0.14
C VAL B 482 -52.41 -0.35 0.05
N GLU B 483 -53.47 0.31 -0.39
CA GLU B 483 -53.51 1.76 -0.51
C GLU B 483 -53.43 2.42 0.86
N ALA B 484 -54.24 1.93 1.79
CA ALA B 484 -54.29 2.50 3.13
C ALA B 484 -52.97 2.33 3.85
N THR B 485 -52.38 1.14 3.74
CA THR B 485 -51.10 0.84 4.39
C THR B 485 -49.99 1.70 3.81
N SER B 486 -50.11 2.05 2.53
CA SER B 486 -49.14 2.92 1.88
C SER B 486 -49.19 4.32 2.47
N TYR B 487 -50.40 4.82 2.70
CA TYR B 487 -50.59 6.11 3.36
C TYR B 487 -49.98 6.05 4.76
N ALA B 488 -50.22 4.96 5.46
CA ALA B 488 -49.69 4.77 6.80
C ALA B 488 -48.16 4.76 6.79
N LEU B 489 -47.58 4.12 5.79
CA LEU B 489 -46.13 4.07 5.65
C LEU B 489 -45.55 5.47 5.49
N LEU B 490 -46.19 6.26 4.64
CA LEU B 490 -45.77 7.64 4.41
C LEU B 490 -45.88 8.46 5.69
N ALA B 491 -46.92 8.18 6.48
CA ALA B 491 -47.10 8.85 7.76
C ALA B 491 -46.00 8.47 8.74
N LEU B 492 -45.69 7.18 8.81
CA LEU B 492 -44.64 6.68 9.69
C LEU B 492 -43.29 7.29 9.33
N LEU B 493 -43.00 7.37 8.04
CA LEU B 493 -41.77 7.98 7.57
C LEU B 493 -41.74 9.45 7.94
N GLN B 494 -42.90 10.09 7.89
CA GLN B 494 -43.02 11.49 8.29
C GLN B 494 -42.77 11.63 9.79
N LEU B 495 -43.22 10.64 10.55
CA LEU B 495 -43.05 10.63 12.00
C LEU B 495 -41.63 10.28 12.41
N LYS B 496 -40.86 9.76 11.46
CA LYS B 496 -39.48 9.34 11.72
C LYS B 496 -39.45 8.08 12.58
N ASP B 497 -40.55 7.36 12.63
CA ASP B 497 -40.65 6.15 13.44
C ASP B 497 -39.97 4.99 12.73
N PHE B 498 -38.66 4.85 12.93
CA PHE B 498 -37.87 3.83 12.25
C PHE B 498 -38.20 2.42 12.74
N ASP B 499 -38.66 2.32 13.98
CA ASP B 499 -38.93 1.03 14.59
C ASP B 499 -40.16 0.35 13.99
N PHE B 500 -41.10 1.16 13.50
CA PHE B 500 -42.38 0.66 13.04
C PHE B 500 -42.38 0.38 11.53
N VAL B 501 -41.48 1.05 10.82
CA VAL B 501 -41.46 0.98 9.36
C VAL B 501 -41.16 -0.41 8.77
N PRO B 502 -40.07 -1.05 9.24
CA PRO B 502 -39.63 -2.32 8.65
C PRO B 502 -40.75 -3.36 8.47
N PRO B 503 -41.51 -3.65 9.53
CA PRO B 503 -42.58 -4.65 9.39
C PRO B 503 -43.62 -4.22 8.34
N VAL B 504 -43.95 -2.93 8.31
CA VAL B 504 -44.91 -2.42 7.36
C VAL B 504 -44.42 -2.55 5.93
N VAL B 505 -43.16 -2.15 5.69
CA VAL B 505 -42.56 -2.24 4.37
C VAL B 505 -42.46 -3.69 3.92
N ARG B 506 -42.10 -4.58 4.85
CA ARG B 506 -42.01 -6.01 4.54
C ARG B 506 -43.35 -6.57 4.10
N TRP B 507 -44.44 -6.07 4.68
CA TRP B 507 -45.77 -6.55 4.32
C TRP B 507 -46.14 -6.13 2.90
N LEU B 508 -45.85 -4.89 2.56
CA LEU B 508 -46.14 -4.38 1.22
C LEU B 508 -45.42 -5.17 0.14
N ASN B 509 -44.15 -5.47 0.40
CA ASN B 509 -43.32 -6.24 -0.54
C ASN B 509 -43.82 -7.67 -0.72
N GLU B 510 -44.31 -8.25 0.38
CA GLU B 510 -44.78 -9.63 0.34
C GLU B 510 -46.11 -9.78 -0.39
N GLN B 511 -46.84 -8.68 -0.50
CA GLN B 511 -48.11 -8.69 -1.22
C GLN B 511 -47.88 -8.92 -2.72
N ARG B 512 -46.64 -8.69 -3.15
CA ARG B 512 -46.26 -8.91 -4.54
C ARG B 512 -47.18 -8.17 -5.50
N TYR B 513 -47.56 -6.95 -5.13
CA TYR B 513 -48.40 -6.12 -5.98
C TYR B 513 -47.58 -5.04 -6.66
N TYR B 514 -47.71 -4.94 -7.98
CA TYR B 514 -46.91 -3.99 -8.75
C TYR B 514 -47.78 -3.08 -9.61
N GLY B 515 -48.99 -2.80 -9.14
CA GLY B 515 -49.89 -1.88 -9.82
C GLY B 515 -50.48 -2.44 -11.09
N GLY B 516 -51.38 -1.67 -11.69
CA GLY B 516 -52.05 -2.08 -12.92
C GLY B 516 -53.34 -2.83 -12.64
N GLY B 517 -54.18 -2.93 -13.66
CA GLY B 517 -55.44 -3.64 -13.53
C GLY B 517 -56.61 -2.69 -13.34
N TYR B 518 -57.81 -3.25 -13.20
CA TYR B 518 -59.01 -2.46 -13.02
C TYR B 518 -59.10 -1.89 -11.60
N GLY B 519 -59.38 -0.60 -11.50
CA GLY B 519 -59.52 0.06 -10.21
C GLY B 519 -58.25 -0.02 -9.38
N SER B 520 -57.11 0.29 -10.02
CA SER B 520 -55.82 0.20 -9.35
C SER B 520 -55.09 1.53 -9.32
N THR B 521 -55.76 2.58 -9.78
CA THR B 521 -55.15 3.90 -9.89
C THR B 521 -54.54 4.37 -8.57
N GLN B 522 -55.33 4.32 -7.50
CA GLN B 522 -54.88 4.78 -6.19
C GLN B 522 -53.84 3.85 -5.57
N ALA B 523 -54.07 2.55 -5.68
CA ALA B 523 -53.15 1.56 -5.14
C ALA B 523 -51.79 1.65 -5.81
N THR B 524 -51.80 1.76 -7.14
CA THR B 524 -50.57 1.85 -7.91
C THR B 524 -49.79 3.12 -7.59
N PHE B 525 -50.49 4.23 -7.50
CA PHE B 525 -49.86 5.52 -7.25
C PHE B 525 -49.31 5.63 -5.83
N MET B 526 -50.04 5.07 -4.88
CA MET B 526 -49.67 5.19 -3.47
C MET B 526 -48.58 4.21 -3.05
N VAL B 527 -48.70 2.96 -3.51
CA VAL B 527 -47.75 1.92 -3.11
C VAL B 527 -46.33 2.24 -3.55
N PHE B 528 -46.19 2.79 -4.75
CA PHE B 528 -44.87 3.11 -5.28
C PHE B 528 -44.33 4.43 -4.73
N GLN B 529 -45.22 5.32 -4.35
CA GLN B 529 -44.82 6.59 -3.75
C GLN B 529 -44.29 6.35 -2.35
N ALA B 530 -44.93 5.42 -1.64
CA ALA B 530 -44.53 5.07 -0.29
C ALA B 530 -43.20 4.33 -0.28
N LEU B 531 -43.07 3.36 -1.18
CA LEU B 531 -41.84 2.60 -1.28
C LEU B 531 -40.67 3.47 -1.74
N ALA B 532 -40.96 4.43 -2.61
CA ALA B 532 -39.95 5.36 -3.10
C ALA B 532 -39.46 6.25 -1.98
N GLN B 533 -40.38 6.70 -1.14
CA GLN B 533 -40.04 7.56 -0.01
C GLN B 533 -39.20 6.77 1.01
N TYR B 534 -39.56 5.52 1.22
CA TYR B 534 -38.84 4.66 2.14
C TYR B 534 -37.37 4.53 1.75
N GLN B 535 -37.12 4.39 0.45
CA GLN B 535 -35.77 4.29 -0.07
C GLN B 535 -35.03 5.63 0.07
N LYS B 536 -35.78 6.71 -0.05
CA LYS B 536 -35.21 8.05 0.01
C LYS B 536 -34.79 8.40 1.43
N ASP B 537 -35.61 8.01 2.41
CA ASP B 537 -35.33 8.29 3.81
C ASP B 537 -34.24 7.37 4.35
N ALA B 538 -34.15 6.16 3.80
CA ALA B 538 -33.20 5.16 4.28
C ALA B 538 -31.78 5.71 4.32
N PRO B 539 -31.13 5.62 5.49
CA PRO B 539 -29.75 6.07 5.69
C PRO B 539 -28.75 5.15 4.99
N ASP B 540 -27.67 5.72 4.48
CA ASP B 540 -26.63 4.94 3.82
C ASP B 540 -26.09 3.86 4.77
N HIS B 541 -25.86 4.24 6.02
CA HIS B 541 -25.32 3.32 7.01
C HIS B 541 -25.70 3.76 8.41
N GLN B 542 -25.59 2.86 9.38
CA GLN B 542 -25.82 3.20 10.77
C GLN B 542 -24.75 4.17 11.25
N GLU B 543 -25.16 5.22 11.94
CA GLU B 543 -24.23 6.25 12.39
C GLU B 543 -23.12 5.67 13.26
N LEU B 544 -21.88 6.04 12.94
CA LEU B 544 -20.73 5.61 13.72
C LEU B 544 -19.87 6.82 14.06
N ASN B 545 -20.03 7.33 15.29
CA ASN B 545 -19.29 8.50 15.73
C ASN B 545 -18.92 8.37 17.20
N LEU B 546 -17.94 7.51 17.49
CA LEU B 546 -17.54 7.23 18.87
C LEU B 546 -16.45 8.18 19.37
N ASP B 547 -16.50 8.47 20.66
CA ASP B 547 -15.48 9.29 21.31
C ASP B 547 -14.81 8.49 22.42
N VAL B 548 -13.74 7.80 22.08
CA VAL B 548 -13.03 6.95 23.03
C VAL B 548 -11.78 7.64 23.57
N SER B 549 -11.62 7.63 24.88
CA SER B 549 -10.46 8.25 25.52
C SER B 549 -9.81 7.30 26.52
N LEU B 550 -8.49 7.27 26.53
CA LEU B 550 -7.74 6.41 27.43
C LEU B 550 -7.16 7.20 28.60
N GLN B 551 -7.27 6.63 29.81
CA GLN B 551 -6.74 7.29 31.00
C GLN B 551 -5.64 6.44 31.64
N LEU B 552 -4.41 6.70 31.24
CA LEU B 552 -3.25 6.01 31.80
C LEU B 552 -2.73 6.77 33.02
N PRO B 553 -2.60 6.07 34.15
CA PRO B 553 -2.16 6.67 35.41
C PRO B 553 -0.79 7.34 35.30
N SER B 554 -0.04 6.99 34.27
CA SER B 554 1.31 7.54 34.09
C SER B 554 1.40 8.52 32.93
N ARG B 555 0.24 8.97 32.45
CA ARG B 555 0.18 9.95 31.37
C ARG B 555 -0.28 11.31 31.90
N SER B 556 0.30 12.37 31.33
CA SER B 556 -0.02 13.73 31.78
C SER B 556 -1.49 14.09 31.56
N SER B 557 -1.97 13.85 30.35
CA SER B 557 -3.36 14.15 30.02
C SER B 557 -4.03 13.00 29.27
N LYS B 558 -5.35 13.02 29.24
CA LYS B 558 -6.12 11.96 28.59
C LYS B 558 -5.88 11.92 27.07
N ILE B 559 -5.88 10.72 26.52
CA ILE B 559 -5.71 10.55 25.08
C ILE B 559 -7.05 10.21 24.44
N THR B 560 -7.55 11.13 23.62
CA THR B 560 -8.85 10.94 22.98
C THR B 560 -8.72 10.53 21.53
N HIS B 561 -9.65 9.69 21.08
CA HIS B 561 -9.69 9.23 19.69
C HIS B 561 -11.08 9.44 19.10
N ARG B 562 -11.15 10.19 18.00
CA ARG B 562 -12.41 10.42 17.32
C ARG B 562 -12.61 9.39 16.20
N ILE B 563 -13.41 8.36 16.50
CA ILE B 563 -13.66 7.30 15.54
C ILE B 563 -14.88 7.61 14.67
N HIS B 564 -14.64 7.77 13.38
CA HIS B 564 -15.73 8.10 12.44
C HIS B 564 -15.93 6.98 11.42
N TRP B 565 -17.06 7.03 10.73
CA TRP B 565 -17.43 6.01 9.75
C TRP B 565 -16.36 5.82 8.67
N GLU B 566 -15.86 6.92 8.13
CA GLU B 566 -14.89 6.88 7.04
C GLU B 566 -13.57 6.25 7.46
N SER B 567 -13.28 6.28 8.76
CA SER B 567 -12.04 5.73 9.28
C SER B 567 -12.31 4.65 10.33
N ALA B 568 -13.43 3.94 10.17
CA ALA B 568 -13.82 2.91 11.11
C ALA B 568 -12.80 1.77 11.18
N SER B 569 -12.37 1.30 10.03
CA SER B 569 -11.46 0.16 9.96
C SER B 569 -10.05 0.51 10.46
N LEU B 570 -9.72 1.80 10.48
CA LEU B 570 -8.41 2.25 10.90
C LEU B 570 -8.03 1.69 12.28
N LEU B 571 -6.87 1.05 12.35
CA LEU B 571 -6.40 0.47 13.60
C LEU B 571 -5.59 1.51 14.39
N ARG B 572 -6.19 2.03 15.45
CA ARG B 572 -5.56 3.05 16.28
C ARG B 572 -4.88 2.40 17.48
N SER B 573 -3.62 2.74 17.71
CA SER B 573 -2.84 2.07 18.74
C SER B 573 -2.20 3.02 19.75
N GLU B 574 -2.08 2.56 20.98
CA GLU B 574 -1.39 3.30 22.04
C GLU B 574 -0.46 2.35 22.79
N GLU B 575 0.79 2.76 22.95
CA GLU B 575 1.79 1.91 23.57
C GLU B 575 2.27 2.46 24.91
N THR B 576 2.45 1.58 25.89
CA THR B 576 2.96 1.98 27.20
C THR B 576 3.98 0.98 27.73
N LYS B 577 5.09 1.50 28.24
CA LYS B 577 6.15 0.68 28.81
C LYS B 577 5.71 0.04 30.12
N GLU B 578 4.92 0.79 30.89
CA GLU B 578 4.52 0.36 32.23
C GLU B 578 3.40 -0.68 32.18
N ASN B 579 3.49 -1.67 33.06
CA ASN B 579 2.43 -2.65 33.22
C ASN B 579 1.47 -2.22 34.33
N GLU B 580 0.64 -1.23 34.02
CA GLU B 580 -0.24 -0.64 35.02
C GLU B 580 -1.67 -0.51 34.48
N GLY B 581 -2.65 -0.82 35.34
CA GLY B 581 -4.05 -0.74 34.95
C GLY B 581 -4.46 0.64 34.47
N PHE B 582 -5.46 0.68 33.61
CA PHE B 582 -5.95 1.95 33.05
C PHE B 582 -7.45 1.91 32.80
N THR B 583 -8.03 3.07 32.53
CA THR B 583 -9.47 3.17 32.32
C THR B 583 -9.78 3.65 30.91
N VAL B 584 -10.80 3.05 30.30
CA VAL B 584 -11.20 3.42 28.95
C VAL B 584 -12.65 3.91 28.93
N THR B 585 -12.84 5.16 28.52
CA THR B 585 -14.17 5.75 28.47
C THR B 585 -14.58 6.05 27.04
N ALA B 586 -15.76 5.58 26.65
CA ALA B 586 -16.27 5.80 25.31
C ALA B 586 -17.71 6.31 25.33
N GLU B 587 -18.04 7.21 24.42
CA GLU B 587 -19.39 7.76 24.34
C GLU B 587 -19.72 8.25 22.93
N GLY B 588 -21.00 8.16 22.57
CA GLY B 588 -21.44 8.49 21.22
C GLY B 588 -22.16 7.32 20.59
N LYS B 589 -22.53 7.46 19.32
CA LYS B 589 -23.23 6.38 18.61
C LYS B 589 -22.28 5.51 17.82
N GLY B 590 -22.69 4.27 17.56
CA GLY B 590 -21.87 3.34 16.81
C GLY B 590 -21.22 2.29 17.71
N GLN B 591 -20.53 1.34 17.09
CA GLN B 591 -19.88 0.27 17.83
C GLN B 591 -18.38 0.23 17.53
N GLY B 592 -17.61 -0.27 18.49
CA GLY B 592 -16.17 -0.35 18.34
C GLY B 592 -15.58 -1.56 19.06
N THR B 593 -14.27 -1.74 18.92
CA THR B 593 -13.59 -2.85 19.56
C THR B 593 -12.37 -2.37 20.35
N LEU B 594 -12.17 -2.94 21.54
CA LEU B 594 -11.04 -2.59 22.38
C LEU B 594 -10.24 -3.84 22.73
N SER B 595 -8.98 -3.88 22.30
CA SER B 595 -8.11 -5.01 22.59
C SER B 595 -6.80 -4.56 23.22
N VAL B 596 -6.43 -5.21 24.32
CA VAL B 596 -5.19 -4.89 25.02
C VAL B 596 -4.26 -6.08 25.01
N VAL B 597 -3.11 -5.94 24.38
CA VAL B 597 -2.13 -7.01 24.28
C VAL B 597 -0.77 -6.59 24.81
N THR B 598 -0.12 -7.48 25.55
CA THR B 598 1.18 -7.17 26.15
C THR B 598 2.29 -8.05 25.59
N MET B 599 3.28 -7.42 24.97
CA MET B 599 4.46 -8.14 24.49
C MET B 599 5.57 -8.10 25.55
N TYR B 600 6.12 -9.27 25.85
CA TYR B 600 7.16 -9.37 26.87
C TYR B 600 8.01 -10.63 26.65
N HIS B 601 9.13 -10.70 27.35
CA HIS B 601 9.99 -11.87 27.28
C HIS B 601 9.73 -12.80 28.47
N ALA B 602 9.19 -13.97 28.19
CA ALA B 602 8.88 -14.93 29.25
C ALA B 602 9.98 -15.98 29.38
N LYS B 603 10.38 -16.25 30.62
CA LYS B 603 11.44 -17.21 30.89
C LYS B 603 11.12 -18.56 30.24
N ALA B 604 12.06 -19.06 29.45
CA ALA B 604 11.89 -20.34 28.78
C ALA B 604 12.46 -21.47 29.63
N LYS B 605 11.59 -22.34 30.13
CA LYS B 605 12.00 -23.46 30.96
C LYS B 605 12.87 -24.45 30.19
N ASP B 606 12.57 -24.63 28.91
CA ASP B 606 13.35 -25.52 28.06
C ASP B 606 14.52 -24.78 27.41
N GLN B 607 15.40 -25.53 26.77
CA GLN B 607 16.56 -24.96 26.10
C GLN B 607 16.18 -24.39 24.74
N LEU B 608 16.49 -23.11 24.52
CA LEU B 608 16.21 -22.45 23.26
C LEU B 608 17.23 -22.86 22.19
N THR B 609 18.46 -23.10 22.63
CA THR B 609 19.54 -23.48 21.72
C THR B 609 19.66 -25.00 21.61
N CYS B 610 20.26 -25.46 20.52
CA CYS B 610 20.49 -26.88 20.29
C CYS B 610 19.21 -27.71 20.43
N ASN B 611 18.17 -27.28 19.72
CA ASN B 611 16.89 -27.97 19.76
C ASN B 611 16.84 -29.13 18.77
N LYS B 612 17.66 -29.04 17.73
CA LYS B 612 17.66 -30.03 16.66
C LYS B 612 18.89 -30.93 16.69
N PHE B 613 20.02 -30.40 17.13
CA PHE B 613 21.26 -31.15 17.16
C PHE B 613 21.87 -31.25 18.56
N ASP B 614 22.32 -32.45 18.92
CA ASP B 614 23.09 -32.64 20.14
C ASP B 614 24.58 -32.64 19.81
N LEU B 615 25.34 -31.77 20.47
CA LEU B 615 26.76 -31.63 20.20
C LEU B 615 27.59 -31.73 21.47
N LYS B 616 28.59 -32.60 21.46
CA LYS B 616 29.51 -32.76 22.57
C LYS B 616 30.96 -32.61 22.10
N VAL B 617 31.62 -31.54 22.51
CA VAL B 617 33.02 -31.33 22.16
C VAL B 617 33.92 -31.52 23.37
N THR B 618 34.94 -32.37 23.23
CA THR B 618 35.89 -32.62 24.29
C THR B 618 37.31 -32.36 23.84
N ILE B 619 38.11 -31.75 24.71
CA ILE B 619 39.51 -31.46 24.40
C ILE B 619 40.41 -32.01 25.51
N LYS B 620 41.38 -32.84 25.12
CA LYS B 620 42.27 -33.48 26.07
C LYS B 620 43.71 -33.47 25.58
N PRO B 621 44.66 -33.33 26.51
CA PRO B 621 46.09 -33.32 26.19
C PRO B 621 46.52 -34.57 25.43
N ALA B 622 47.36 -34.40 24.43
CA ALA B 622 47.83 -35.52 23.61
C ALA B 622 49.00 -36.23 24.28
N PRO B 623 49.02 -37.57 24.17
CA PRO B 623 50.08 -38.40 24.75
C PRO B 623 51.46 -38.05 24.19
N LYS B 633 54.51 -25.04 21.03
CA LYS B 633 54.85 -26.46 20.89
C LYS B 633 54.01 -27.31 21.85
N ASN B 634 52.93 -27.88 21.33
CA ASN B 634 52.00 -28.67 22.12
C ASN B 634 51.00 -29.38 21.22
N THR B 635 50.41 -30.47 21.71
CA THR B 635 49.42 -31.21 20.94
C THR B 635 48.25 -31.64 21.81
N MET B 636 47.05 -31.59 21.24
CA MET B 636 45.84 -32.01 21.94
C MET B 636 44.88 -32.73 20.99
N ILE B 637 43.94 -33.46 21.58
CA ILE B 637 42.97 -34.22 20.78
C ILE B 637 41.57 -33.60 20.85
N LEU B 638 41.04 -33.22 19.70
CA LEU B 638 39.70 -32.67 19.61
C LEU B 638 38.73 -33.72 19.09
N GLU B 639 37.81 -34.15 19.95
CA GLU B 639 36.82 -35.16 19.58
C GLU B 639 35.42 -34.58 19.62
N ILE B 640 34.72 -34.67 18.50
CA ILE B 640 33.38 -34.09 18.37
C ILE B 640 32.30 -35.16 18.24
N CYS B 641 31.28 -35.05 19.08
CA CYS B 641 30.17 -35.99 19.07
C CYS B 641 28.88 -35.28 18.67
N THR B 642 28.10 -35.90 17.78
CA THR B 642 26.87 -35.29 17.31
C THR B 642 25.75 -36.31 17.08
N ARG B 643 24.52 -35.90 17.37
CA ARG B 643 23.35 -36.73 17.14
C ARG B 643 22.17 -35.87 16.71
N TYR B 644 21.40 -36.38 15.76
CA TYR B 644 20.25 -35.63 15.23
C TYR B 644 18.98 -35.92 16.01
N ARG B 645 18.30 -34.87 16.43
CA ARG B 645 17.04 -35.00 17.15
C ARG B 645 15.86 -34.97 16.19
N GLY B 646 15.48 -36.12 15.66
CA GLY B 646 14.37 -36.21 14.73
C GLY B 646 13.88 -37.63 14.52
N ASP B 647 12.78 -37.75 13.79
CA ASP B 647 12.19 -39.06 13.49
C ASP B 647 13.08 -39.85 12.53
N GLN B 648 13.70 -39.14 11.59
CA GLN B 648 14.59 -39.76 10.61
C GLN B 648 15.99 -39.19 10.74
N ASP B 649 16.96 -39.84 10.11
CA ASP B 649 18.33 -39.34 10.12
C ASP B 649 18.43 -38.02 9.37
N ALA B 650 19.42 -37.20 9.72
CA ALA B 650 19.59 -35.90 9.09
C ALA B 650 20.35 -36.01 7.77
N THR B 651 20.08 -35.08 6.86
CA THR B 651 20.76 -35.03 5.58
C THR B 651 22.14 -34.39 5.73
N MET B 652 22.77 -34.08 4.61
CA MET B 652 24.11 -33.49 4.61
C MET B 652 24.24 -32.36 5.63
N SER B 653 25.17 -32.51 6.55
CA SER B 653 25.38 -31.52 7.61
C SER B 653 26.76 -30.88 7.51
N ILE B 654 26.91 -29.71 8.12
CA ILE B 654 28.17 -28.98 8.09
C ILE B 654 28.80 -28.89 9.48
N LEU B 655 30.11 -29.08 9.54
CA LEU B 655 30.85 -28.93 10.79
C LEU B 655 31.77 -27.72 10.75
N ASP B 656 31.23 -26.57 11.10
CA ASP B 656 32.02 -25.34 11.12
C ASP B 656 32.87 -25.30 12.38
N ILE B 657 34.16 -25.58 12.23
CA ILE B 657 35.06 -25.66 13.37
C ILE B 657 36.07 -24.52 13.35
N SER B 658 36.28 -23.92 14.52
CA SER B 658 37.25 -22.83 14.66
C SER B 658 38.33 -23.21 15.67
N MET B 659 39.59 -23.13 15.26
CA MET B 659 40.71 -23.50 16.10
C MET B 659 40.94 -22.49 17.22
N MET B 660 41.54 -22.95 18.32
CA MET B 660 41.95 -22.07 19.40
C MET B 660 43.14 -21.24 18.93
N THR B 661 43.22 -20.00 19.39
CA THR B 661 44.30 -19.10 18.98
C THR B 661 45.68 -19.74 19.13
N GLY B 662 46.36 -19.90 18.00
CA GLY B 662 47.69 -20.50 17.99
C GLY B 662 47.68 -21.99 17.73
N PHE B 663 46.52 -22.51 17.35
CA PHE B 663 46.37 -23.94 17.09
C PHE B 663 45.89 -24.23 15.67
N ALA B 664 46.22 -25.43 15.19
CA ALA B 664 45.85 -25.83 13.84
C ALA B 664 45.71 -27.35 13.75
N PRO B 665 44.73 -27.83 12.98
CA PRO B 665 44.49 -29.27 12.78
C PRO B 665 45.68 -29.95 12.12
N ASP B 666 45.76 -31.27 12.24
CA ASP B 666 46.84 -32.02 11.62
C ASP B 666 46.46 -32.44 10.20
N THR B 667 47.35 -32.18 9.25
CA THR B 667 47.11 -32.50 7.85
C THR B 667 46.87 -33.99 7.65
N ASP B 668 47.63 -34.81 8.37
CA ASP B 668 47.54 -36.26 8.24
C ASP B 668 46.18 -36.81 8.68
N ASP B 669 45.70 -36.34 9.83
CA ASP B 669 44.41 -36.78 10.34
C ASP B 669 43.24 -36.35 9.46
N LEU B 670 43.35 -35.16 8.88
CA LEU B 670 42.30 -34.65 8.01
C LEU B 670 42.15 -35.50 6.76
N LYS B 671 43.28 -35.92 6.19
CA LYS B 671 43.26 -36.74 4.98
C LYS B 671 42.53 -38.05 5.23
N GLN B 672 42.70 -38.61 6.42
CA GLN B 672 42.09 -39.88 6.76
C GLN B 672 40.58 -39.72 6.94
N LEU B 673 40.17 -38.55 7.41
CA LEU B 673 38.75 -38.23 7.55
C LEU B 673 38.13 -37.92 6.19
N ALA B 674 38.93 -37.30 5.33
CA ALA B 674 38.46 -36.93 3.99
C ALA B 674 38.09 -38.16 3.17
N ASN B 675 38.80 -39.26 3.40
CA ASN B 675 38.56 -40.50 2.68
C ASN B 675 37.18 -41.07 2.92
N GLY B 676 36.32 -41.03 1.90
CA GLY B 676 34.98 -41.57 1.98
C GLY B 676 34.35 -41.41 3.34
N VAL B 677 34.03 -42.55 3.97
CA VAL B 677 33.44 -42.59 5.31
C VAL B 677 32.33 -41.54 5.54
N ASP B 678 31.67 -41.15 4.46
CA ASP B 678 30.60 -40.16 4.51
C ASP B 678 31.08 -38.83 5.10
N ARG B 679 32.37 -38.56 4.96
CA ARG B 679 32.95 -37.31 5.42
C ARG B 679 33.72 -36.67 4.27
N TYR B 680 33.32 -35.47 3.88
CA TYR B 680 33.98 -34.78 2.78
C TYR B 680 34.71 -33.51 3.23
N ILE B 681 35.98 -33.40 2.82
CA ILE B 681 36.76 -32.20 3.09
C ILE B 681 37.33 -31.67 1.78
N SER B 682 36.88 -30.50 1.38
CA SER B 682 37.32 -29.89 0.12
C SER B 682 38.84 -29.81 0.05
N LYS B 683 39.40 -30.01 -1.14
CA LYS B 683 40.84 -29.93 -1.33
C LYS B 683 41.39 -28.60 -0.84
N TYR B 684 40.63 -27.53 -1.07
CA TYR B 684 41.03 -26.19 -0.65
C TYR B 684 41.42 -26.17 0.83
N GLU B 685 40.69 -26.93 1.64
CA GLU B 685 40.97 -27.00 3.07
C GLU B 685 42.24 -27.80 3.34
N LEU B 686 42.44 -28.87 2.58
CA LEU B 686 43.58 -29.76 2.77
C LEU B 686 44.90 -29.07 2.42
N ASP B 687 44.86 -28.16 1.45
CA ASP B 687 46.07 -27.51 0.97
C ASP B 687 46.70 -26.56 1.98
N LYS B 688 45.89 -25.76 2.66
CA LYS B 688 46.41 -24.76 3.58
C LYS B 688 47.47 -25.35 4.49
N ALA B 689 48.62 -24.69 4.54
CA ALA B 689 49.70 -25.10 5.43
C ALA B 689 49.26 -24.94 6.89
N PHE B 690 50.06 -25.45 7.81
CA PHE B 690 49.75 -25.36 9.23
C PHE B 690 49.56 -23.91 9.68
N SER B 691 50.06 -22.97 8.89
CA SER B 691 49.94 -21.55 9.20
C SER B 691 48.61 -20.97 8.74
N ASP B 692 48.05 -20.08 9.56
CA ASP B 692 46.79 -19.40 9.23
C ASP B 692 45.67 -20.37 8.87
N ARG B 693 45.52 -21.42 9.66
CA ARG B 693 44.40 -22.35 9.50
C ARG B 693 43.61 -22.43 10.80
N ASN B 694 42.88 -21.36 11.10
CA ASN B 694 42.06 -21.31 12.31
C ASN B 694 40.61 -21.63 12.04
N THR B 695 40.30 -21.96 10.79
CA THR B 695 38.94 -22.33 10.39
C THR B 695 38.93 -23.60 9.56
N LEU B 696 38.02 -24.51 9.88
CA LEU B 696 37.91 -25.77 9.17
C LEU B 696 36.45 -26.16 8.96
N ILE B 697 36.16 -26.73 7.80
CA ILE B 697 34.81 -27.19 7.51
C ILE B 697 34.80 -28.66 7.14
N ILE B 698 34.01 -29.44 7.88
CA ILE B 698 33.87 -30.86 7.61
C ILE B 698 32.44 -31.21 7.22
N TYR B 699 32.26 -31.65 5.98
CA TYR B 699 30.95 -31.99 5.47
C TYR B 699 30.62 -33.45 5.72
N LEU B 700 29.43 -33.71 6.28
CA LEU B 700 28.98 -35.06 6.55
C LEU B 700 27.80 -35.42 5.67
N ASP B 701 27.85 -36.58 5.04
CA ASP B 701 26.75 -37.03 4.19
C ASP B 701 25.46 -37.14 4.98
N LYS B 702 25.57 -37.57 6.23
CA LYS B 702 24.41 -37.71 7.11
C LYS B 702 24.84 -38.04 8.53
N VAL B 703 24.01 -37.67 9.49
CA VAL B 703 24.26 -38.00 10.89
C VAL B 703 23.12 -38.85 11.45
N SER B 704 23.46 -39.74 12.36
CA SER B 704 22.48 -40.67 12.91
C SER B 704 21.57 -40.02 13.95
N HIS B 705 20.31 -40.45 13.99
CA HIS B 705 19.37 -39.98 15.00
C HIS B 705 19.18 -41.05 16.06
N SER B 706 19.87 -42.18 15.88
CA SER B 706 19.77 -43.30 16.81
C SER B 706 20.86 -43.25 17.86
N GLU B 707 22.06 -42.83 17.45
CA GLU B 707 23.20 -42.77 18.34
C GLU B 707 24.16 -41.65 17.93
N ASP B 708 25.19 -41.44 18.75
CA ASP B 708 26.18 -40.39 18.48
C ASP B 708 27.17 -40.78 17.39
N ASP B 709 27.42 -39.84 16.48
CA ASP B 709 28.47 -40.02 15.48
C ASP B 709 29.72 -39.25 15.91
N CYS B 710 30.74 -39.98 16.35
CA CYS B 710 31.93 -39.36 16.91
C CYS B 710 33.12 -39.41 15.95
N LEU B 711 33.79 -38.28 15.80
CA LEU B 711 35.02 -38.21 15.02
C LEU B 711 36.05 -37.40 15.79
N ALA B 712 37.33 -37.66 15.53
CA ALA B 712 38.40 -36.98 16.25
C ALA B 712 39.64 -36.76 15.39
N PHE B 713 40.37 -35.69 15.69
CA PHE B 713 41.63 -35.40 15.01
C PHE B 713 42.56 -34.62 15.94
N LYS B 714 43.84 -34.60 15.59
CA LYS B 714 44.85 -33.94 16.42
C LYS B 714 45.00 -32.46 16.11
N VAL B 715 45.41 -31.70 17.12
CA VAL B 715 45.67 -30.28 16.95
C VAL B 715 47.07 -29.95 17.46
N HIS B 716 47.78 -29.10 16.73
CA HIS B 716 49.15 -28.73 17.10
C HIS B 716 49.28 -27.23 17.31
N GLN B 717 49.97 -26.84 18.37
CA GLN B 717 50.22 -25.42 18.63
C GLN B 717 51.43 -24.93 17.85
N TYR B 718 51.23 -23.85 17.09
CA TYR B 718 52.31 -23.28 16.31
C TYR B 718 52.71 -21.91 16.84
N PHE B 719 51.72 -21.19 17.39
CA PHE B 719 51.96 -19.86 17.93
C PHE B 719 51.68 -19.83 19.43
N ASN B 720 52.42 -19.00 20.15
CA ASN B 720 52.30 -18.94 21.60
C ASN B 720 51.80 -17.59 22.09
N VAL B 721 50.72 -17.61 22.87
CA VAL B 721 50.12 -16.38 23.38
C VAL B 721 49.68 -16.56 24.84
N GLU B 722 49.59 -15.46 25.57
CA GLU B 722 49.20 -15.51 26.98
C GLU B 722 47.70 -15.76 27.16
N LEU B 723 46.88 -14.96 26.49
CA LEU B 723 45.42 -15.16 26.53
C LEU B 723 44.95 -15.96 25.33
N ILE B 724 44.43 -17.15 25.59
CA ILE B 724 43.98 -18.05 24.53
C ILE B 724 42.47 -18.03 24.39
N GLN B 725 42.00 -17.67 23.19
CA GLN B 725 40.56 -17.70 22.89
C GLN B 725 40.05 -19.12 22.75
N PRO B 726 38.91 -19.42 23.38
CA PRO B 726 38.26 -20.73 23.27
C PRO B 726 37.84 -21.01 21.83
N GLY B 727 37.89 -22.28 21.43
CA GLY B 727 37.46 -22.68 20.11
C GLY B 727 35.96 -22.90 20.06
N ALA B 728 35.44 -23.08 18.85
CA ALA B 728 33.99 -23.29 18.68
C ALA B 728 33.69 -24.35 17.62
N VAL B 729 32.58 -25.06 17.81
CA VAL B 729 32.14 -26.07 16.87
C VAL B 729 30.65 -25.93 16.60
N LYS B 730 30.27 -25.83 15.34
CA LYS B 730 28.87 -25.61 14.96
C LYS B 730 28.36 -26.70 14.02
N VAL B 731 27.23 -27.30 14.38
CA VAL B 731 26.61 -28.31 13.54
C VAL B 731 25.23 -27.85 13.07
N TYR B 732 24.91 -28.15 11.81
CA TYR B 732 23.63 -27.79 11.23
C TYR B 732 23.42 -28.45 9.88
N ALA B 733 22.17 -28.73 9.55
CA ALA B 733 21.82 -29.27 8.24
C ALA B 733 21.93 -28.17 7.19
N TYR B 734 22.26 -28.56 5.96
CA TYR B 734 22.45 -27.58 4.89
C TYR B 734 21.22 -26.71 4.66
N TYR B 735 20.05 -27.33 4.73
CA TYR B 735 18.80 -26.64 4.42
C TYR B 735 18.43 -25.59 5.46
N ASN B 736 18.89 -25.78 6.70
CA ASN B 736 18.56 -24.87 7.78
C ASN B 736 19.78 -24.47 8.60
N LEU B 737 20.11 -23.18 8.56
CA LEU B 737 21.25 -22.65 9.30
C LEU B 737 20.84 -22.20 10.70
N GLU B 738 19.59 -21.75 10.83
CA GLU B 738 19.08 -21.27 12.10
C GLU B 738 19.08 -22.38 13.15
N GLU B 739 18.60 -23.56 12.76
CA GLU B 739 18.57 -24.71 13.65
C GLU B 739 19.95 -25.36 13.75
N SER B 740 20.82 -24.75 14.55
CA SER B 740 22.18 -25.24 14.72
C SER B 740 22.55 -25.38 16.19
N CYS B 741 23.72 -25.94 16.45
CA CYS B 741 24.21 -26.09 17.82
C CYS B 741 25.70 -25.75 17.90
N THR B 742 26.03 -24.78 18.73
CA THR B 742 27.42 -24.33 18.87
C THR B 742 28.00 -24.70 20.23
N ARG B 743 29.15 -25.36 20.21
CA ARG B 743 29.84 -25.71 21.44
C ARG B 743 31.25 -25.13 21.48
N PHE B 744 31.61 -24.53 22.61
CA PHE B 744 32.94 -23.96 22.79
C PHE B 744 33.83 -24.91 23.58
N TYR B 745 35.10 -24.98 23.20
CA TYR B 745 36.06 -25.83 23.91
C TYR B 745 37.33 -25.05 24.24
N HIS B 746 37.98 -25.44 25.34
CA HIS B 746 39.20 -24.79 25.78
C HIS B 746 39.88 -25.64 26.86
N PRO B 747 41.22 -25.64 26.88
CA PRO B 747 42.00 -26.38 27.87
C PRO B 747 41.60 -26.05 29.30
N GLU B 748 42.18 -26.76 30.27
CA GLU B 748 41.88 -26.55 31.68
C GLU B 748 40.52 -27.10 32.06
N LYS B 749 40.00 -28.03 31.25
CA LYS B 749 38.73 -28.68 31.54
C LYS B 749 38.85 -30.20 31.38
N GLU B 750 38.44 -30.92 32.42
CA GLU B 750 38.50 -32.39 32.40
C GLU B 750 37.13 -33.01 32.63
N CYS B 758 36.54 -20.49 37.63
CA CYS B 758 36.84 -20.47 36.21
C CYS B 758 37.96 -19.49 35.89
N ARG B 759 38.86 -19.87 34.97
CA ARG B 759 39.99 -19.03 34.61
C ARG B 759 39.80 -18.34 33.27
N ASP B 760 38.91 -18.89 32.44
CA ASP B 760 38.57 -18.27 31.17
C ASP B 760 38.34 -16.77 31.37
N GLU B 761 39.19 -15.95 30.75
CA GLU B 761 39.06 -14.51 30.84
C GLU B 761 37.65 -14.07 30.49
N LEU B 762 37.05 -14.75 29.53
CA LEU B 762 35.70 -14.43 29.08
C LEU B 762 34.69 -14.78 30.17
N CYS B 763 35.05 -15.76 31.00
CA CYS B 763 34.19 -16.17 32.11
C CYS B 763 34.34 -15.24 33.30
N ARG B 764 35.58 -14.82 33.58
CA ARG B 764 35.86 -13.94 34.71
C ARG B 764 35.32 -12.53 34.47
N CYS B 765 35.46 -12.05 33.23
CA CYS B 765 35.02 -10.71 32.88
C CYS B 765 33.52 -10.54 33.04
N ALA B 766 32.76 -11.59 32.73
CA ALA B 766 31.31 -11.52 32.75
C ALA B 766 30.74 -11.35 34.16
N GLU B 767 31.52 -11.78 35.16
CA GLU B 767 31.04 -11.78 36.54
C GLU B 767 31.56 -10.61 37.37
N GLU B 768 32.06 -9.58 36.70
CA GLU B 768 32.58 -8.40 37.39
C GLU B 768 31.47 -7.57 38.02
N ASN B 769 30.34 -7.48 37.32
CA ASN B 769 29.23 -6.65 37.77
C ASN B 769 28.12 -7.41 38.48
N CYS B 770 28.43 -8.64 38.90
CA CYS B 770 27.45 -9.45 39.63
C CYS B 770 27.05 -8.76 40.92
N PHE B 771 28.05 -8.26 41.64
CA PHE B 771 27.82 -7.56 42.90
C PHE B 771 29.11 -6.89 43.35
N ILE B 772 29.02 -6.10 44.42
CA ILE B 772 30.20 -5.43 44.96
C ILE B 772 31.28 -6.43 45.35
N GLN B 773 32.32 -6.50 44.54
CA GLN B 773 33.42 -7.43 44.77
C GLN B 773 34.38 -6.88 45.82
N LYS B 774 34.61 -7.65 46.88
CA LYS B 774 35.48 -7.21 47.97
C LYS B 774 35.74 -8.32 48.98
N SER B 775 36.82 -8.19 49.73
CA SER B 775 37.17 -9.16 50.77
C SER B 775 36.81 -8.64 52.15
N ASP B 776 36.16 -9.48 52.95
CA ASP B 776 35.70 -9.07 54.27
C ASP B 776 36.85 -8.51 55.10
N ASP B 777 38.06 -8.98 54.82
CA ASP B 777 39.25 -8.53 55.52
C ASP B 777 39.51 -7.05 55.27
N LYS B 778 39.49 -6.66 53.99
CA LYS B 778 39.71 -5.27 53.62
C LYS B 778 38.57 -4.39 54.13
N VAL B 779 37.39 -4.99 54.27
CA VAL B 779 36.21 -4.27 54.74
C VAL B 779 36.32 -3.93 56.23
N THR B 780 36.01 -2.69 56.57
CA THR B 780 36.08 -2.24 57.96
C THR B 780 34.72 -1.78 58.45
N LEU B 781 34.58 -1.65 59.76
CA LEU B 781 33.32 -1.22 60.37
C LEU B 781 32.93 0.15 59.85
N GLU B 782 33.85 1.11 60.00
CA GLU B 782 33.62 2.47 59.53
C GLU B 782 33.25 2.51 58.06
N GLU B 783 33.83 1.60 57.28
CA GLU B 783 33.56 1.53 55.85
C GLU B 783 32.10 1.20 55.57
N ARG B 784 31.56 0.23 56.32
CA ARG B 784 30.18 -0.18 56.14
C ARG B 784 29.20 0.94 56.49
N LEU B 785 29.46 1.61 57.61
CA LEU B 785 28.60 2.72 58.04
C LEU B 785 28.58 3.84 57.00
N ASP B 786 29.73 4.11 56.42
CA ASP B 786 29.86 5.15 55.40
C ASP B 786 29.06 4.78 54.14
N LYS B 787 29.23 3.54 53.69
CA LYS B 787 28.58 3.08 52.46
C LYS B 787 27.07 2.86 52.64
N ALA B 788 26.70 2.27 53.77
CA ALA B 788 25.31 1.89 54.02
C ALA B 788 24.38 3.08 54.19
N CYS B 789 24.86 4.12 54.87
CA CYS B 789 24.04 5.28 55.15
C CYS B 789 23.80 6.17 53.93
N GLU B 790 24.60 5.98 52.89
CA GLU B 790 24.44 6.75 51.66
C GLU B 790 22.99 6.68 51.19
N PRO B 791 22.44 7.84 50.77
CA PRO B 791 21.06 7.95 50.31
C PRO B 791 20.73 6.92 49.24
N GLY B 792 21.69 6.62 48.38
CA GLY B 792 21.50 5.64 47.32
C GLY B 792 20.98 4.32 47.86
N VAL B 793 21.60 3.84 48.94
CA VAL B 793 21.17 2.60 49.58
C VAL B 793 19.76 2.75 50.14
N ASP B 794 18.86 1.89 49.68
CA ASP B 794 17.46 1.97 50.09
C ASP B 794 17.13 0.96 51.18
N TYR B 795 17.74 -0.22 51.10
CA TYR B 795 17.44 -1.29 52.04
C TYR B 795 18.70 -1.93 52.62
N VAL B 796 18.60 -2.40 53.86
CA VAL B 796 19.67 -3.14 54.51
C VAL B 796 19.07 -4.22 55.41
N TYR B 797 19.34 -5.48 55.08
CA TYR B 797 18.76 -6.58 55.84
C TYR B 797 19.78 -7.60 56.32
N LYS B 798 19.51 -8.19 57.49
CA LYS B 798 20.23 -9.37 57.95
C LYS B 798 19.41 -10.57 57.50
N THR B 799 19.91 -11.30 56.52
CA THR B 799 19.12 -12.35 55.87
C THR B 799 19.65 -13.76 56.10
N ARG B 800 18.74 -14.72 56.03
CA ARG B 800 19.09 -16.13 56.06
C ARG B 800 18.56 -16.80 54.80
N LEU B 801 19.44 -17.46 54.06
CA LEU B 801 19.04 -18.11 52.83
C LEU B 801 18.22 -19.36 53.10
N VAL B 802 16.90 -19.25 52.92
CA VAL B 802 15.98 -20.35 53.18
C VAL B 802 15.99 -21.39 52.07
N LYS B 803 15.96 -20.94 50.83
CA LYS B 803 15.96 -21.85 49.69
C LYS B 803 16.67 -21.30 48.46
N VAL B 804 17.30 -22.19 47.71
CA VAL B 804 17.97 -21.82 46.46
C VAL B 804 17.32 -22.53 45.28
N GLN B 805 16.67 -21.75 44.41
CA GLN B 805 16.04 -22.30 43.21
C GLN B 805 16.85 -21.97 41.96
N LEU B 806 17.71 -22.91 41.56
CA LEU B 806 18.54 -22.72 40.38
C LEU B 806 17.73 -22.89 39.10
N SER B 807 18.12 -22.16 38.05
CA SER B 807 17.46 -22.24 36.77
C SER B 807 18.47 -22.13 35.62
N ASN B 808 17.98 -22.22 34.39
CA ASN B 808 18.84 -22.18 33.22
C ASN B 808 19.37 -20.78 32.89
N ASP B 809 18.61 -19.76 33.23
CA ASP B 809 19.00 -18.38 32.93
C ASP B 809 19.18 -17.53 34.18
N PHE B 810 18.23 -17.61 35.11
CA PHE B 810 18.30 -16.82 36.33
C PHE B 810 18.08 -17.67 37.58
N ASP B 811 18.94 -17.48 38.57
CA ASP B 811 18.85 -18.21 39.83
C ASP B 811 18.10 -17.39 40.88
N GLU B 812 17.16 -18.02 41.57
CA GLU B 812 16.38 -17.35 42.59
C GLU B 812 16.80 -17.77 43.99
N TYR B 813 17.08 -16.78 44.84
CA TYR B 813 17.47 -17.04 46.22
C TYR B 813 16.42 -16.50 47.18
N ILE B 814 15.65 -17.39 47.79
CA ILE B 814 14.63 -16.99 48.74
C ILE B 814 15.26 -16.64 50.09
N MET B 815 15.44 -15.35 50.32
CA MET B 815 16.05 -14.86 51.56
C MET B 815 15.00 -14.55 52.60
N ALA B 816 15.25 -14.95 53.85
CA ALA B 816 14.35 -14.65 54.95
C ALA B 816 14.88 -13.46 55.74
N ILE B 817 14.08 -12.40 55.80
CA ILE B 817 14.47 -11.19 56.52
C ILE B 817 14.43 -11.43 58.03
N GLU B 818 15.61 -11.66 58.61
CA GLU B 818 15.71 -11.88 60.05
C GLU B 818 15.70 -10.57 60.82
N GLN B 819 16.26 -9.53 60.22
CA GLN B 819 16.31 -8.21 60.85
C GLN B 819 16.30 -7.09 59.81
N THR B 820 15.53 -6.06 60.07
CA THR B 820 15.44 -4.92 59.16
C THR B 820 16.34 -3.78 59.61
N ILE B 821 17.60 -3.85 59.22
CA ILE B 821 18.59 -2.83 59.59
C ILE B 821 18.20 -1.47 59.04
N LYS B 822 17.76 -1.44 57.79
CA LYS B 822 17.22 -0.22 57.19
C LYS B 822 16.20 -0.56 56.11
N SER B 823 15.01 0.02 56.21
CA SER B 823 13.94 -0.23 55.26
C SER B 823 13.53 1.03 54.53
N GLY B 824 13.09 0.88 53.29
CA GLY B 824 12.67 2.00 52.48
C GLY B 824 11.35 1.77 51.77
N SER B 825 11.40 1.74 50.44
CA SER B 825 10.19 1.55 49.63
C SER B 825 9.47 0.25 49.99
N ASP B 826 10.24 -0.84 50.10
CA ASP B 826 9.67 -2.13 50.45
C ASP B 826 9.51 -2.27 51.96
N GLU B 827 8.27 -2.13 52.44
CA GLU B 827 7.99 -2.23 53.85
C GLU B 827 7.90 -3.68 54.30
N VAL B 828 9.03 -4.38 54.26
CA VAL B 828 9.07 -5.79 54.64
C VAL B 828 9.23 -5.94 56.15
N GLN B 829 8.45 -6.85 56.73
CA GLN B 829 8.49 -7.10 58.16
C GLN B 829 9.42 -8.26 58.48
N VAL B 830 9.81 -8.37 59.74
CA VAL B 830 10.65 -9.47 60.19
C VAL B 830 9.89 -10.79 60.14
N GLY B 831 10.47 -11.79 59.49
CA GLY B 831 9.83 -13.09 59.36
C GLY B 831 9.33 -13.33 57.95
N GLN B 832 9.19 -12.26 57.18
CA GLN B 832 8.76 -12.37 55.78
C GLN B 832 9.93 -12.78 54.89
N GLN B 833 9.60 -13.20 53.67
CA GLN B 833 10.62 -13.68 52.74
C GLN B 833 10.63 -12.88 51.43
N ARG B 834 11.83 -12.61 50.94
CA ARG B 834 12.00 -11.91 49.67
C ARG B 834 12.89 -12.73 48.74
N THR B 835 12.57 -12.69 47.45
CA THR B 835 13.33 -13.46 46.47
C THR B 835 14.37 -12.60 45.76
N PHE B 836 15.63 -13.02 45.86
CA PHE B 836 16.73 -12.32 45.19
C PHE B 836 17.11 -13.05 43.90
N ILE B 837 17.25 -12.30 42.83
CA ILE B 837 17.51 -12.88 41.52
C ILE B 837 18.88 -12.47 40.97
N SER B 838 19.50 -13.36 40.21
CA SER B 838 20.80 -13.09 39.60
C SER B 838 21.06 -14.06 38.45
N PRO B 839 21.69 -13.56 37.38
CA PRO B 839 22.04 -14.38 36.22
C PRO B 839 22.92 -15.56 36.60
N ILE B 840 22.80 -16.66 35.87
CA ILE B 840 23.57 -17.88 36.16
C ILE B 840 25.06 -17.61 36.19
N LYS B 841 25.51 -16.66 35.37
CA LYS B 841 26.93 -16.35 35.28
C LYS B 841 27.51 -15.90 36.62
N CYS B 842 26.62 -15.53 37.55
CA CYS B 842 27.05 -15.03 38.85
C CYS B 842 26.92 -16.08 39.95
N ARG B 843 26.35 -17.22 39.62
CA ARG B 843 26.16 -18.28 40.61
C ARG B 843 27.49 -18.71 41.25
N GLU B 844 28.53 -18.81 40.42
CA GLU B 844 29.84 -19.25 40.89
C GLU B 844 30.53 -18.18 41.71
N ALA B 845 30.20 -16.92 41.45
CA ALA B 845 30.81 -15.79 42.16
C ALA B 845 30.14 -15.53 43.50
N LEU B 846 28.82 -15.62 43.53
CA LEU B 846 28.05 -15.41 44.76
C LEU B 846 28.30 -16.51 45.77
N LYS B 847 28.24 -17.76 45.32
CA LYS B 847 28.45 -18.91 46.20
C LYS B 847 27.51 -18.88 47.40
N LEU B 848 26.22 -18.76 47.14
CA LEU B 848 25.23 -18.72 48.20
C LEU B 848 24.79 -20.13 48.58
N GLU B 849 24.72 -20.40 49.89
CA GLU B 849 24.30 -21.70 50.38
C GLU B 849 23.15 -21.58 51.37
N GLU B 850 22.25 -22.57 51.35
CA GLU B 850 21.11 -22.57 52.26
C GLU B 850 21.58 -22.68 53.71
N LYS B 851 20.74 -22.20 54.63
CA LYS B 851 21.04 -22.23 56.05
C LYS B 851 22.12 -21.21 56.44
N LYS B 852 22.59 -20.45 55.46
CA LYS B 852 23.62 -19.45 55.72
C LYS B 852 23.05 -18.03 55.81
N HIS B 853 23.70 -17.20 56.61
CA HIS B 853 23.25 -15.83 56.82
C HIS B 853 24.12 -14.84 56.03
N TYR B 854 23.51 -13.72 55.65
CA TYR B 854 24.20 -12.72 54.85
C TYR B 854 23.76 -11.31 55.19
N LEU B 855 24.69 -10.36 55.10
CA LEU B 855 24.37 -8.95 55.24
C LEU B 855 24.18 -8.36 53.84
N MET B 856 22.94 -7.99 53.52
CA MET B 856 22.63 -7.52 52.18
C MET B 856 22.05 -6.11 52.17
N TRP B 857 22.52 -5.29 51.23
CA TRP B 857 21.94 -3.98 50.99
C TRP B 857 22.13 -3.59 49.52
N GLY B 858 21.23 -2.74 49.01
CA GLY B 858 21.28 -2.34 47.62
C GLY B 858 20.48 -1.09 47.32
N LEU B 859 20.31 -0.81 46.04
CA LEU B 859 19.60 0.38 45.59
C LEU B 859 18.11 0.10 45.37
N SER B 860 17.35 1.15 45.11
CA SER B 860 15.92 1.00 44.83
C SER B 860 15.70 0.48 43.42
N SER B 861 16.67 0.71 42.55
CA SER B 861 16.58 0.27 41.16
C SER B 861 16.65 -1.25 41.07
N ASP B 862 17.02 -1.89 42.18
CA ASP B 862 17.13 -3.35 42.23
C ASP B 862 15.77 -4.02 42.24
N PHE B 863 14.75 -3.30 42.71
CA PHE B 863 13.40 -3.86 42.83
C PHE B 863 12.89 -4.41 41.51
N TRP B 864 12.11 -5.48 41.60
CA TRP B 864 11.54 -6.13 40.42
C TRP B 864 10.10 -6.58 40.69
N GLY B 865 9.20 -6.28 39.77
CA GLY B 865 7.79 -6.57 39.97
C GLY B 865 7.11 -5.47 40.77
N GLU B 866 5.94 -5.79 41.32
CA GLU B 866 5.18 -4.83 42.12
C GLU B 866 5.07 -5.24 43.60
N LYS B 867 4.53 -4.34 44.41
CA LYS B 867 4.46 -4.52 45.86
C LYS B 867 4.08 -5.94 46.31
N PRO B 868 2.93 -6.46 45.86
CA PRO B 868 2.48 -7.78 46.32
C PRO B 868 3.53 -8.88 46.17
N ASN B 869 4.29 -8.86 45.07
CA ASN B 869 5.33 -9.86 44.83
C ASN B 869 6.67 -9.22 44.50
N LEU B 870 7.01 -8.15 45.22
CA LEU B 870 8.24 -7.40 44.97
C LEU B 870 9.47 -8.27 45.17
N SER B 871 10.32 -8.32 44.16
CA SER B 871 11.55 -9.11 44.22
C SER B 871 12.78 -8.22 44.17
N TYR B 872 13.94 -8.81 44.41
CA TYR B 872 15.21 -8.06 44.38
C TYR B 872 16.12 -8.62 43.30
N ILE B 873 16.83 -7.72 42.61
CA ILE B 873 17.81 -8.14 41.62
C ILE B 873 19.22 -7.78 42.06
N ILE B 874 20.03 -8.79 42.32
CA ILE B 874 21.41 -8.58 42.74
C ILE B 874 22.23 -7.96 41.63
N GLY B 875 22.53 -6.67 41.77
CA GLY B 875 23.28 -5.95 40.77
C GLY B 875 24.68 -5.57 41.21
N LYS B 876 25.36 -4.79 40.40
CA LYS B 876 26.74 -4.38 40.68
C LYS B 876 26.83 -3.59 41.99
N ASP B 877 25.73 -2.95 42.36
CA ASP B 877 25.70 -2.09 43.54
C ASP B 877 25.17 -2.82 44.77
N THR B 878 24.88 -4.10 44.61
CA THR B 878 24.36 -4.89 45.72
C THR B 878 25.49 -5.41 46.60
N TRP B 879 25.36 -5.20 47.91
CA TRP B 879 26.34 -5.66 48.88
C TRP B 879 25.92 -7.01 49.45
N VAL B 880 26.74 -8.03 49.21
CA VAL B 880 26.44 -9.37 49.70
C VAL B 880 27.60 -9.93 50.51
N GLU B 881 27.51 -9.79 51.83
CA GLU B 881 28.57 -10.25 52.72
C GLU B 881 28.10 -11.43 53.57
N HIS B 882 28.91 -12.49 53.59
CA HIS B 882 28.60 -13.67 54.38
C HIS B 882 28.65 -13.37 55.88
N TRP B 883 27.58 -13.72 56.58
CA TRP B 883 27.49 -13.50 58.01
C TRP B 883 27.81 -14.79 58.77
N PRO B 884 28.97 -14.84 59.43
CA PRO B 884 29.43 -16.02 60.15
C PRO B 884 28.43 -16.49 61.20
N GLU B 885 28.26 -17.82 61.31
CA GLU B 885 27.37 -18.39 62.31
C GLU B 885 27.98 -18.24 63.71
N GLU B 886 27.16 -18.44 64.73
CA GLU B 886 27.62 -18.35 66.11
C GLU B 886 28.78 -19.32 66.37
N ASP B 887 28.78 -20.43 65.63
CA ASP B 887 29.82 -21.44 65.78
C ASP B 887 31.18 -20.86 65.43
N GLU B 888 31.26 -20.18 64.29
CA GLU B 888 32.49 -19.63 63.78
C GLU B 888 32.89 -18.35 64.52
N CYS B 889 31.90 -17.63 65.01
CA CYS B 889 32.15 -16.37 65.70
C CYS B 889 32.98 -16.57 66.97
N GLN B 890 32.90 -17.77 67.53
CA GLN B 890 33.65 -18.08 68.74
C GLN B 890 35.14 -18.23 68.44
N ASP B 891 35.47 -18.52 67.19
CA ASP B 891 36.86 -18.60 66.76
C ASP B 891 37.49 -17.21 66.75
N GLU B 892 38.72 -17.13 67.23
CA GLU B 892 39.41 -15.84 67.38
C GLU B 892 39.67 -15.17 66.04
N GLU B 893 39.82 -15.98 64.98
CA GLU B 893 40.08 -15.44 63.66
C GLU B 893 38.85 -14.76 63.06
N ASN B 894 37.67 -15.23 63.45
CA ASN B 894 36.42 -14.67 62.96
C ASN B 894 35.87 -13.56 63.87
N GLN B 895 36.52 -13.38 65.01
CA GLN B 895 36.07 -12.40 65.99
C GLN B 895 35.94 -11.00 65.41
N LYS B 896 36.93 -10.59 64.63
CA LYS B 896 36.96 -9.24 64.06
C LYS B 896 35.73 -8.94 63.20
N GLN B 897 35.36 -9.87 62.33
CA GLN B 897 34.22 -9.67 61.44
C GLN B 897 32.89 -9.78 62.19
N CYS B 898 32.79 -10.78 63.08
CA CYS B 898 31.56 -10.99 63.85
C CYS B 898 31.25 -9.79 64.73
N GLN B 899 32.29 -9.20 65.31
CA GLN B 899 32.12 -8.04 66.18
C GLN B 899 31.81 -6.78 65.38
N ASP B 900 32.44 -6.64 64.22
CA ASP B 900 32.20 -5.49 63.35
C ASP B 900 30.75 -5.49 62.84
N LEU B 901 30.27 -6.65 62.44
CA LEU B 901 28.90 -6.79 61.97
C LEU B 901 27.91 -6.49 63.10
N GLY B 902 28.27 -6.89 64.31
CA GLY B 902 27.42 -6.66 65.47
C GLY B 902 27.34 -5.20 65.84
N ALA B 903 28.48 -4.51 65.83
CA ALA B 903 28.53 -3.09 66.13
C ALA B 903 27.90 -2.28 65.00
N PHE B 904 28.02 -2.79 63.77
CA PHE B 904 27.42 -2.14 62.62
C PHE B 904 25.90 -2.16 62.72
N THR B 905 25.35 -3.29 63.17
CA THR B 905 23.92 -3.45 63.31
C THR B 905 23.38 -2.57 64.43
N GLU B 906 24.12 -2.49 65.54
CA GLU B 906 23.72 -1.67 66.67
C GLU B 906 23.67 -0.20 66.32
N SER B 907 24.67 0.27 65.58
CA SER B 907 24.76 1.68 65.20
C SER B 907 23.66 2.08 64.23
N MET B 908 23.21 1.11 63.42
CA MET B 908 22.16 1.37 62.44
C MET B 908 20.77 1.28 63.05
N VAL B 909 20.59 0.32 63.95
CA VAL B 909 19.29 0.12 64.59
C VAL B 909 19.00 1.18 65.65
N VAL B 910 20.01 1.53 66.43
CA VAL B 910 19.86 2.49 67.52
C VAL B 910 20.00 3.94 67.06
N PHE B 911 21.04 4.22 66.28
CA PHE B 911 21.30 5.58 65.84
C PHE B 911 20.89 5.83 64.40
N GLY B 912 20.95 4.79 63.57
CA GLY B 912 20.61 4.93 62.16
C GLY B 912 21.62 5.78 61.42
N CYS B 913 21.13 6.59 60.48
CA CYS B 913 21.99 7.48 59.69
C CYS B 913 21.94 8.92 60.21
N PRO B 914 23.06 9.65 60.03
CA PRO B 914 23.24 11.01 60.54
C PRO B 914 22.14 11.98 60.13
N ASN B 915 21.91 12.12 58.82
CA ASN B 915 21.01 13.11 58.22
C ASN B 915 21.73 14.30 57.58
N CYS C 8 76.46 18.47 12.73
CA CYS C 8 76.10 19.77 12.17
C CYS C 8 76.28 20.88 13.20
N ASN C 9 76.07 22.12 12.77
CA ASN C 9 76.21 23.26 13.66
C ASN C 9 74.94 24.10 13.74
N GLU C 10 73.83 23.46 14.10
CA GLU C 10 72.55 24.15 14.23
C GLU C 10 71.48 23.18 14.74
N LEU C 11 70.23 23.65 14.75
CA LEU C 11 69.11 22.82 15.18
C LEU C 11 68.22 22.45 13.99
N PRO C 12 67.75 21.20 13.95
CA PRO C 12 66.89 20.68 12.89
C PRO C 12 65.77 21.66 12.51
N PRO C 13 65.59 21.90 11.21
CA PRO C 13 64.63 22.88 10.67
C PRO C 13 63.18 22.56 11.04
N ARG C 14 62.40 23.62 11.27
CA ARG C 14 60.98 23.49 11.59
C ARG C 14 60.16 23.26 10.31
N ARG C 15 59.74 22.02 10.11
CA ARG C 15 58.95 21.68 8.93
C ARG C 15 57.56 22.32 9.00
N ASN C 16 56.92 22.45 7.84
CA ASN C 16 55.62 23.11 7.76
C ASN C 16 54.49 22.27 8.34
N THR C 17 54.64 20.96 8.28
CA THR C 17 53.60 20.05 8.77
C THR C 17 54.12 19.06 9.81
N GLU C 18 55.38 19.21 10.19
CA GLU C 18 55.97 18.35 11.21
C GLU C 18 56.41 19.16 12.44
N ILE C 19 56.71 18.44 13.51
CA ILE C 19 57.14 19.08 14.76
C ILE C 19 58.28 18.28 15.40
N LEU C 20 59.08 18.96 16.20
CA LEU C 20 60.21 18.34 16.89
C LEU C 20 59.80 17.76 18.23
N THR C 21 60.49 16.70 18.64
CA THR C 21 60.20 16.05 19.92
C THR C 21 61.29 16.31 20.96
N GLY C 22 62.51 16.52 20.48
CA GLY C 22 63.64 16.76 21.36
C GLY C 22 63.64 18.16 21.96
N SER C 23 64.37 18.33 23.05
CA SER C 23 64.46 19.61 23.72
C SER C 23 65.37 20.57 22.96
N TRP C 24 66.47 20.05 22.44
CA TRP C 24 67.38 20.81 21.59
C TRP C 24 68.05 21.96 22.35
N SER C 25 68.76 21.63 23.42
CA SER C 25 69.48 22.63 24.21
C SER C 25 70.93 22.73 23.75
N ASP C 26 71.45 21.65 23.17
CA ASP C 26 72.82 21.61 22.70
C ASP C 26 72.99 22.47 21.45
N GLN C 27 74.22 22.86 21.16
CA GLN C 27 74.52 23.67 19.98
C GLN C 27 74.90 22.82 18.78
N THR C 28 76.03 22.12 18.89
CA THR C 28 76.50 21.25 17.82
C THR C 28 76.19 19.79 18.14
N TYR C 29 75.67 19.08 17.15
CA TYR C 29 75.27 17.69 17.33
C TYR C 29 76.14 16.72 16.53
N PRO C 30 76.53 15.59 17.16
CA PRO C 30 77.39 14.56 16.58
C PRO C 30 76.85 14.00 15.26
N GLU C 31 77.66 13.19 14.60
CA GLU C 31 77.29 12.64 13.29
C GLU C 31 76.43 11.39 13.47
N GLY C 32 75.40 11.26 12.65
CA GLY C 32 74.50 10.11 12.71
C GLY C 32 73.35 10.31 13.68
N THR C 33 73.27 11.50 14.26
CA THR C 33 72.21 11.81 15.22
C THR C 33 70.86 11.89 14.53
N GLN C 34 69.90 11.14 15.03
CA GLN C 34 68.57 11.09 14.45
C GLN C 34 67.66 12.12 15.12
N ALA C 35 67.09 13.01 14.31
CA ALA C 35 66.16 14.00 14.81
C ALA C 35 64.72 13.55 14.50
N ILE C 36 64.08 12.96 15.50
CA ILE C 36 62.73 12.43 15.33
C ILE C 36 61.70 13.53 15.18
N TYR C 37 60.95 13.49 14.09
CA TYR C 37 59.88 14.46 13.85
C TYR C 37 58.51 13.82 14.03
N LYS C 38 57.75 14.34 14.98
CA LYS C 38 56.42 13.83 15.26
C LYS C 38 55.42 14.35 14.22
N CYS C 39 54.32 13.63 14.05
CA CYS C 39 53.30 14.01 13.08
C CYS C 39 52.27 14.94 13.72
N ARG C 40 52.17 16.16 13.20
CA ARG C 40 51.27 17.17 13.74
C ARG C 40 49.81 16.72 13.73
N PRO C 41 49.01 17.25 14.67
CA PRO C 41 47.58 16.92 14.80
C PRO C 41 46.84 17.08 13.49
N GLY C 42 46.02 16.09 13.15
CA GLY C 42 45.28 16.10 11.90
C GLY C 42 46.07 15.49 10.76
N TYR C 43 47.12 14.75 11.10
CA TYR C 43 47.95 14.08 10.10
C TYR C 43 48.29 12.66 10.52
N ARG C 44 48.56 11.81 9.53
CA ARG C 44 48.86 10.40 9.78
C ARG C 44 50.10 9.94 9.04
N SER C 45 50.65 8.81 9.47
CA SER C 45 51.81 8.21 8.84
C SER C 45 52.06 6.82 9.38
N LEU C 46 52.99 6.09 8.79
CA LEU C 46 53.34 4.76 9.27
C LEU C 46 54.14 4.87 10.57
N GLY C 47 54.94 5.92 10.66
CA GLY C 47 55.77 6.16 11.84
C GLY C 47 56.39 7.54 11.82
N ASN C 48 57.27 7.79 12.78
CA ASN C 48 57.94 9.08 12.88
C ASN C 48 58.87 9.36 11.71
N ILE C 49 58.61 10.47 11.00
CA ILE C 49 59.50 10.92 9.94
C ILE C 49 60.81 11.37 10.56
N ILE C 50 61.81 10.48 10.51
CA ILE C 50 63.06 10.72 11.21
C ILE C 50 64.14 11.35 10.33
N MET C 51 64.66 12.49 10.78
CA MET C 51 65.78 13.16 10.12
C MET C 51 67.09 12.71 10.75
N VAL C 52 68.19 12.93 10.04
CA VAL C 52 69.50 12.57 10.53
C VAL C 52 70.55 13.57 10.07
N CYS C 53 71.58 13.79 10.88
CA CYS C 53 72.63 14.73 10.54
C CYS C 53 73.85 14.03 9.94
N ARG C 54 74.11 14.34 8.67
CA ARG C 54 75.29 13.83 7.99
C ARG C 54 75.69 14.71 6.81
N LYS C 55 76.99 14.89 6.63
CA LYS C 55 77.52 15.69 5.52
C LYS C 55 77.06 17.15 5.58
N GLY C 56 77.20 17.76 6.76
CA GLY C 56 76.88 19.17 6.95
C GLY C 56 75.45 19.54 6.58
N GLU C 57 74.50 18.69 7.00
CA GLU C 57 73.09 18.94 6.73
C GLU C 57 72.20 17.88 7.38
N TRP C 58 70.95 18.24 7.61
CA TRP C 58 69.97 17.30 8.15
C TRP C 58 69.21 16.62 7.04
N VAL C 59 69.67 15.42 6.65
CA VAL C 59 69.02 14.66 5.59
C VAL C 59 67.83 13.88 6.13
N ALA C 60 67.07 13.27 5.22
CA ALA C 60 65.89 12.50 5.61
C ALA C 60 66.17 11.01 5.63
N LEU C 61 66.26 10.44 6.82
CA LEU C 61 66.44 8.99 6.97
C LEU C 61 65.24 8.27 6.37
N ASN C 62 64.09 8.91 6.42
CA ASN C 62 62.86 8.35 5.87
C ASN C 62 62.30 9.18 4.73
N PRO C 63 62.89 9.03 3.53
CA PRO C 63 62.45 9.76 2.34
C PRO C 63 61.03 9.36 1.91
N LEU C 64 60.76 8.06 1.91
CA LEU C 64 59.46 7.55 1.51
C LEU C 64 58.38 7.90 2.52
N ARG C 65 58.69 7.73 3.81
CA ARG C 65 57.73 8.01 4.86
C ARG C 65 57.34 9.48 4.88
N LYS C 66 56.04 9.75 4.82
CA LYS C 66 55.52 11.11 4.77
C LYS C 66 54.18 11.22 5.50
N CYS C 67 53.90 12.41 6.02
CA CYS C 67 52.65 12.65 6.74
C CYS C 67 51.57 13.22 5.83
N GLN C 68 50.43 12.53 5.77
CA GLN C 68 49.29 12.98 4.98
C GLN C 68 48.14 13.40 5.88
N LYS C 69 47.22 14.20 5.34
CA LYS C 69 46.08 14.68 6.11
C LYS C 69 45.27 13.52 6.68
N ARG C 70 44.98 13.59 7.97
CA ARG C 70 44.25 12.52 8.64
C ARG C 70 42.84 12.38 8.08
N PRO C 71 42.48 11.16 7.66
CA PRO C 71 41.17 10.86 7.06
C PRO C 71 40.06 10.79 8.11
N CYS C 72 39.03 11.60 7.95
CA CYS C 72 37.86 11.52 8.82
C CYS C 72 36.78 10.68 8.14
N GLY C 73 36.07 9.88 8.94
CA GLY C 73 35.02 9.04 8.40
C GLY C 73 33.96 9.84 7.68
N HIS C 74 32.92 9.15 7.22
CA HIS C 74 31.81 9.82 6.55
C HIS C 74 31.08 10.72 7.54
N PRO C 75 30.84 11.98 7.15
CA PRO C 75 30.17 12.97 7.99
C PRO C 75 28.82 12.49 8.49
N GLY C 76 28.19 11.60 7.73
CA GLY C 76 26.89 11.05 8.09
C GLY C 76 25.75 11.80 7.42
N ASP C 77 24.72 11.06 7.02
CA ASP C 77 23.55 11.66 6.40
C ASP C 77 22.40 11.80 7.39
N THR C 78 21.69 12.92 7.32
CA THR C 78 20.55 13.16 8.19
C THR C 78 19.25 12.97 7.41
N PRO C 79 18.25 12.36 8.05
CA PRO C 79 16.93 12.13 7.44
C PRO C 79 16.36 13.42 6.85
N PHE C 80 15.89 13.34 5.61
CA PHE C 80 15.27 14.48 4.93
C PHE C 80 16.26 15.62 4.74
N GLY C 81 17.52 15.29 4.47
CA GLY C 81 18.54 16.29 4.26
C GLY C 81 19.72 15.79 3.44
N THR C 82 20.42 16.71 2.79
CA THR C 82 21.60 16.39 2.00
C THR C 82 22.74 17.31 2.40
N PHE C 83 23.97 16.95 2.02
CA PHE C 83 25.13 17.77 2.36
C PHE C 83 26.10 17.92 1.19
N THR C 84 26.89 18.99 1.24
CA THR C 84 27.93 19.25 0.25
C THR C 84 29.25 19.49 0.97
N LEU C 85 30.36 19.27 0.28
CA LEU C 85 31.68 19.42 0.89
C LEU C 85 32.32 20.76 0.52
N THR C 86 32.96 21.39 1.49
CA THR C 86 33.57 22.69 1.28
C THR C 86 35.09 22.64 1.49
N GLY C 87 35.83 23.26 0.58
CA GLY C 87 37.28 23.30 0.68
C GLY C 87 37.95 21.99 0.33
N GLY C 88 37.44 21.33 -0.70
CA GLY C 88 37.98 20.06 -1.15
C GLY C 88 36.91 19.07 -1.56
N ASN C 89 37.34 17.89 -1.98
CA ASN C 89 36.43 16.84 -2.42
C ASN C 89 36.67 15.51 -1.70
N VAL C 90 37.44 15.58 -0.61
CA VAL C 90 37.76 14.40 0.19
C VAL C 90 37.53 14.66 1.67
N PHE C 91 37.14 13.63 2.42
CA PHE C 91 36.92 13.77 3.85
C PHE C 91 38.24 13.77 4.63
N GLU C 92 38.99 14.87 4.49
CA GLU C 92 40.27 15.01 5.17
C GLU C 92 40.25 16.18 6.14
N TYR C 93 41.28 16.29 6.96
CA TYR C 93 41.38 17.39 7.92
C TYR C 93 41.42 18.73 7.19
N GLY C 94 40.44 19.58 7.48
CA GLY C 94 40.38 20.91 6.88
C GLY C 94 39.18 21.13 6.00
N VAL C 95 38.32 20.12 5.86
CA VAL C 95 37.14 20.25 5.03
C VAL C 95 35.88 20.44 5.88
N LYS C 96 34.86 21.07 5.30
CA LYS C 96 33.62 21.34 6.01
C LYS C 96 32.44 20.73 5.27
N ALA C 97 31.53 20.10 6.02
CA ALA C 97 30.35 19.50 5.42
C ALA C 97 29.12 20.34 5.71
N VAL C 98 28.65 21.05 4.68
CA VAL C 98 27.48 21.92 4.82
C VAL C 98 26.19 21.16 4.52
N TYR C 99 25.24 21.24 5.44
CA TYR C 99 23.98 20.52 5.31
C TYR C 99 22.84 21.43 4.85
N THR C 100 21.88 20.84 4.15
CA THR C 100 20.71 21.56 3.67
C THR C 100 19.48 20.66 3.73
N CYS C 101 18.40 21.18 4.29
CA CYS C 101 17.16 20.42 4.42
C CYS C 101 16.37 20.39 3.12
N ASN C 102 15.59 19.33 2.93
CA ASN C 102 14.75 19.18 1.75
C ASN C 102 13.55 20.10 1.79
N GLU C 103 12.85 20.21 0.66
CA GLU C 103 11.66 21.05 0.58
C GLU C 103 10.61 20.58 1.59
N GLY C 104 10.03 21.55 2.31
CA GLY C 104 9.05 21.25 3.32
C GLY C 104 9.68 20.88 4.64
N TYR C 105 11.01 20.96 4.71
CA TYR C 105 11.73 20.66 5.94
C TYR C 105 12.58 21.84 6.39
N GLN C 106 12.53 22.16 7.68
CA GLN C 106 13.26 23.28 8.23
C GLN C 106 14.40 22.81 9.13
N LEU C 107 15.50 23.54 9.13
CA LEU C 107 16.68 23.15 9.90
C LEU C 107 16.52 23.47 11.39
N LEU C 108 16.66 22.44 12.21
CA LEU C 108 16.63 22.62 13.67
C LEU C 108 17.98 23.11 14.15
N GLY C 109 18.00 24.33 14.70
CA GLY C 109 19.25 24.96 15.10
C GLY C 109 19.74 25.88 13.99
N GLU C 110 20.91 26.48 14.19
CA GLU C 110 21.46 27.39 13.20
C GLU C 110 22.82 26.92 12.71
N ILE C 111 23.38 25.92 13.39
CA ILE C 111 24.63 25.31 12.97
C ILE C 111 24.35 24.20 11.96
N ASN C 112 24.62 24.48 10.69
CA ASN C 112 24.30 23.54 9.62
C ASN C 112 25.53 22.85 9.01
N TYR C 113 26.68 22.97 9.69
CA TYR C 113 27.91 22.42 9.14
C TYR C 113 28.61 21.45 10.09
N ARG C 114 29.47 20.62 9.52
CA ARG C 114 30.35 19.74 10.28
C ARG C 114 31.78 19.88 9.77
N GLU C 115 32.66 20.44 10.59
CA GLU C 115 34.04 20.68 10.18
C GLU C 115 34.97 19.56 10.63
N CYS C 116 35.62 18.91 9.68
CA CYS C 116 36.56 17.84 9.97
C CYS C 116 37.81 18.39 10.66
N ASP C 117 37.95 18.06 11.94
CA ASP C 117 39.07 18.55 12.74
C ASP C 117 40.06 17.44 13.08
N THR C 118 41.09 17.78 13.83
CA THR C 118 42.17 16.85 14.15
C THR C 118 41.68 15.55 14.77
N ASP C 119 40.66 15.64 15.61
CA ASP C 119 40.13 14.46 16.30
C ASP C 119 39.01 13.80 15.50
N GLY C 120 38.16 14.63 14.88
CA GLY C 120 37.04 14.13 14.10
C GLY C 120 36.15 15.25 13.64
N TRP C 121 34.96 14.89 13.16
CA TRP C 121 33.99 15.89 12.70
C TRP C 121 33.49 16.74 13.86
N THR C 122 33.42 18.06 13.62
CA THR C 122 32.98 19.00 14.65
C THR C 122 31.46 19.01 14.77
N ASN C 123 30.96 19.20 15.99
CA ASN C 123 29.52 19.27 16.23
C ASN C 123 28.83 17.94 15.99
N ASP C 124 27.50 18.00 15.86
CA ASP C 124 26.71 16.82 15.56
C ASP C 124 25.98 16.96 14.22
N ILE C 125 25.48 15.85 13.71
CA ILE C 125 24.76 15.85 12.43
C ILE C 125 23.51 16.72 12.54
N PRO C 126 23.45 17.79 11.72
CA PRO C 126 22.30 18.71 11.72
C PRO C 126 20.98 17.96 11.55
N ILE C 127 19.95 18.41 12.26
CA ILE C 127 18.65 17.75 12.20
C ILE C 127 17.63 18.56 11.41
N CYS C 128 16.88 17.89 10.56
CA CYS C 128 15.82 18.53 9.77
C CYS C 128 14.46 18.09 10.24
N GLU C 129 13.56 19.06 10.45
CA GLU C 129 12.21 18.78 10.89
C GLU C 129 11.20 19.36 9.91
N VAL C 130 10.18 18.58 9.58
CA VAL C 130 9.15 19.01 8.63
C VAL C 130 8.42 20.25 9.15
N VAL C 131 8.24 21.24 8.27
CA VAL C 131 7.53 22.46 8.63
C VAL C 131 6.10 22.12 9.05
N LYS C 132 5.53 22.95 9.92
CA LYS C 132 4.21 22.67 10.47
C LYS C 132 3.28 23.88 10.40
N CYS C 133 1.98 23.60 10.34
CA CYS C 133 0.98 24.66 10.26
C CYS C 133 0.10 24.65 11.51
N LEU C 134 -0.39 25.83 11.90
CA LEU C 134 -1.25 25.95 13.07
C LEU C 134 -2.47 25.04 12.96
N PRO C 135 -2.84 24.38 14.06
CA PRO C 135 -4.00 23.49 14.11
C PRO C 135 -5.27 24.20 13.66
N VAL C 136 -6.20 23.47 13.08
CA VAL C 136 -7.45 24.04 12.60
C VAL C 136 -8.66 23.48 13.33
N THR C 137 -9.55 24.37 13.74
CA THR C 137 -10.77 23.97 14.44
C THR C 137 -11.93 23.85 13.45
N ALA C 138 -12.96 23.13 13.86
CA ALA C 138 -14.14 22.93 13.02
C ALA C 138 -14.95 24.22 12.94
N PRO C 139 -15.29 24.65 11.71
CA PRO C 139 -16.10 25.84 11.48
C PRO C 139 -17.49 25.68 12.11
N GLU C 140 -18.07 26.78 12.57
CA GLU C 140 -19.39 26.76 13.16
C GLU C 140 -20.39 26.21 12.14
N ASN C 141 -21.25 25.30 12.59
CA ASN C 141 -22.23 24.66 11.71
C ASN C 141 -21.57 23.87 10.59
N GLY C 142 -20.32 23.46 10.82
CA GLY C 142 -19.58 22.69 9.85
C GLY C 142 -18.61 21.72 10.51
N LYS C 143 -18.04 20.82 9.72
CA LYS C 143 -17.11 19.83 10.24
C LYS C 143 -15.94 19.60 9.28
N ILE C 144 -14.90 18.92 9.76
CA ILE C 144 -13.74 18.60 8.95
C ILE C 144 -13.74 17.12 8.57
N VAL C 145 -14.24 16.82 7.39
CA VAL C 145 -14.34 15.43 6.93
C VAL C 145 -12.96 14.80 6.80
N SER C 146 -12.01 15.54 6.24
CA SER C 146 -10.66 15.05 6.05
C SER C 146 -9.85 15.15 7.34
N SER C 147 -8.53 15.11 7.18
CA SER C 147 -7.59 15.20 8.30
C SER C 147 -7.34 13.85 8.97
N ALA C 148 -6.14 13.68 9.52
CA ALA C 148 -5.78 12.46 10.24
C ALA C 148 -6.23 12.51 11.69
N MET C 149 -7.52 12.75 11.90
CA MET C 149 -8.09 12.77 13.24
C MET C 149 -7.39 13.78 14.14
N GLU C 150 -7.50 13.57 15.46
CA GLU C 150 -6.85 14.43 16.44
C GLU C 150 -7.31 15.88 16.37
N PRO C 151 -8.13 16.31 17.35
CA PRO C 151 -8.62 17.69 17.45
C PRO C 151 -7.48 18.67 17.73
N ASP C 152 -7.30 19.64 16.83
CA ASP C 152 -6.25 20.64 16.98
C ASP C 152 -4.87 20.06 17.20
N ARG C 153 -4.42 19.23 16.26
CA ARG C 153 -3.05 18.74 16.28
C ARG C 153 -2.28 19.38 15.13
N GLU C 154 -1.17 20.03 15.46
CA GLU C 154 -0.39 20.77 14.48
C GLU C 154 -0.04 19.91 13.26
N TYR C 155 -0.54 20.32 12.10
CA TYR C 155 -0.28 19.60 10.85
C TYR C 155 1.11 19.89 10.31
N HIS C 156 1.55 19.10 9.35
CA HIS C 156 2.85 19.29 8.73
C HIS C 156 2.77 19.33 7.21
N PHE C 157 3.85 19.77 6.58
CA PHE C 157 3.91 19.96 5.13
C PHE C 157 3.30 18.79 4.36
N GLY C 158 2.33 19.10 3.50
CA GLY C 158 1.71 18.09 2.66
C GLY C 158 0.26 17.80 2.98
N GLN C 159 -0.04 17.67 4.27
CA GLN C 159 -1.39 17.32 4.71
C GLN C 159 -2.44 18.28 4.16
N ALA C 160 -3.56 17.72 3.70
CA ALA C 160 -4.66 18.52 3.15
C ALA C 160 -5.89 18.46 4.05
N VAL C 161 -6.70 19.50 4.00
CA VAL C 161 -7.91 19.59 4.81
C VAL C 161 -9.12 20.01 3.97
N ARG C 162 -10.24 19.34 4.19
CA ARG C 162 -11.48 19.67 3.50
C ARG C 162 -12.54 20.07 4.52
N PHE C 163 -13.50 20.89 4.09
CA PHE C 163 -14.56 21.35 4.98
C PHE C 163 -15.94 21.06 4.42
N VAL C 164 -16.83 20.62 5.29
CA VAL C 164 -18.21 20.31 4.91
C VAL C 164 -19.18 20.90 5.93
N CYS C 165 -20.16 21.65 5.43
CA CYS C 165 -21.17 22.25 6.29
C CYS C 165 -22.33 21.31 6.58
N ASN C 166 -23.01 21.54 7.69
CA ASN C 166 -24.14 20.71 8.09
C ASN C 166 -25.38 21.00 7.24
N SER C 167 -26.41 20.18 7.41
CA SER C 167 -27.64 20.33 6.64
C SER C 167 -28.25 21.72 6.83
N GLY C 168 -28.60 22.35 5.71
CA GLY C 168 -29.18 23.68 5.74
C GLY C 168 -28.13 24.77 5.69
N TYR C 169 -26.87 24.36 5.51
CA TYR C 169 -25.76 25.31 5.44
C TYR C 169 -24.89 25.06 4.22
N LYS C 170 -24.36 26.13 3.65
CA LYS C 170 -23.44 26.03 2.53
C LYS C 170 -22.13 26.74 2.85
N ILE C 171 -21.01 26.18 2.39
CA ILE C 171 -19.70 26.76 2.67
C ILE C 171 -19.52 28.09 1.97
N GLU C 172 -18.70 28.96 2.56
CA GLU C 172 -18.36 30.24 1.95
C GLU C 172 -16.85 30.41 1.96
N GLY C 173 -16.24 30.24 0.78
CA GLY C 173 -14.81 30.31 0.65
C GLY C 173 -14.27 29.04 0.00
N ASP C 174 -12.98 28.82 0.10
CA ASP C 174 -12.35 27.64 -0.48
C ASP C 174 -12.74 26.37 0.27
N GLU C 175 -12.94 25.30 -0.48
CA GLU C 175 -13.41 24.04 0.09
C GLU C 175 -12.24 23.22 0.66
N GLU C 176 -11.11 23.27 -0.03
CA GLU C 176 -9.93 22.54 0.41
C GLU C 176 -8.71 23.44 0.63
N MET C 177 -7.77 22.94 1.43
CA MET C 177 -6.51 23.63 1.68
C MET C 177 -5.48 22.63 2.16
N HIS C 178 -4.21 23.02 2.12
CA HIS C 178 -3.15 22.12 2.56
C HIS C 178 -1.97 22.90 3.15
N CYS C 179 -1.23 22.25 4.05
CA CYS C 179 -0.07 22.87 4.68
C CYS C 179 0.98 23.21 3.63
N SER C 180 1.22 24.51 3.43
CA SER C 180 2.15 24.96 2.40
C SER C 180 3.60 24.87 2.87
N ASP C 181 4.52 25.36 2.04
CA ASP C 181 5.95 25.21 2.27
C ASP C 181 6.45 26.01 3.47
N ASP C 182 5.86 27.18 3.71
CA ASP C 182 6.33 28.06 4.77
C ASP C 182 5.59 27.82 6.09
N GLY C 183 4.75 26.80 6.11
CA GLY C 183 4.02 26.46 7.33
C GLY C 183 2.68 27.15 7.43
N PHE C 184 2.27 27.80 6.35
CA PHE C 184 0.96 28.46 6.32
C PHE C 184 0.02 27.68 5.40
N TRP C 185 -1.27 27.72 5.73
CA TRP C 185 -2.27 27.01 4.92
C TRP C 185 -2.43 27.66 3.55
N SER C 186 -2.60 26.84 2.52
CA SER C 186 -2.69 27.33 1.15
C SER C 186 -3.90 28.24 0.94
N LYS C 187 -4.98 27.96 1.66
CA LYS C 187 -6.20 28.74 1.54
C LYS C 187 -6.74 29.19 2.90
N GLU C 188 -7.63 30.16 2.89
CA GLU C 188 -8.25 30.66 4.11
C GLU C 188 -9.36 29.74 4.60
N LYS C 189 -9.54 29.66 5.92
CA LYS C 189 -10.59 28.84 6.51
C LYS C 189 -11.96 29.37 6.11
N PRO C 190 -12.85 28.47 5.66
CA PRO C 190 -14.18 28.85 5.18
C PRO C 190 -15.20 29.00 6.30
N LYS C 191 -16.36 29.55 5.97
CA LYS C 191 -17.44 29.73 6.93
C LYS C 191 -18.66 28.95 6.46
N CYS C 192 -19.53 28.57 7.40
CA CYS C 192 -20.75 27.86 7.05
C CYS C 192 -21.98 28.75 7.23
N VAL C 193 -22.48 29.28 6.12
CA VAL C 193 -23.60 30.21 6.15
C VAL C 193 -24.90 29.53 5.72
N GLU C 194 -26.00 29.90 6.37
CA GLU C 194 -27.31 29.34 6.06
C GLU C 194 -27.62 29.44 4.57
N ILE C 195 -28.14 28.37 4.00
CA ILE C 195 -28.43 28.31 2.57
C ILE C 195 -29.45 29.36 2.15
N SER C 196 -29.10 30.13 1.12
CA SER C 196 -29.98 31.15 0.57
C SER C 196 -29.72 31.32 -0.92
N CYS C 197 -30.71 31.84 -1.63
CA CYS C 197 -30.60 32.01 -3.08
C CYS C 197 -31.22 33.31 -3.55
N LYS C 198 -30.51 34.02 -4.42
CA LYS C 198 -31.03 35.23 -5.05
C LYS C 198 -31.97 34.85 -6.19
N SER C 199 -32.88 35.76 -6.54
CA SER C 199 -33.81 35.50 -7.62
C SER C 199 -33.07 35.43 -8.95
N PRO C 200 -33.17 34.28 -9.62
CA PRO C 200 -32.45 34.01 -10.87
C PRO C 200 -32.90 34.91 -12.02
N ASP C 201 -31.95 35.36 -12.83
CA ASP C 201 -32.26 36.12 -14.03
C ASP C 201 -32.42 35.16 -15.21
N VAL C 202 -33.67 34.87 -15.56
CA VAL C 202 -33.96 33.95 -16.66
C VAL C 202 -33.91 34.67 -18.01
N ILE C 203 -32.95 34.29 -18.83
CA ILE C 203 -32.79 34.88 -20.15
C ILE C 203 -33.94 34.47 -21.08
N ASN C 204 -34.47 35.45 -21.80
CA ASN C 204 -35.59 35.22 -22.71
C ASN C 204 -36.85 34.77 -21.95
N GLY C 205 -36.90 35.11 -20.68
CA GLY C 205 -38.03 34.76 -19.84
C GLY C 205 -38.20 35.73 -18.69
N SER C 206 -39.27 35.54 -17.91
CA SER C 206 -39.55 36.43 -16.77
C SER C 206 -40.08 35.65 -15.58
N PRO C 207 -39.74 36.09 -14.36
CA PRO C 207 -40.21 35.47 -13.12
C PRO C 207 -41.71 35.70 -12.93
N ILE C 208 -42.42 34.64 -12.53
CA ILE C 208 -43.84 34.76 -12.21
C ILE C 208 -44.01 35.24 -10.78
N SER C 209 -43.16 34.77 -9.90
CA SER C 209 -43.20 35.16 -8.49
C SER C 209 -42.51 36.51 -8.28
N GLN C 210 -42.90 37.20 -7.21
CA GLN C 210 -42.32 38.50 -6.90
C GLN C 210 -41.17 38.38 -5.90
N LYS C 211 -41.17 37.30 -5.13
CA LYS C 211 -40.14 37.08 -4.12
C LYS C 211 -38.75 36.98 -4.75
N ILE C 212 -37.77 37.60 -4.11
CA ILE C 212 -36.39 37.56 -4.60
C ILE C 212 -35.52 36.61 -3.79
N ILE C 213 -35.69 36.63 -2.47
CA ILE C 213 -34.88 35.79 -1.59
C ILE C 213 -35.54 34.43 -1.34
N TYR C 214 -34.76 33.37 -1.48
CA TYR C 214 -35.28 32.01 -1.34
C TYR C 214 -34.46 31.18 -0.37
N LYS C 215 -35.15 30.38 0.44
CA LYS C 215 -34.49 29.46 1.36
C LYS C 215 -34.30 28.09 0.71
N GLU C 216 -33.67 27.17 1.42
CA GLU C 216 -33.40 25.84 0.89
C GLU C 216 -34.67 25.11 0.52
N ASN C 217 -34.64 24.44 -0.64
CA ASN C 217 -35.77 23.63 -1.10
C ASN C 217 -36.98 24.44 -1.57
N GLU C 218 -36.82 25.76 -1.61
CA GLU C 218 -37.89 26.63 -2.12
C GLU C 218 -37.87 26.65 -3.63
N ARG C 219 -39.05 26.67 -4.24
CA ARG C 219 -39.17 26.57 -5.69
C ARG C 219 -39.44 27.91 -6.37
N PHE C 220 -38.72 28.18 -7.44
CA PHE C 220 -38.88 29.42 -8.19
C PHE C 220 -39.63 29.16 -9.50
N GLN C 221 -40.77 29.81 -9.66
CA GLN C 221 -41.58 29.64 -10.86
C GLN C 221 -41.30 30.75 -11.86
N TYR C 222 -41.36 30.41 -13.15
CA TYR C 222 -41.11 31.40 -14.20
C TYR C 222 -41.77 31.00 -15.51
N LYS C 223 -42.04 32.01 -16.34
CA LYS C 223 -42.61 31.80 -17.67
C LYS C 223 -41.62 32.25 -18.72
N CYS C 224 -41.86 31.84 -19.97
CA CYS C 224 -40.94 32.19 -21.06
C CYS C 224 -41.57 33.16 -22.04
N ASN C 225 -40.76 34.13 -22.50
CA ASN C 225 -41.22 35.09 -23.48
C ASN C 225 -41.62 34.41 -24.78
N MET C 226 -42.64 34.94 -25.44
CA MET C 226 -43.12 34.36 -26.70
C MET C 226 -41.99 34.15 -27.69
N GLY C 227 -42.00 32.99 -28.34
CA GLY C 227 -40.96 32.62 -29.26
C GLY C 227 -39.95 31.68 -28.60
N TYR C 228 -40.07 31.53 -27.29
CA TYR C 228 -39.20 30.64 -26.53
C TYR C 228 -40.03 29.70 -25.66
N GLU C 229 -39.41 28.60 -25.24
CA GLU C 229 -40.10 27.61 -24.42
C GLU C 229 -39.13 26.93 -23.46
N TYR C 230 -39.69 26.24 -22.46
CA TYR C 230 -38.88 25.63 -21.40
C TYR C 230 -37.80 24.68 -21.94
N SER C 231 -36.60 24.83 -21.41
CA SER C 231 -35.54 23.85 -21.65
C SER C 231 -35.66 22.77 -20.59
N GLU C 232 -36.31 21.67 -20.97
CA GLU C 232 -36.62 20.59 -20.03
C GLU C 232 -37.64 21.03 -18.99
N ARG C 233 -37.17 21.21 -17.76
CA ARG C 233 -38.06 21.53 -16.63
C ARG C 233 -38.61 22.95 -16.74
N GLY C 234 -39.60 23.25 -15.90
CA GLY C 234 -40.25 24.54 -15.95
C GLY C 234 -40.15 25.34 -14.66
N ASP C 235 -39.22 24.95 -13.79
CA ASP C 235 -39.01 25.66 -12.53
C ASP C 235 -37.65 25.30 -11.93
N ALA C 236 -37.24 26.06 -10.91
CA ALA C 236 -35.95 25.85 -10.27
C ALA C 236 -36.10 25.60 -8.77
N VAL C 237 -35.09 24.96 -8.18
CA VAL C 237 -35.09 24.66 -6.76
C VAL C 237 -33.83 25.16 -6.08
N CYS C 238 -33.98 25.75 -4.89
CA CYS C 238 -32.85 26.27 -4.15
C CYS C 238 -32.06 25.16 -3.46
N THR C 239 -30.77 25.11 -3.72
CA THR C 239 -29.89 24.10 -3.14
C THR C 239 -28.61 24.74 -2.61
N GLU C 240 -27.86 23.99 -1.82
CA GLU C 240 -26.61 24.49 -1.24
C GLU C 240 -25.60 24.89 -2.30
N SER C 241 -25.81 24.42 -3.53
CA SER C 241 -24.90 24.70 -4.63
C SER C 241 -25.48 25.75 -5.57
N GLY C 242 -26.74 26.11 -5.34
CA GLY C 242 -27.42 27.08 -6.18
C GLY C 242 -28.75 26.56 -6.70
N TRP C 243 -29.21 27.13 -7.80
CA TRP C 243 -30.48 26.73 -8.40
C TRP C 243 -30.34 25.48 -9.24
N ARG C 244 -30.97 24.40 -8.80
CA ARG C 244 -30.95 23.13 -9.52
C ARG C 244 -32.37 22.65 -9.84
N PRO C 245 -32.73 22.65 -11.13
CA PRO C 245 -31.88 23.10 -12.23
C PRO C 245 -31.90 24.61 -12.40
N LEU C 246 -31.09 25.13 -13.31
CA LEU C 246 -31.08 26.56 -13.61
C LEU C 246 -32.17 26.92 -14.61
N PRO C 247 -32.87 28.04 -14.37
CA PRO C 247 -33.91 28.51 -15.30
C PRO C 247 -33.35 28.68 -16.71
N SER C 248 -34.09 28.20 -17.71
CA SER C 248 -33.63 28.28 -19.09
C SER C 248 -34.79 28.31 -20.08
N CYS C 249 -34.60 29.03 -21.18
CA CYS C 249 -35.62 29.11 -22.22
C CYS C 249 -34.99 29.01 -23.61
N GLU C 250 -35.31 27.94 -24.33
CA GLU C 250 -34.77 27.73 -25.67
C GLU C 250 -35.82 28.05 -26.74
N GLU C 251 -35.34 28.46 -27.90
CA GLU C 251 -36.23 28.82 -29.01
C GLU C 251 -36.97 27.60 -29.55
N ALA C 252 -38.29 27.70 -29.60
CA ALA C 252 -39.14 26.63 -30.12
C ALA C 252 -40.59 27.07 -30.24
C1 NAG D . -10.66 18.08 -32.82
C2 NAG D . -9.48 17.12 -33.00
C3 NAG D . -8.13 17.77 -32.70
C4 NAG D . -8.04 19.19 -33.25
C5 NAG D . -9.29 20.01 -32.91
C6 NAG D . -9.23 21.40 -33.55
C7 NAG D . -9.94 14.76 -32.60
C8 NAG D . -9.94 13.63 -31.61
N2 NAG D . -9.65 15.97 -32.13
O3 NAG D . -7.10 16.99 -33.26
O4 NAG D . -6.86 19.78 -32.72
O5 NAG D . -10.43 19.35 -33.39
O6 NAG D . -10.53 21.91 -33.68
O7 NAG D . -10.21 14.55 -33.78
C1 NAG D . -6.11 20.35 -33.81
C2 NAG D . -5.27 21.51 -33.25
C3 NAG D . -3.75 21.43 -33.51
C4 NAG D . -3.33 20.57 -34.72
C5 NAG D . -4.55 20.07 -35.47
C6 NAG D . -4.15 19.09 -36.57
C7 NAG D . -6.39 23.57 -32.75
C8 NAG D . -7.27 24.68 -33.25
N2 NAG D . -5.82 22.79 -33.65
O3 NAG D . -3.09 20.96 -32.36
O4 NAG D . -2.47 21.30 -35.56
O5 NAG D . -5.34 19.41 -34.51
O6 NAG D . -5.31 18.45 -37.07
O7 NAG D . -6.24 23.42 -31.53
C1 BMA D . -1.20 21.38 -34.90
C2 BMA D . -0.20 20.37 -35.49
C3 BMA D . 0.92 20.95 -36.38
C4 BMA D . 1.45 22.28 -35.83
C5 BMA D . 0.70 22.65 -34.55
C6 BMA D . 1.16 23.97 -33.94
O2 BMA D . -0.90 19.39 -36.21
O3 BMA D . 0.53 21.05 -37.75
O4 BMA D . 2.83 22.15 -35.55
O5 BMA D . -0.66 22.69 -34.88
O6 BMA D . 0.52 24.11 -32.70
C1 BMA D . -0.74 24.80 -32.85
C2 BMA D . -1.00 25.69 -31.65
C3 BMA D . -2.48 25.97 -31.67
C4 BMA D . -2.80 26.71 -32.96
C5 BMA D . -2.17 26.09 -34.22
C6 BMA D . -2.14 27.07 -35.39
O2 BMA D . -0.28 26.89 -31.76
O3 BMA D . -2.84 26.78 -30.57
O4 BMA D . -4.21 26.74 -33.13
O5 BMA D . -0.85 25.63 -33.99
O6 BMA D . -3.38 27.74 -35.56
C1 BMA D . -3.35 29.04 -34.94
C2 BMA D . -2.33 29.98 -35.59
C3 BMA D . -2.08 31.10 -34.60
C4 BMA D . -3.40 31.75 -34.23
C5 BMA D . -4.47 30.72 -33.84
C6 BMA D . -5.81 31.38 -33.59
O2 BMA D . -2.84 30.49 -36.79
O3 BMA D . -1.23 32.07 -35.20
O4 BMA D . -3.20 32.64 -33.15
O5 BMA D . -4.58 29.73 -34.84
O6 BMA D . -6.27 31.97 -34.79
C1 BMA D . -0.40 22.12 -37.99
C2 BMA D . 0.28 23.32 -38.66
C3 BMA D . -0.01 23.38 -40.15
C4 BMA D . -0.11 21.98 -40.73
C5 BMA D . -1.21 21.18 -40.04
C6 BMA D . -0.82 19.71 -39.93
O2 BMA D . 1.68 23.22 -38.51
O3 BMA D . 0.99 24.10 -40.81
O4 BMA D . -0.38 22.06 -42.11
O5 BMA D . -1.51 21.71 -38.76
O6 BMA D . -1.93 18.96 -39.46
CA CA E . 2.82 -1.45 -26.87
C1 GOL F . 1.69 19.66 -11.46
O1 GOL F . 2.63 19.75 -12.51
C2 GOL F . 1.27 21.05 -11.02
O2 GOL F . 2.40 21.75 -10.55
C3 GOL F . 0.23 20.96 -9.91
O3 GOL F . 0.50 21.92 -8.93
C1 GOL G . -21.86 -3.19 -23.47
O1 GOL G . -20.60 -3.48 -22.87
C2 GOL G . -21.64 -2.78 -24.92
O2 GOL G . -21.01 -3.82 -25.63
C3 GOL G . -23.00 -2.48 -25.56
O3 GOL G . -22.88 -1.36 -26.40
C1 GOL H . -15.99 -1.85 -54.81
O1 GOL H . -14.97 -1.15 -55.48
C2 GOL H . -15.88 -3.34 -55.14
O2 GOL H . -14.64 -3.83 -54.70
C3 GOL H . -17.00 -4.10 -54.44
O3 GOL H . -16.44 -4.89 -53.41
C1 GOL I . 44.61 -2.21 14.33
O1 GOL I . 43.71 -1.42 15.07
C2 GOL I . 46.01 -2.05 14.91
O2 GOL I . 46.91 -2.88 14.20
C3 GOL I . 46.45 -0.60 14.78
O3 GOL I . 47.43 -0.50 13.77
C1 GOL J . 25.55 11.50 0.45
O1 GOL J . 26.52 10.48 0.32
C2 GOL J . 25.09 11.94 -0.93
O2 GOL J . 26.19 12.50 -1.64
C3 GOL J . 24.00 12.99 -0.81
O3 GOL J . 23.99 13.50 0.51
C1 GOL K . 29.98 -7.69 49.59
O1 GOL K . 29.69 -6.58 48.76
C2 GOL K . 31.50 -7.90 49.63
O2 GOL K . 32.10 -6.85 50.33
C3 GOL K . 31.81 -9.23 50.31
O3 GOL K . 32.32 -8.98 51.61
C1 GOL L . 14.30 3.87 -21.17
O1 GOL L . 15.02 4.35 -20.07
C2 GOL L . 13.90 2.42 -20.93
O2 GOL L . 13.15 2.33 -19.74
C3 GOL L . 13.06 1.92 -22.09
O3 GOL L . 11.70 1.97 -21.74
C1 GOL M . 10.07 -4.73 23.81
O1 GOL M . 9.80 -3.77 24.82
C2 GOL M . 9.20 -5.96 24.03
O2 GOL M . 9.52 -6.55 25.26
C3 GOL M . 9.45 -6.95 22.90
O3 GOL M . 9.44 -8.26 23.42
C1 GOL N . 17.69 1.03 5.60
O1 GOL N . 18.16 1.55 4.38
C2 GOL N . 18.79 0.19 6.25
O2 GOL N . 19.89 1.02 6.55
C3 GOL N . 18.26 -0.42 7.54
O3 GOL N . 18.67 -1.76 7.63
C1 GOL O . -40.21 14.11 6.32
O1 GOL O . -39.31 14.20 7.40
C2 GOL O . -39.73 13.06 5.34
O2 GOL O . -39.63 11.81 5.98
C3 GOL O . -40.72 12.96 4.19
O3 GOL O . -41.55 11.84 4.38
C1 GOL P . 13.28 14.03 -0.94
O1 GOL P . 14.60 14.38 -0.61
C2 GOL P . 13.24 13.48 -2.35
O2 GOL P . 13.93 12.26 -2.43
C3 GOL P . 11.79 13.28 -2.79
O3 GOL P . 11.45 11.92 -2.65
C1 GOL Q . -43.92 1.67 -24.01
O1 GOL Q . -42.72 1.83 -24.74
C2 GOL Q . -45.03 2.48 -24.68
O2 GOL Q . -45.29 1.96 -25.96
C3 GOL Q . -46.30 2.40 -23.83
O3 GOL Q . -47.20 1.50 -24.42
C1 GOL R . -15.61 12.55 27.44
O1 GOL R . -15.22 13.43 28.48
C2 GOL R . -14.59 11.44 27.30
O2 GOL R . -14.48 10.73 28.51
C3 GOL R . -15.01 10.48 26.19
O3 GOL R . -13.90 10.23 25.34
C1 GOL S . 24.53 -16.36 62.88
O1 GOL S . 23.25 -16.75 62.44
C2 GOL S . 24.39 -15.28 63.96
O2 GOL S . 23.74 -14.16 63.40
C3 GOL S . 25.77 -14.87 64.46
O3 GOL S . 25.81 -13.47 64.63
C1 GOL T . -65.13 11.35 -3.91
O1 GOL T . -65.83 11.30 -2.67
C2 GOL T . -66.13 11.49 -5.05
O2 GOL T . -67.04 10.41 -5.02
C3 GOL T . -65.39 11.51 -6.37
O3 GOL T . -66.06 10.70 -7.31
C1 GOL U . -39.60 -11.28 -3.27
O1 GOL U . -39.88 -10.89 -4.59
C2 GOL U . -40.74 -10.83 -2.35
O2 GOL U . -41.95 -11.41 -2.77
C3 GOL U . -40.43 -11.25 -0.92
O3 GOL U . -40.80 -10.21 -0.03
C1 NAG V . 0.84 -13.52 19.36
C2 NAG V . 1.88 -13.74 18.25
C3 NAG V . 1.40 -14.69 17.17
C4 NAG V . 0.79 -15.94 17.78
C5 NAG V . -0.26 -15.56 18.81
C6 NAG V . -0.85 -16.81 19.46
C7 NAG V . 1.44 -11.43 17.62
C8 NAG V . 1.94 -10.16 18.27
N2 NAG V . 2.25 -12.47 17.66
O3 NAG V . 2.48 -15.04 16.34
O4 NAG V . 0.22 -16.74 16.77
O5 NAG V . 0.29 -14.74 19.81
O6 NAG V . 0.18 -17.51 20.14
O7 NAG V . 0.32 -11.46 17.10
C1 GOL W . -20.35 30.89 11.22
O1 GOL W . -19.52 30.23 10.28
C2 GOL W . -21.80 30.45 10.99
O2 GOL W . -21.90 29.05 11.07
C3 GOL W . -22.70 31.09 12.04
O3 GOL W . -23.95 31.40 11.47
#